data_2YU3
#
_entry.id   2YU3
#
_entity_poly.entity_id   1
_entity_poly.type   'polypeptide(L)'
_entity_poly.pdbx_seq_one_letter_code
;GSSGSSGGQLDLLRSNTGLLYRIKDSQNAGKMKGSDNQEKLVYQIIEDAGNKGIWSRDVRYKSNLPLTEINKILKNLESK
KLIKAVKSVSGPSSG
;
_entity_poly.pdbx_strand_id   A
#
# COMPACT_ATOMS: atom_id res chain seq x y z
N GLY A 1 -6.66 24.17 -38.01
CA GLY A 1 -7.35 23.43 -36.95
C GLY A 1 -6.41 22.92 -35.89
N SER A 2 -5.87 23.83 -35.09
CA SER A 2 -4.94 23.45 -34.03
C SER A 2 -5.66 23.32 -32.69
N SER A 3 -5.29 22.30 -31.92
CA SER A 3 -5.91 22.06 -30.62
C SER A 3 -5.45 23.10 -29.60
N GLY A 4 -4.14 23.13 -29.33
CA GLY A 4 -3.61 24.07 -28.38
C GLY A 4 -4.30 24.00 -27.03
N SER A 5 -4.21 25.09 -26.26
CA SER A 5 -4.83 25.13 -24.94
C SER A 5 -4.40 23.94 -24.09
N SER A 6 -3.24 24.08 -23.45
CA SER A 6 -2.70 23.02 -22.60
C SER A 6 -2.21 23.58 -21.28
N GLY A 7 -2.95 23.30 -20.20
CA GLY A 7 -2.56 23.79 -18.89
C GLY A 7 -3.11 25.17 -18.60
N GLY A 8 -2.69 25.75 -17.48
CA GLY A 8 -3.16 27.07 -17.11
C GLY A 8 -2.53 27.56 -15.82
N GLN A 9 -2.84 26.87 -14.72
CA GLN A 9 -2.30 27.24 -13.41
C GLN A 9 -2.24 26.04 -12.49
N LEU A 10 -1.19 25.98 -11.67
CA LEU A 10 -1.00 24.88 -10.74
C LEU A 10 -0.60 25.39 -9.36
N ASP A 11 -1.37 25.02 -8.34
CA ASP A 11 -1.10 25.44 -6.98
C ASP A 11 -1.15 24.25 -6.03
N LEU A 12 -0.05 23.51 -5.95
CA LEU A 12 0.04 22.35 -5.07
C LEU A 12 0.58 22.72 -3.71
N LEU A 13 0.31 21.89 -2.71
CA LEU A 13 0.78 22.14 -1.36
C LEU A 13 1.59 20.96 -0.82
N ARG A 14 2.57 21.26 0.02
CA ARG A 14 3.42 20.22 0.60
C ARG A 14 2.60 19.21 1.37
N SER A 15 2.65 17.95 0.93
CA SER A 15 1.90 16.88 1.57
C SER A 15 2.67 15.57 1.52
N ASN A 16 2.21 14.58 2.28
CA ASN A 16 2.85 13.27 2.31
C ASN A 16 1.86 12.16 1.96
N THR A 17 2.32 11.18 1.20
CA THR A 17 1.48 10.07 0.79
C THR A 17 1.49 8.96 1.85
N GLY A 18 2.69 8.48 2.18
CA GLY A 18 2.81 7.43 3.17
C GLY A 18 3.77 6.33 2.74
N LEU A 19 3.32 5.09 2.82
CA LEU A 19 4.15 3.95 2.43
C LEU A 19 3.53 3.20 1.25
N LEU A 20 4.37 2.51 0.50
CA LEU A 20 3.93 1.74 -0.66
C LEU A 20 3.81 0.26 -0.32
N TYR A 21 2.90 -0.43 -1.01
CA TYR A 21 2.69 -1.85 -0.79
C TYR A 21 2.57 -2.60 -2.11
N ARG A 22 2.80 -3.90 -2.08
CA ARG A 22 2.72 -4.73 -3.28
C ARG A 22 2.51 -6.20 -2.91
N ILE A 23 1.96 -6.96 -3.85
CA ILE A 23 1.70 -8.38 -3.62
C ILE A 23 2.93 -9.22 -3.95
N LYS A 24 3.02 -10.40 -3.33
CA LYS A 24 4.14 -11.29 -3.56
C LYS A 24 3.75 -12.43 -4.50
N ASP A 25 4.43 -12.52 -5.63
CA ASP A 25 4.15 -13.55 -6.62
C ASP A 25 2.72 -13.47 -7.12
N SER A 26 2.37 -14.32 -8.07
CA SER A 26 1.02 -14.34 -8.64
C SER A 26 0.49 -15.75 -8.73
N GLN A 27 0.97 -16.62 -7.85
CA GLN A 27 0.53 -18.01 -7.83
C GLN A 27 0.36 -18.51 -6.40
N ASN A 28 1.44 -18.47 -5.62
CA ASN A 28 1.40 -18.91 -4.23
C ASN A 28 0.71 -17.88 -3.36
N ALA A 29 -0.61 -17.81 -3.46
CA ALA A 29 -1.40 -16.87 -2.68
C ALA A 29 -2.89 -17.12 -2.86
N GLY A 30 -3.52 -17.73 -1.87
CA GLY A 30 -4.94 -18.02 -1.93
C GLY A 30 -5.40 -18.91 -0.80
N LYS A 31 -4.87 -18.67 0.39
CA LYS A 31 -5.25 -19.45 1.57
C LYS A 31 -5.70 -18.54 2.70
N MET A 32 -4.99 -17.45 2.90
CA MET A 32 -5.32 -16.50 3.96
C MET A 32 -5.45 -17.20 5.30
N LYS A 33 -5.96 -16.47 6.31
CA LYS A 33 -6.14 -17.04 7.64
C LYS A 33 -7.10 -16.18 8.45
N GLY A 34 -6.69 -14.95 8.77
CA GLY A 34 -7.53 -14.06 9.54
C GLY A 34 -8.78 -13.64 8.78
N SER A 35 -8.86 -12.35 8.47
CA SER A 35 -10.02 -11.82 7.74
C SER A 35 -10.23 -12.58 6.44
N ASP A 36 -11.49 -12.85 6.12
CA ASP A 36 -11.83 -13.57 4.89
C ASP A 36 -12.13 -12.59 3.75
N ASN A 37 -13.14 -11.75 3.94
CA ASN A 37 -13.53 -10.78 2.93
C ASN A 37 -12.80 -9.45 3.16
N GLN A 38 -12.75 -9.02 4.41
CA GLN A 38 -12.08 -7.76 4.76
C GLN A 38 -10.64 -7.77 4.25
N GLU A 39 -10.06 -8.95 4.12
CA GLU A 39 -8.68 -9.08 3.66
C GLU A 39 -8.64 -9.28 2.15
N LYS A 40 -9.54 -10.12 1.65
CA LYS A 40 -9.61 -10.41 0.22
C LYS A 40 -9.83 -9.13 -0.58
N LEU A 41 -10.50 -8.16 0.04
CA LEU A 41 -10.78 -6.89 -0.62
C LEU A 41 -9.52 -6.05 -0.73
N VAL A 42 -8.60 -6.25 0.19
CA VAL A 42 -7.34 -5.50 0.20
C VAL A 42 -6.34 -6.11 -0.78
N TYR A 43 -6.08 -7.41 -0.63
CA TYR A 43 -5.15 -8.11 -1.51
C TYR A 43 -5.49 -7.87 -2.97
N GLN A 44 -6.78 -7.69 -3.25
CA GLN A 44 -7.24 -7.45 -4.61
C GLN A 44 -6.74 -6.11 -5.14
N ILE A 45 -6.84 -5.08 -4.30
CA ILE A 45 -6.40 -3.75 -4.67
C ILE A 45 -4.88 -3.69 -4.81
N ILE A 46 -4.18 -4.35 -3.89
CA ILE A 46 -2.73 -4.38 -3.92
C ILE A 46 -2.20 -5.19 -5.09
N GLU A 47 -2.91 -6.27 -5.41
CA GLU A 47 -2.52 -7.13 -6.53
C GLU A 47 -2.69 -6.40 -7.86
N ASP A 48 -3.77 -5.65 -7.99
CA ASP A 48 -4.05 -4.91 -9.22
C ASP A 48 -2.92 -3.92 -9.51
N ALA A 49 -2.25 -3.47 -8.46
CA ALA A 49 -1.15 -2.51 -8.62
C ALA A 49 0.05 -3.17 -9.30
N GLY A 50 0.22 -4.47 -9.05
CA GLY A 50 1.33 -5.19 -9.64
C GLY A 50 2.68 -4.65 -9.20
N ASN A 51 3.41 -4.06 -10.13
CA ASN A 51 4.73 -3.51 -9.83
C ASN A 51 4.62 -2.06 -9.37
N LYS A 52 3.57 -1.37 -9.81
CA LYS A 52 3.34 0.02 -9.46
C LYS A 52 3.07 0.15 -7.96
N GLY A 53 2.52 -0.91 -7.36
CA GLY A 53 2.23 -0.89 -5.95
C GLY A 53 1.16 0.14 -5.59
N ILE A 54 0.55 -0.02 -4.42
CA ILE A 54 -0.48 0.89 -3.96
C ILE A 54 -0.16 1.44 -2.58
N TRP A 55 -0.31 2.75 -2.41
CA TRP A 55 -0.04 3.39 -1.14
C TRP A 55 -1.12 3.05 -0.11
N SER A 56 -0.73 2.98 1.16
CA SER A 56 -1.66 2.66 2.23
C SER A 56 -2.88 3.58 2.19
N ARG A 57 -2.68 4.79 1.69
CA ARG A 57 -3.76 5.76 1.59
C ARG A 57 -4.72 5.41 0.45
N ASP A 58 -4.14 4.97 -0.67
CA ASP A 58 -4.94 4.60 -1.83
C ASP A 58 -5.74 3.33 -1.55
N VAL A 59 -5.04 2.26 -1.17
CA VAL A 59 -5.69 0.99 -0.87
C VAL A 59 -6.76 1.15 0.19
N ARG A 60 -6.62 2.18 1.02
CA ARG A 60 -7.59 2.44 2.08
C ARG A 60 -8.87 3.04 1.51
N TYR A 61 -8.72 3.97 0.57
CA TYR A 61 -9.86 4.62 -0.06
C TYR A 61 -10.72 3.61 -0.82
N LYS A 62 -10.06 2.81 -1.67
CA LYS A 62 -10.75 1.81 -2.47
C LYS A 62 -11.34 0.72 -1.57
N SER A 63 -10.69 0.46 -0.44
CA SER A 63 -11.15 -0.55 0.50
C SER A 63 -12.29 -0.01 1.36
N ASN A 64 -12.33 1.31 1.52
CA ASN A 64 -13.36 1.95 2.33
C ASN A 64 -13.27 1.51 3.79
N LEU A 65 -12.05 1.26 4.26
CA LEU A 65 -11.83 0.83 5.62
C LEU A 65 -10.98 1.84 6.38
N PRO A 66 -11.29 2.04 7.68
CA PRO A 66 -10.56 2.97 8.54
C PRO A 66 -9.14 2.51 8.84
N LEU A 67 -8.29 3.43 9.23
CA LEU A 67 -6.90 3.12 9.55
C LEU A 67 -6.83 1.97 10.56
N THR A 68 -7.74 1.99 11.53
CA THR A 68 -7.78 0.95 12.55
C THR A 68 -7.89 -0.43 11.93
N GLU A 69 -8.54 -0.51 10.77
CA GLU A 69 -8.73 -1.77 10.07
C GLU A 69 -7.54 -2.07 9.16
N ILE A 70 -7.27 -1.16 8.22
CA ILE A 70 -6.16 -1.32 7.29
C ILE A 70 -4.87 -1.61 8.03
N ASN A 71 -4.70 -0.98 9.20
CA ASN A 71 -3.50 -1.17 10.00
C ASN A 71 -3.31 -2.65 10.37
N LYS A 72 -4.42 -3.35 10.58
CA LYS A 72 -4.39 -4.75 10.93
C LYS A 72 -4.29 -5.63 9.68
N ILE A 73 -5.00 -5.22 8.62
CA ILE A 73 -4.99 -5.97 7.37
C ILE A 73 -3.60 -5.96 6.74
N LEU A 74 -3.08 -4.76 6.48
CA LEU A 74 -1.76 -4.61 5.88
C LEU A 74 -0.72 -5.41 6.64
N LYS A 75 -0.90 -5.50 7.96
CA LYS A 75 0.02 -6.24 8.81
C LYS A 75 -0.27 -7.74 8.75
N ASN A 76 -1.53 -8.09 8.54
CA ASN A 76 -1.94 -9.48 8.47
C ASN A 76 -1.28 -10.19 7.28
N LEU A 77 -1.56 -9.70 6.08
CA LEU A 77 -0.99 -10.27 4.87
C LEU A 77 0.53 -10.38 4.98
N GLU A 78 1.14 -9.38 5.61
CA GLU A 78 2.59 -9.37 5.79
C GLU A 78 3.06 -10.62 6.51
N SER A 79 2.52 -10.85 7.71
CA SER A 79 2.88 -12.01 8.51
C SER A 79 2.66 -13.30 7.73
N LYS A 80 1.59 -13.33 6.94
CA LYS A 80 1.26 -14.51 6.14
C LYS A 80 2.29 -14.72 5.03
N LYS A 81 3.14 -13.72 4.81
CA LYS A 81 4.18 -13.80 3.79
C LYS A 81 3.56 -13.94 2.40
N LEU A 82 2.42 -13.29 2.20
CA LEU A 82 1.73 -13.33 0.91
C LEU A 82 2.02 -12.09 0.10
N ILE A 83 2.33 -10.99 0.79
CA ILE A 83 2.63 -9.73 0.13
C ILE A 83 4.03 -9.23 0.49
N LYS A 84 4.44 -8.14 -0.13
CA LYS A 84 5.75 -7.56 0.12
C LYS A 84 5.67 -6.04 0.26
N ALA A 85 6.09 -5.52 1.41
CA ALA A 85 6.06 -4.09 1.66
C ALA A 85 7.25 -3.40 1.00
N VAL A 86 7.00 -2.20 0.46
CA VAL A 86 8.06 -1.44 -0.19
C VAL A 86 8.08 0.00 0.31
N LYS A 87 9.19 0.37 0.96
CA LYS A 87 9.35 1.72 1.49
C LYS A 87 9.97 2.65 0.46
N SER A 88 9.38 3.81 0.27
CA SER A 88 9.89 4.79 -0.69
C SER A 88 11.15 5.47 -0.17
N VAL A 89 12.06 5.80 -1.07
CA VAL A 89 13.30 6.47 -0.71
C VAL A 89 13.12 7.97 -0.60
N SER A 90 12.21 8.51 -1.40
CA SER A 90 11.94 9.94 -1.40
C SER A 90 10.60 10.25 -2.06
N GLY A 91 9.56 10.37 -1.25
CA GLY A 91 8.23 10.66 -1.78
C GLY A 91 8.20 11.94 -2.58
N PRO A 92 8.36 13.08 -1.90
CA PRO A 92 8.35 14.39 -2.54
C PRO A 92 9.57 14.62 -3.41
N SER A 93 9.52 15.66 -4.24
CA SER A 93 10.63 15.99 -5.14
C SER A 93 11.69 16.81 -4.40
N SER A 94 11.28 17.95 -3.88
CA SER A 94 12.20 18.84 -3.15
C SER A 94 12.86 18.10 -1.99
N GLY A 95 14.10 17.68 -2.19
CA GLY A 95 14.83 16.98 -1.16
C GLY A 95 15.68 17.90 -0.30
N GLY A 1 9.28 26.60 -26.22
CA GLY A 1 8.76 26.62 -24.87
C GLY A 1 8.11 25.31 -24.48
N SER A 2 6.82 25.17 -24.77
CA SER A 2 6.09 23.96 -24.44
C SER A 2 6.63 22.76 -25.21
N SER A 3 6.23 21.57 -24.79
CA SER A 3 6.68 20.34 -25.43
C SER A 3 5.50 19.56 -26.01
N GLY A 4 5.47 19.45 -27.34
CA GLY A 4 4.39 18.74 -28.00
C GLY A 4 4.86 17.45 -28.64
N SER A 5 5.68 16.69 -27.92
CA SER A 5 6.21 15.43 -28.43
C SER A 5 7.01 14.70 -27.36
N SER A 6 7.46 13.49 -27.68
CA SER A 6 8.24 12.69 -26.74
C SER A 6 9.74 12.87 -26.99
N GLY A 7 10.50 13.01 -25.90
CA GLY A 7 11.93 13.19 -26.03
C GLY A 7 12.60 13.37 -24.67
N GLY A 8 12.28 14.46 -23.99
CA GLY A 8 12.86 14.72 -22.69
C GLY A 8 11.86 15.30 -21.70
N GLN A 9 11.91 14.82 -20.46
CA GLN A 9 11.00 15.30 -19.44
C GLN A 9 11.77 15.99 -18.32
N LEU A 10 11.02 16.57 -17.36
CA LEU A 10 11.64 17.27 -16.24
C LEU A 10 11.50 16.45 -14.96
N ASP A 11 12.13 16.93 -13.89
CA ASP A 11 12.07 16.26 -12.60
C ASP A 11 10.87 16.73 -11.79
N LEU A 12 9.80 15.92 -11.80
CA LEU A 12 8.59 16.25 -11.07
C LEU A 12 8.59 15.59 -9.70
N LEU A 13 8.41 16.40 -8.65
CA LEU A 13 8.38 15.90 -7.29
C LEU A 13 7.09 15.12 -7.02
N ARG A 14 7.13 14.26 -6.01
CA ARG A 14 5.96 13.46 -5.65
C ARG A 14 5.36 13.93 -4.33
N SER A 15 4.06 14.18 -4.33
CA SER A 15 3.37 14.64 -3.13
C SER A 15 3.45 13.60 -2.02
N ASN A 16 3.21 14.04 -0.79
CA ASN A 16 3.25 13.15 0.36
C ASN A 16 2.07 12.19 0.35
N THR A 17 2.36 10.90 0.56
CA THR A 17 1.31 9.88 0.57
C THR A 17 1.49 8.93 1.74
N GLY A 18 2.71 8.42 1.90
CA GLY A 18 3.00 7.50 2.98
C GLY A 18 3.94 6.38 2.56
N LEU A 19 3.48 5.14 2.68
CA LEU A 19 4.29 3.99 2.31
C LEU A 19 3.67 3.24 1.14
N LEU A 20 4.51 2.52 0.40
CA LEU A 20 4.04 1.75 -0.75
C LEU A 20 3.91 0.27 -0.40
N TYR A 21 3.00 -0.41 -1.08
CA TYR A 21 2.77 -1.83 -0.84
C TYR A 21 2.62 -2.59 -2.15
N ARG A 22 2.90 -3.89 -2.12
CA ARG A 22 2.80 -4.72 -3.31
C ARG A 22 2.55 -6.18 -2.94
N ILE A 23 1.95 -6.94 -3.86
CA ILE A 23 1.65 -8.33 -3.62
C ILE A 23 2.84 -9.22 -3.97
N LYS A 24 2.91 -10.40 -3.35
CA LYS A 24 3.99 -11.34 -3.59
C LYS A 24 3.51 -12.53 -4.42
N ASP A 25 4.06 -12.67 -5.62
CA ASP A 25 3.69 -13.77 -6.50
C ASP A 25 2.22 -13.67 -6.91
N SER A 26 1.85 -14.41 -7.94
CA SER A 26 0.47 -14.40 -8.43
C SER A 26 -0.15 -15.79 -8.32
N GLN A 27 0.68 -16.82 -8.49
CA GLN A 27 0.20 -18.19 -8.42
C GLN A 27 0.56 -18.82 -7.07
N ASN A 28 0.14 -18.17 -5.99
CA ASN A 28 0.42 -18.66 -4.65
C ASN A 28 -0.34 -17.85 -3.60
N ALA A 29 -1.48 -18.37 -3.16
CA ALA A 29 -2.29 -17.69 -2.16
C ALA A 29 -3.49 -18.55 -1.75
N GLY A 30 -3.30 -19.34 -0.69
CA GLY A 30 -4.37 -20.20 -0.22
C GLY A 30 -4.42 -20.27 1.29
N LYS A 31 -5.61 -20.58 1.83
CA LYS A 31 -5.78 -20.69 3.27
C LYS A 31 -5.37 -19.40 3.97
N MET A 32 -6.04 -18.30 3.63
CA MET A 32 -5.74 -17.00 4.22
C MET A 32 -6.17 -16.96 5.68
N LYS A 33 -7.21 -17.72 6.00
CA LYS A 33 -7.72 -17.77 7.37
C LYS A 33 -8.14 -16.39 7.85
N GLY A 34 -8.57 -16.30 9.11
CA GLY A 34 -8.98 -15.03 9.66
C GLY A 34 -10.08 -14.38 8.85
N SER A 35 -10.08 -13.05 8.83
CA SER A 35 -11.09 -12.30 8.09
C SER A 35 -10.76 -12.26 6.61
N ASP A 36 -10.87 -13.40 5.94
CA ASP A 36 -10.57 -13.50 4.52
C ASP A 36 -11.48 -12.58 3.72
N ASN A 37 -12.68 -12.33 4.24
CA ASN A 37 -13.65 -11.46 3.57
C ASN A 37 -13.08 -10.06 3.37
N GLN A 38 -12.50 -9.51 4.44
CA GLN A 38 -11.91 -8.18 4.39
C GLN A 38 -10.51 -8.22 3.82
N GLU A 39 -9.78 -9.30 4.12
CA GLU A 39 -8.41 -9.46 3.63
C GLU A 39 -8.38 -9.54 2.10
N LYS A 40 -9.35 -10.24 1.54
CA LYS A 40 -9.45 -10.40 0.09
C LYS A 40 -9.69 -9.04 -0.58
N LEU A 41 -10.61 -8.27 -0.02
CA LEU A 41 -10.95 -6.96 -0.56
C LEU A 41 -9.72 -6.08 -0.66
N VAL A 42 -8.75 -6.31 0.24
CA VAL A 42 -7.53 -5.53 0.26
C VAL A 42 -6.48 -6.14 -0.68
N TYR A 43 -6.30 -7.46 -0.56
CA TYR A 43 -5.32 -8.17 -1.39
C TYR A 43 -5.64 -7.99 -2.87
N GLN A 44 -6.91 -7.76 -3.18
CA GLN A 44 -7.35 -7.58 -4.56
C GLN A 44 -6.86 -6.24 -5.10
N ILE A 45 -6.99 -5.19 -4.30
CA ILE A 45 -6.56 -3.86 -4.71
C ILE A 45 -5.04 -3.79 -4.84
N ILE A 46 -4.33 -4.30 -3.84
CA ILE A 46 -2.88 -4.29 -3.84
C ILE A 46 -2.34 -5.06 -5.05
N GLU A 47 -3.03 -6.13 -5.43
CA GLU A 47 -2.62 -6.94 -6.57
C GLU A 47 -2.71 -6.14 -7.86
N ASP A 48 -3.78 -5.37 -8.00
CA ASP A 48 -3.99 -4.56 -9.20
C ASP A 48 -2.81 -3.63 -9.44
N ALA A 49 -2.17 -3.19 -8.35
CA ALA A 49 -1.03 -2.30 -8.45
C ALA A 49 0.16 -2.99 -9.12
N GLY A 50 0.21 -4.31 -8.99
CA GLY A 50 1.29 -5.07 -9.59
C GLY A 50 2.66 -4.57 -9.17
N ASN A 51 3.42 -4.05 -10.12
CA ASN A 51 4.76 -3.54 -9.84
C ASN A 51 4.70 -2.10 -9.34
N LYS A 52 3.72 -1.35 -9.83
CA LYS A 52 3.55 0.04 -9.45
C LYS A 52 3.30 0.16 -7.94
N GLY A 53 2.68 -0.87 -7.36
CA GLY A 53 2.41 -0.86 -5.94
C GLY A 53 1.34 0.14 -5.56
N ILE A 54 0.68 -0.08 -4.43
CA ILE A 54 -0.37 0.81 -3.96
C ILE A 54 -0.03 1.40 -2.61
N TRP A 55 -0.25 2.69 -2.45
CA TRP A 55 0.03 3.38 -1.20
C TRP A 55 -1.02 3.04 -0.14
N SER A 56 -0.59 3.01 1.12
CA SER A 56 -1.49 2.69 2.22
C SER A 56 -2.74 3.56 2.17
N ARG A 57 -2.59 4.78 1.65
CA ARG A 57 -3.70 5.71 1.54
C ARG A 57 -4.64 5.32 0.40
N ASP A 58 -4.06 4.93 -0.72
CA ASP A 58 -4.83 4.53 -1.89
C ASP A 58 -5.67 3.30 -1.59
N VAL A 59 -4.99 2.22 -1.18
CA VAL A 59 -5.67 0.96 -0.87
C VAL A 59 -6.74 1.18 0.19
N ARG A 60 -6.56 2.22 1.00
CA ARG A 60 -7.52 2.53 2.07
C ARG A 60 -8.78 3.17 1.49
N TYR A 61 -8.59 4.06 0.52
CA TYR A 61 -9.71 4.75 -0.11
C TYR A 61 -10.58 3.77 -0.88
N LYS A 62 -9.94 2.97 -1.73
CA LYS A 62 -10.66 1.98 -2.54
C LYS A 62 -11.32 0.93 -1.65
N SER A 63 -10.69 0.64 -0.53
CA SER A 63 -11.21 -0.35 0.41
C SER A 63 -12.32 0.24 1.28
N ASN A 64 -12.28 1.56 1.44
CA ASN A 64 -13.28 2.25 2.25
C ASN A 64 -13.21 1.81 3.70
N LEU A 65 -12.02 1.44 4.16
CA LEU A 65 -11.82 0.99 5.53
C LEU A 65 -10.96 1.99 6.31
N PRO A 66 -11.30 2.15 7.60
CA PRO A 66 -10.57 3.08 8.49
C PRO A 66 -9.16 2.58 8.81
N LEU A 67 -8.29 3.51 9.19
CA LEU A 67 -6.91 3.17 9.53
C LEU A 67 -6.86 2.04 10.54
N THR A 68 -7.78 2.07 11.52
CA THR A 68 -7.84 1.06 12.55
C THR A 68 -7.95 -0.33 11.94
N GLU A 69 -8.57 -0.42 10.76
CA GLU A 69 -8.75 -1.68 10.08
C GLU A 69 -7.56 -2.00 9.18
N ILE A 70 -7.29 -1.10 8.23
CA ILE A 70 -6.18 -1.28 7.31
C ILE A 70 -4.88 -1.55 8.05
N ASN A 71 -4.75 -0.96 9.24
CA ASN A 71 -3.56 -1.14 10.05
C ASN A 71 -3.36 -2.61 10.41
N LYS A 72 -4.47 -3.31 10.64
CA LYS A 72 -4.42 -4.73 10.99
C LYS A 72 -4.35 -5.59 9.74
N ILE A 73 -5.06 -5.18 8.69
CA ILE A 73 -5.08 -5.92 7.44
C ILE A 73 -3.71 -5.91 6.78
N LEU A 74 -3.18 -4.72 6.53
CA LEU A 74 -1.88 -4.57 5.90
C LEU A 74 -0.82 -5.36 6.65
N LYS A 75 -0.99 -5.46 7.97
CA LYS A 75 -0.05 -6.19 8.81
C LYS A 75 -0.33 -7.68 8.77
N ASN A 76 -1.59 -8.03 8.51
CA ASN A 76 -1.99 -9.44 8.44
C ASN A 76 -1.33 -10.14 7.26
N LEU A 77 -1.60 -9.64 6.06
CA LEU A 77 -1.03 -10.22 4.85
C LEU A 77 0.49 -10.35 4.97
N GLU A 78 1.12 -9.36 5.60
CA GLU A 78 2.56 -9.37 5.78
C GLU A 78 3.01 -10.63 6.50
N SER A 79 2.46 -10.86 7.69
CA SER A 79 2.80 -12.03 8.48
C SER A 79 2.56 -13.32 7.69
N LYS A 80 1.50 -13.33 6.89
CA LYS A 80 1.16 -14.48 6.08
C LYS A 80 2.19 -14.71 4.99
N LYS A 81 3.05 -13.72 4.77
CA LYS A 81 4.08 -13.80 3.75
C LYS A 81 3.48 -13.92 2.36
N LEU A 82 2.35 -13.26 2.16
CA LEU A 82 1.66 -13.29 0.88
C LEU A 82 1.97 -12.03 0.07
N ILE A 83 2.29 -10.94 0.77
CA ILE A 83 2.61 -9.68 0.12
C ILE A 83 4.01 -9.21 0.50
N LYS A 84 4.46 -8.13 -0.14
CA LYS A 84 5.77 -7.57 0.13
C LYS A 84 5.71 -6.05 0.24
N ALA A 85 6.13 -5.52 1.40
CA ALA A 85 6.12 -4.09 1.64
C ALA A 85 7.32 -3.42 0.97
N VAL A 86 7.08 -2.24 0.41
CA VAL A 86 8.15 -1.48 -0.25
C VAL A 86 8.19 -0.04 0.23
N LYS A 87 9.30 0.33 0.88
CA LYS A 87 9.47 1.68 1.39
C LYS A 87 9.90 2.63 0.28
N SER A 88 9.70 3.92 0.51
CA SER A 88 10.06 4.95 -0.47
C SER A 88 11.15 5.86 0.08
N VAL A 89 12.01 6.35 -0.81
CA VAL A 89 13.09 7.25 -0.42
C VAL A 89 12.71 8.70 -0.63
N SER A 90 13.14 9.56 0.29
CA SER A 90 12.83 10.98 0.21
C SER A 90 13.71 11.78 1.17
N GLY A 91 13.58 11.48 2.46
CA GLY A 91 14.36 12.18 3.47
C GLY A 91 15.41 11.29 4.09
N PRO A 92 16.36 11.92 4.82
CA PRO A 92 17.45 11.19 5.49
C PRO A 92 16.96 10.36 6.66
N SER A 93 17.43 9.13 6.75
CA SER A 93 17.03 8.23 7.83
C SER A 93 18.21 7.41 8.32
N SER A 94 18.18 7.02 9.60
CA SER A 94 19.25 6.23 10.19
C SER A 94 19.30 4.84 9.57
N GLY A 95 20.44 4.50 8.97
CA GLY A 95 20.59 3.19 8.36
C GLY A 95 20.10 3.17 6.93
N GLY A 1 4.28 33.83 -16.22
CA GLY A 1 3.12 32.98 -16.01
C GLY A 1 2.82 32.78 -14.53
N SER A 2 1.65 32.25 -14.23
CA SER A 2 1.24 32.00 -12.85
C SER A 2 1.26 33.30 -12.03
N SER A 3 0.19 34.07 -12.14
CA SER A 3 0.08 35.34 -11.43
C SER A 3 -1.35 35.56 -10.95
N GLY A 4 -1.50 36.47 -9.99
CA GLY A 4 -2.82 36.77 -9.45
C GLY A 4 -3.42 35.59 -8.71
N SER A 5 -2.75 35.15 -7.66
CA SER A 5 -3.23 34.02 -6.86
C SER A 5 -3.42 32.79 -7.73
N SER A 6 -3.92 31.71 -7.13
CA SER A 6 -4.14 30.46 -7.85
C SER A 6 -5.60 30.03 -7.74
N GLY A 7 -6.07 29.85 -6.51
CA GLY A 7 -7.44 29.44 -6.29
C GLY A 7 -8.02 30.01 -5.01
N GLY A 8 -9.24 30.52 -5.09
CA GLY A 8 -9.89 31.09 -3.92
C GLY A 8 -10.42 30.03 -2.97
N GLN A 9 -11.14 29.05 -3.52
CA GLN A 9 -11.70 27.98 -2.71
C GLN A 9 -10.62 27.30 -1.87
N LEU A 10 -11.03 26.74 -0.74
CA LEU A 10 -10.09 26.06 0.15
C LEU A 10 -10.09 24.56 -0.10
N ASP A 11 -9.07 24.08 -0.79
CA ASP A 11 -8.95 22.65 -1.10
C ASP A 11 -7.71 22.06 -0.45
N LEU A 12 -7.93 21.32 0.64
CA LEU A 12 -6.82 20.69 1.36
C LEU A 12 -6.12 19.65 0.49
N LEU A 13 -4.81 19.79 0.36
CA LEU A 13 -4.03 18.86 -0.44
C LEU A 13 -2.78 18.40 0.31
N ARG A 14 -2.46 17.12 0.20
CA ARG A 14 -1.30 16.56 0.87
C ARG A 14 -0.25 16.11 -0.13
N SER A 15 0.93 16.71 -0.05
CA SER A 15 2.02 16.38 -0.96
C SER A 15 2.60 15.01 -0.65
N ASN A 16 2.59 14.64 0.63
CA ASN A 16 3.10 13.34 1.06
C ASN A 16 2.01 12.28 1.01
N THR A 17 2.39 11.06 0.64
CA THR A 17 1.45 9.96 0.55
C THR A 17 1.61 9.00 1.72
N GLY A 18 2.80 8.40 1.84
CA GLY A 18 3.06 7.47 2.91
C GLY A 18 3.98 6.35 2.49
N LEU A 19 3.54 5.12 2.71
CA LEU A 19 4.33 3.94 2.35
C LEU A 19 3.72 3.20 1.17
N LEU A 20 4.55 2.46 0.45
CA LEU A 20 4.07 1.70 -0.71
C LEU A 20 3.98 0.22 -0.39
N TYR A 21 3.07 -0.47 -1.06
CA TYR A 21 2.87 -1.90 -0.84
C TYR A 21 2.72 -2.64 -2.17
N ARG A 22 2.88 -3.96 -2.12
CA ARG A 22 2.75 -4.78 -3.32
C ARG A 22 2.52 -6.24 -2.95
N ILE A 23 2.04 -7.02 -3.92
CA ILE A 23 1.78 -8.44 -3.69
C ILE A 23 2.95 -9.29 -4.12
N LYS A 24 3.16 -10.40 -3.43
CA LYS A 24 4.26 -11.32 -3.74
C LYS A 24 3.74 -12.59 -4.39
N ASP A 25 4.36 -12.97 -5.51
CA ASP A 25 3.96 -14.17 -6.23
C ASP A 25 2.53 -14.05 -6.75
N SER A 26 2.40 -13.64 -8.01
CA SER A 26 1.09 -13.48 -8.63
C SER A 26 0.25 -14.75 -8.47
N GLN A 27 -0.98 -14.59 -7.98
CA GLN A 27 -1.87 -15.73 -7.79
C GLN A 27 -1.24 -16.76 -6.87
N ASN A 28 -1.10 -16.41 -5.59
CA ASN A 28 -0.52 -17.31 -4.61
C ASN A 28 -1.17 -17.13 -3.25
N ALA A 29 -1.96 -18.12 -2.84
CA ALA A 29 -2.64 -18.07 -1.55
C ALA A 29 -2.88 -19.48 -1.00
N GLY A 30 -2.26 -19.77 0.15
CA GLY A 30 -2.42 -21.08 0.76
C GLY A 30 -3.80 -21.28 1.35
N LYS A 31 -3.94 -21.03 2.64
CA LYS A 31 -5.22 -21.20 3.33
C LYS A 31 -5.82 -19.84 3.67
N MET A 32 -4.96 -18.87 3.95
CA MET A 32 -5.42 -17.53 4.28
C MET A 32 -6.32 -17.55 5.52
N LYS A 33 -5.73 -17.28 6.68
CA LYS A 33 -6.48 -17.27 7.93
C LYS A 33 -7.04 -15.88 8.22
N GLY A 34 -7.93 -15.80 9.20
CA GLY A 34 -8.53 -14.52 9.56
C GLY A 34 -9.67 -14.14 8.65
N SER A 35 -10.12 -12.88 8.75
CA SER A 35 -11.21 -12.39 7.92
C SER A 35 -10.82 -12.38 6.45
N ASP A 36 -11.13 -13.47 5.75
CA ASP A 36 -10.81 -13.58 4.34
C ASP A 36 -11.62 -12.58 3.52
N ASN A 37 -12.79 -12.21 4.03
CA ASN A 37 -13.66 -11.26 3.35
C ASN A 37 -13.00 -9.89 3.26
N GLN A 38 -12.54 -9.38 4.39
CA GLN A 38 -11.90 -8.07 4.44
C GLN A 38 -10.48 -8.15 3.88
N GLU A 39 -9.87 -9.32 3.99
CA GLU A 39 -8.51 -9.52 3.49
C GLU A 39 -8.49 -9.57 1.96
N LYS A 40 -9.39 -10.35 1.39
CA LYS A 40 -9.47 -10.48 -0.07
C LYS A 40 -9.76 -9.13 -0.72
N LEU A 41 -10.61 -8.33 -0.06
CA LEU A 41 -10.97 -7.02 -0.58
C LEU A 41 -9.74 -6.13 -0.71
N VAL A 42 -8.81 -6.28 0.23
CA VAL A 42 -7.58 -5.49 0.21
C VAL A 42 -6.55 -6.10 -0.73
N TYR A 43 -6.27 -7.38 -0.55
CA TYR A 43 -5.30 -8.08 -1.38
C TYR A 43 -5.62 -7.89 -2.87
N GLN A 44 -6.90 -7.73 -3.16
CA GLN A 44 -7.35 -7.54 -4.54
C GLN A 44 -6.85 -6.21 -5.09
N ILE A 45 -6.96 -5.16 -4.28
CA ILE A 45 -6.53 -3.83 -4.69
C ILE A 45 -5.01 -3.78 -4.86
N ILE A 46 -4.29 -4.29 -3.87
CA ILE A 46 -2.84 -4.30 -3.92
C ILE A 46 -2.32 -5.09 -5.11
N GLU A 47 -3.02 -6.18 -5.44
CA GLU A 47 -2.65 -7.02 -6.56
C GLU A 47 -2.80 -6.27 -7.89
N ASP A 48 -3.84 -5.44 -7.96
CA ASP A 48 -4.10 -4.66 -9.17
C ASP A 48 -2.91 -3.77 -9.51
N ALA A 49 -2.27 -3.23 -8.49
CA ALA A 49 -1.11 -2.37 -8.68
C ALA A 49 0.04 -3.12 -9.34
N GLY A 50 0.14 -4.41 -9.04
CA GLY A 50 1.20 -5.22 -9.62
C GLY A 50 2.59 -4.74 -9.22
N ASN A 51 3.28 -4.12 -10.16
CA ASN A 51 4.62 -3.60 -9.91
C ASN A 51 4.57 -2.15 -9.44
N LYS A 52 3.53 -1.44 -9.86
CA LYS A 52 3.37 -0.04 -9.48
C LYS A 52 3.14 0.10 -7.99
N GLY A 53 2.56 -0.92 -7.37
CA GLY A 53 2.31 -0.90 -5.95
C GLY A 53 1.25 0.12 -5.57
N ILE A 54 0.63 -0.07 -4.41
CA ILE A 54 -0.40 0.85 -3.93
C ILE A 54 -0.06 1.39 -2.55
N TRP A 55 -0.25 2.70 -2.38
CA TRP A 55 0.03 3.35 -1.11
C TRP A 55 -1.02 2.99 -0.06
N SER A 56 -0.61 2.95 1.20
CA SER A 56 -1.52 2.62 2.29
C SER A 56 -2.76 3.51 2.26
N ARG A 57 -2.59 4.71 1.74
CA ARG A 57 -3.71 5.66 1.64
C ARG A 57 -4.65 5.28 0.50
N ASP A 58 -4.07 4.97 -0.66
CA ASP A 58 -4.85 4.60 -1.83
C ASP A 58 -5.67 3.35 -1.55
N VAL A 59 -5.00 2.27 -1.16
CA VAL A 59 -5.67 1.01 -0.85
C VAL A 59 -6.74 1.20 0.20
N ARG A 60 -6.58 2.24 1.03
CA ARG A 60 -7.55 2.51 2.09
C ARG A 60 -8.82 3.14 1.52
N TYR A 61 -8.64 4.06 0.57
CA TYR A 61 -9.77 4.73 -0.07
C TYR A 61 -10.64 3.73 -0.84
N LYS A 62 -10.00 2.93 -1.67
CA LYS A 62 -10.71 1.93 -2.47
C LYS A 62 -11.33 0.85 -1.57
N SER A 63 -10.68 0.59 -0.44
CA SER A 63 -11.16 -0.41 0.51
C SER A 63 -12.29 0.16 1.36
N ASN A 64 -12.30 1.47 1.52
CA ASN A 64 -13.33 2.14 2.32
C ASN A 64 -13.25 1.70 3.78
N LEU A 65 -12.04 1.42 4.24
CA LEU A 65 -11.83 0.99 5.62
C LEU A 65 -10.97 1.98 6.38
N PRO A 66 -11.28 2.18 7.67
CA PRO A 66 -10.54 3.10 8.54
C PRO A 66 -9.13 2.62 8.85
N LEU A 67 -8.26 3.54 9.23
CA LEU A 67 -6.88 3.19 9.57
C LEU A 67 -6.83 2.05 10.57
N THR A 68 -7.74 2.09 11.54
CA THR A 68 -7.80 1.06 12.57
C THR A 68 -7.93 -0.33 11.95
N GLU A 69 -8.58 -0.39 10.79
CA GLU A 69 -8.77 -1.66 10.09
C GLU A 69 -7.59 -1.98 9.19
N ILE A 70 -7.31 -1.08 8.25
CA ILE A 70 -6.20 -1.27 7.32
C ILE A 70 -4.91 -1.56 8.07
N ASN A 71 -4.76 -0.96 9.24
CA ASN A 71 -3.56 -1.16 10.05
C ASN A 71 -3.38 -2.63 10.41
N LYS A 72 -4.50 -3.33 10.61
CA LYS A 72 -4.47 -4.74 10.95
C LYS A 72 -4.39 -5.61 9.70
N ILE A 73 -5.08 -5.18 8.64
CA ILE A 73 -5.08 -5.92 7.38
C ILE A 73 -3.69 -5.91 6.75
N LEU A 74 -3.17 -4.71 6.48
CA LEU A 74 -1.85 -4.56 5.88
C LEU A 74 -0.81 -5.36 6.65
N LYS A 75 -1.00 -5.46 7.96
CA LYS A 75 -0.08 -6.19 8.81
C LYS A 75 -0.35 -7.69 8.75
N ASN A 76 -1.62 -8.06 8.58
CA ASN A 76 -2.01 -9.46 8.50
C ASN A 76 -1.34 -10.14 7.32
N LEU A 77 -1.63 -9.67 6.11
CA LEU A 77 -1.06 -10.24 4.91
C LEU A 77 0.45 -10.31 5.01
N GLU A 78 1.05 -9.32 5.67
CA GLU A 78 2.49 -9.27 5.83
C GLU A 78 3.01 -10.52 6.57
N SER A 79 2.47 -10.75 7.76
CA SER A 79 2.86 -11.90 8.56
C SER A 79 2.66 -13.20 7.79
N LYS A 80 1.59 -13.24 7.00
CA LYS A 80 1.27 -14.42 6.21
C LYS A 80 2.31 -14.63 5.11
N LYS A 81 3.14 -13.62 4.88
CA LYS A 81 4.18 -13.69 3.86
C LYS A 81 3.56 -13.84 2.47
N LEU A 82 2.41 -13.22 2.27
CA LEU A 82 1.72 -13.28 0.99
C LEU A 82 1.99 -12.02 0.16
N ILE A 83 2.30 -10.93 0.84
CA ILE A 83 2.59 -9.66 0.17
C ILE A 83 3.98 -9.16 0.53
N LYS A 84 4.43 -8.12 -0.18
CA LYS A 84 5.75 -7.55 0.06
C LYS A 84 5.65 -6.03 0.25
N ALA A 85 6.32 -5.53 1.28
CA ALA A 85 6.32 -4.11 1.57
C ALA A 85 7.48 -3.40 0.89
N VAL A 86 7.22 -2.21 0.36
CA VAL A 86 8.26 -1.44 -0.32
C VAL A 86 8.29 0.00 0.19
N LYS A 87 9.39 0.38 0.81
CA LYS A 87 9.55 1.74 1.35
C LYS A 87 10.26 2.63 0.33
N SER A 88 9.77 3.86 0.21
CA SER A 88 10.35 4.82 -0.72
C SER A 88 11.44 5.64 -0.04
N VAL A 89 12.64 5.60 -0.61
CA VAL A 89 13.77 6.34 -0.06
C VAL A 89 14.09 5.88 1.35
N SER A 90 14.99 4.92 1.47
CA SER A 90 15.38 4.40 2.77
C SER A 90 16.81 3.87 2.74
N GLY A 91 17.36 3.57 3.92
CA GLY A 91 18.72 3.05 4.00
C GLY A 91 19.05 2.53 5.38
N PRO A 92 19.21 3.44 6.35
CA PRO A 92 19.53 3.08 7.73
C PRO A 92 18.38 2.39 8.44
N SER A 93 18.52 1.08 8.66
CA SER A 93 17.48 0.31 9.32
C SER A 93 18.09 -0.67 10.32
N SER A 94 19.16 -1.34 9.90
CA SER A 94 19.83 -2.30 10.76
C SER A 94 18.88 -3.41 11.20
N GLY A 95 19.39 -4.36 11.96
CA GLY A 95 18.57 -5.46 12.44
C GLY A 95 18.96 -6.78 11.82
N GLY A 1 -13.49 40.61 11.33
CA GLY A 1 -13.04 39.85 10.18
C GLY A 1 -14.16 39.55 9.21
N SER A 2 -13.83 38.96 8.07
CA SER A 2 -14.82 38.64 7.05
C SER A 2 -14.89 37.13 6.82
N SER A 3 -15.75 36.71 5.91
CA SER A 3 -15.92 35.29 5.60
C SER A 3 -16.40 35.11 4.17
N GLY A 4 -16.25 33.89 3.65
CA GLY A 4 -16.67 33.61 2.29
C GLY A 4 -15.52 33.60 1.30
N SER A 5 -14.75 32.53 1.28
CA SER A 5 -13.61 32.41 0.39
C SER A 5 -14.03 31.85 -0.97
N SER A 6 -13.49 32.42 -2.04
CA SER A 6 -13.81 31.97 -3.38
C SER A 6 -12.59 32.04 -4.29
N GLY A 7 -12.20 33.26 -4.65
CA GLY A 7 -11.04 33.44 -5.52
C GLY A 7 -9.80 32.78 -4.96
N GLY A 8 -9.33 31.74 -5.65
CA GLY A 8 -8.14 31.03 -5.21
C GLY A 8 -7.28 30.57 -6.36
N GLN A 9 -6.55 29.47 -6.15
CA GLN A 9 -5.67 28.93 -7.18
C GLN A 9 -5.28 27.50 -6.87
N LEU A 10 -4.95 26.73 -7.90
CA LEU A 10 -4.55 25.33 -7.73
C LEU A 10 -3.06 25.23 -7.47
N ASP A 11 -2.64 25.61 -6.27
CA ASP A 11 -1.23 25.54 -5.89
C ASP A 11 -0.83 24.12 -5.52
N LEU A 12 0.47 23.84 -5.58
CA LEU A 12 0.97 22.51 -5.25
C LEU A 12 0.52 22.09 -3.86
N LEU A 13 0.50 20.78 -3.62
CA LEU A 13 0.09 20.23 -2.34
C LEU A 13 1.30 19.79 -1.52
N ARG A 14 1.31 20.18 -0.24
CA ARG A 14 2.40 19.82 0.65
C ARG A 14 1.98 18.74 1.63
N SER A 15 1.72 17.54 1.10
CA SER A 15 1.30 16.42 1.93
C SER A 15 2.05 15.15 1.55
N ASN A 16 2.31 14.31 2.55
CA ASN A 16 3.03 13.05 2.32
C ASN A 16 2.06 11.91 2.03
N THR A 17 2.38 11.11 1.03
CA THR A 17 1.54 9.98 0.65
C THR A 17 1.53 8.91 1.75
N GLY A 18 2.72 8.49 2.15
CA GLY A 18 2.85 7.47 3.18
C GLY A 18 3.82 6.37 2.80
N LEU A 19 3.31 5.14 2.75
CA LEU A 19 4.15 4.00 2.40
C LEU A 19 3.56 3.24 1.21
N LEU A 20 4.42 2.52 0.49
CA LEU A 20 3.98 1.76 -0.68
C LEU A 20 3.85 0.28 -0.33
N TYR A 21 2.96 -0.40 -1.05
CA TYR A 21 2.73 -1.83 -0.81
C TYR A 21 2.61 -2.58 -2.13
N ARG A 22 2.90 -3.88 -2.10
CA ARG A 22 2.81 -4.71 -3.30
C ARG A 22 2.58 -6.17 -2.93
N ILE A 23 1.99 -6.92 -3.85
CA ILE A 23 1.70 -8.33 -3.63
C ILE A 23 2.91 -9.20 -3.98
N LYS A 24 2.97 -10.38 -3.36
CA LYS A 24 4.07 -11.31 -3.61
C LYS A 24 3.61 -12.48 -4.47
N ASP A 25 4.19 -12.61 -5.65
CA ASP A 25 3.85 -13.69 -6.56
C ASP A 25 2.35 -13.67 -6.89
N SER A 26 1.91 -14.64 -7.68
CA SER A 26 0.51 -14.73 -8.08
C SER A 26 0.12 -16.17 -8.40
N GLN A 27 0.38 -17.06 -7.44
CA GLN A 27 0.05 -18.47 -7.62
C GLN A 27 -0.25 -19.14 -6.27
N ASN A 28 0.66 -18.98 -5.32
CA ASN A 28 0.49 -19.56 -4.00
C ASN A 28 -0.44 -18.72 -3.15
N ALA A 29 -1.63 -19.25 -2.87
CA ALA A 29 -2.62 -18.55 -2.07
C ALA A 29 -3.44 -19.53 -1.22
N GLY A 30 -2.76 -20.24 -0.32
CA GLY A 30 -3.44 -21.20 0.52
C GLY A 30 -3.10 -21.00 1.99
N LYS A 31 -2.64 -19.81 2.34
CA LYS A 31 -2.28 -19.50 3.72
C LYS A 31 -3.25 -18.49 4.32
N MET A 32 -3.85 -17.68 3.46
CA MET A 32 -4.81 -16.67 3.91
C MET A 32 -5.92 -17.30 4.74
N LYS A 33 -6.20 -16.72 5.89
CA LYS A 33 -7.24 -17.21 6.78
C LYS A 33 -7.85 -16.08 7.60
N GLY A 34 -8.82 -16.42 8.45
CA GLY A 34 -9.47 -15.43 9.27
C GLY A 34 -10.48 -14.60 8.49
N SER A 35 -10.34 -13.28 8.57
CA SER A 35 -11.25 -12.38 7.87
C SER A 35 -10.91 -12.30 6.39
N ASP A 36 -11.01 -13.45 5.71
CA ASP A 36 -10.71 -13.52 4.28
C ASP A 36 -11.58 -12.53 3.50
N ASN A 37 -12.74 -12.21 4.05
CA ASN A 37 -13.67 -11.29 3.41
C ASN A 37 -13.06 -9.89 3.31
N GLN A 38 -12.50 -9.42 4.41
CA GLN A 38 -11.89 -8.09 4.46
C GLN A 38 -10.46 -8.15 3.92
N GLU A 39 -9.82 -9.29 4.07
CA GLU A 39 -8.44 -9.48 3.60
C GLU A 39 -8.39 -9.53 2.07
N LYS A 40 -9.33 -10.25 1.49
CA LYS A 40 -9.40 -10.39 0.03
C LYS A 40 -9.65 -9.04 -0.63
N LEU A 41 -10.50 -8.24 -0.01
CA LEU A 41 -10.84 -6.92 -0.53
C LEU A 41 -9.58 -6.06 -0.69
N VAL A 42 -8.67 -6.17 0.28
CA VAL A 42 -7.43 -5.41 0.25
C VAL A 42 -6.43 -6.05 -0.71
N TYR A 43 -6.20 -7.35 -0.54
CA TYR A 43 -5.26 -8.08 -1.39
C TYR A 43 -5.59 -7.87 -2.87
N GLN A 44 -6.87 -7.74 -3.17
CA GLN A 44 -7.32 -7.54 -4.54
C GLN A 44 -6.83 -6.20 -5.09
N ILE A 45 -6.92 -5.17 -4.27
CA ILE A 45 -6.49 -3.83 -4.66
C ILE A 45 -4.97 -3.78 -4.83
N ILE A 46 -4.25 -4.35 -3.86
CA ILE A 46 -2.80 -4.37 -3.90
C ILE A 46 -2.29 -5.18 -5.08
N GLU A 47 -3.04 -6.21 -5.45
CA GLU A 47 -2.68 -7.07 -6.57
C GLU A 47 -2.73 -6.31 -7.89
N ASP A 48 -3.79 -5.52 -8.06
CA ASP A 48 -3.97 -4.74 -9.27
C ASP A 48 -2.84 -3.72 -9.44
N ALA A 49 -2.25 -3.31 -8.32
CA ALA A 49 -1.16 -2.34 -8.34
C ALA A 49 0.07 -2.91 -9.04
N GLY A 50 0.18 -4.25 -9.04
CA GLY A 50 1.31 -4.89 -9.69
C GLY A 50 2.65 -4.34 -9.20
N ASN A 51 3.54 -4.06 -10.15
CA ASN A 51 4.86 -3.54 -9.81
C ASN A 51 4.77 -2.10 -9.34
N LYS A 52 3.75 -1.38 -9.83
CA LYS A 52 3.55 0.01 -9.46
C LYS A 52 3.28 0.15 -7.97
N GLY A 53 2.66 -0.88 -7.38
CA GLY A 53 2.38 -0.86 -5.96
C GLY A 53 1.29 0.15 -5.60
N ILE A 54 0.65 -0.05 -4.46
CA ILE A 54 -0.41 0.84 -4.01
C ILE A 54 -0.09 1.43 -2.64
N TRP A 55 -0.28 2.73 -2.50
CA TRP A 55 -0.01 3.42 -1.25
C TRP A 55 -1.07 3.07 -0.20
N SER A 56 -0.67 3.05 1.06
CA SER A 56 -1.58 2.74 2.15
C SER A 56 -2.83 3.61 2.08
N ARG A 57 -2.66 4.82 1.55
CA ARG A 57 -3.78 5.76 1.43
C ARG A 57 -4.72 5.34 0.32
N ASP A 58 -4.16 4.96 -0.82
CA ASP A 58 -4.95 4.54 -1.97
C ASP A 58 -5.75 3.28 -1.64
N VAL A 59 -5.04 2.21 -1.29
CA VAL A 59 -5.69 0.95 -0.95
C VAL A 59 -6.76 1.14 0.13
N ARG A 60 -6.56 2.15 0.97
CA ARG A 60 -7.50 2.45 2.04
C ARG A 60 -8.77 3.09 1.49
N TYR A 61 -8.60 4.03 0.55
CA TYR A 61 -9.72 4.71 -0.06
C TYR A 61 -10.62 3.73 -0.82
N LYS A 62 -10.00 2.92 -1.66
CA LYS A 62 -10.74 1.93 -2.45
C LYS A 62 -11.35 0.87 -1.54
N SER A 63 -10.69 0.59 -0.42
CA SER A 63 -11.17 -0.41 0.53
C SER A 63 -12.29 0.15 1.40
N ASN A 64 -12.29 1.48 1.55
CA ASN A 64 -13.31 2.14 2.36
C ASN A 64 -13.21 1.70 3.81
N LEU A 65 -12.00 1.46 4.28
CA LEU A 65 -11.77 1.03 5.66
C LEU A 65 -10.90 2.05 6.40
N PRO A 66 -11.19 2.24 7.69
CA PRO A 66 -10.44 3.17 8.54
C PRO A 66 -9.03 2.69 8.84
N LEU A 67 -8.15 3.61 9.20
CA LEU A 67 -6.76 3.27 9.52
C LEU A 67 -6.70 2.14 10.53
N THR A 68 -7.66 2.11 11.45
CA THR A 68 -7.72 1.08 12.48
C THR A 68 -7.83 -0.31 11.86
N GLU A 69 -8.55 -0.40 10.75
CA GLU A 69 -8.73 -1.66 10.06
C GLU A 69 -7.53 -1.99 9.18
N ILE A 70 -7.23 -1.09 8.23
CA ILE A 70 -6.10 -1.28 7.32
C ILE A 70 -4.82 -1.58 8.10
N ASN A 71 -4.71 -1.01 9.29
CA ASN A 71 -3.53 -1.21 10.14
C ASN A 71 -3.35 -2.69 10.45
N LYS A 72 -4.46 -3.39 10.68
CA LYS A 72 -4.41 -4.82 11.00
C LYS A 72 -4.34 -5.65 9.73
N ILE A 73 -5.04 -5.21 8.69
CA ILE A 73 -5.05 -5.90 7.41
C ILE A 73 -3.66 -5.91 6.77
N LEU A 74 -3.13 -4.72 6.54
CA LEU A 74 -1.81 -4.58 5.94
C LEU A 74 -0.77 -5.39 6.69
N LYS A 75 -0.96 -5.52 8.01
CA LYS A 75 -0.04 -6.28 8.84
C LYS A 75 -0.36 -7.77 8.77
N ASN A 76 -1.62 -8.10 8.52
CA ASN A 76 -2.04 -9.49 8.43
C ASN A 76 -1.37 -10.18 7.24
N LEU A 77 -1.63 -9.67 6.04
CA LEU A 77 -1.05 -10.25 4.83
C LEU A 77 0.47 -10.38 4.96
N GLU A 78 1.10 -9.38 5.57
CA GLU A 78 2.54 -9.40 5.76
C GLU A 78 2.98 -10.67 6.48
N SER A 79 2.43 -10.91 7.65
CA SER A 79 2.76 -12.09 8.45
C SER A 79 2.51 -13.36 7.64
N LYS A 80 1.45 -13.35 6.84
CA LYS A 80 1.11 -14.51 6.02
C LYS A 80 2.15 -14.73 4.93
N LYS A 81 3.01 -13.73 4.73
CA LYS A 81 4.05 -13.83 3.71
C LYS A 81 3.45 -13.93 2.31
N LEU A 82 2.32 -13.26 2.11
CA LEU A 82 1.64 -13.27 0.83
C LEU A 82 1.95 -12.00 0.03
N ILE A 83 2.29 -10.94 0.74
CA ILE A 83 2.61 -9.66 0.11
C ILE A 83 4.00 -9.18 0.52
N LYS A 84 4.46 -8.10 -0.10
CA LYS A 84 5.77 -7.53 0.21
C LYS A 84 5.68 -6.01 0.33
N ALA A 85 6.05 -5.50 1.49
CA ALA A 85 6.02 -4.06 1.74
C ALA A 85 7.24 -3.37 1.10
N VAL A 86 7.02 -2.19 0.54
CA VAL A 86 8.09 -1.43 -0.09
C VAL A 86 8.11 0.01 0.41
N LYS A 87 9.20 0.38 1.08
CA LYS A 87 9.35 1.73 1.61
C LYS A 87 10.26 2.57 0.70
N SER A 88 9.81 3.78 0.38
CA SER A 88 10.58 4.68 -0.47
C SER A 88 11.65 5.40 0.34
N VAL A 89 12.84 5.56 -0.27
CA VAL A 89 13.94 6.23 0.40
C VAL A 89 14.12 7.65 -0.15
N SER A 90 14.41 8.59 0.75
CA SER A 90 14.61 9.98 0.36
C SER A 90 15.28 10.77 1.49
N GLY A 91 16.53 11.14 1.27
CA GLY A 91 17.26 11.90 2.27
C GLY A 91 18.66 12.28 1.81
N PRO A 92 18.74 13.15 0.80
CA PRO A 92 20.01 13.61 0.24
C PRO A 92 20.77 14.51 1.20
N SER A 93 22.01 14.83 0.85
CA SER A 93 22.86 15.68 1.70
C SER A 93 23.88 16.43 0.85
N SER A 94 23.99 17.73 1.08
CA SER A 94 24.93 18.57 0.34
C SER A 94 25.89 19.27 1.29
N GLY A 95 26.83 20.03 0.72
CA GLY A 95 27.79 20.75 1.53
C GLY A 95 28.21 22.05 0.90
N GLY A 1 21.42 40.41 -23.75
CA GLY A 1 22.10 39.76 -24.86
C GLY A 1 22.57 38.36 -24.50
N SER A 2 23.00 37.60 -25.51
CA SER A 2 23.47 36.24 -25.30
C SER A 2 22.34 35.37 -24.75
N SER A 3 22.56 34.05 -24.76
CA SER A 3 21.58 33.11 -24.26
C SER A 3 21.61 33.02 -22.74
N GLY A 4 20.72 32.22 -22.17
CA GLY A 4 20.66 32.08 -20.73
C GLY A 4 21.90 31.40 -20.17
N SER A 5 21.81 30.95 -18.92
CA SER A 5 22.94 30.28 -18.27
C SER A 5 22.45 29.24 -17.27
N SER A 6 23.39 28.60 -16.60
CA SER A 6 23.06 27.57 -15.62
C SER A 6 22.37 28.19 -14.40
N GLY A 7 21.77 27.34 -13.56
CA GLY A 7 21.09 27.82 -12.38
C GLY A 7 19.60 27.96 -12.58
N GLY A 8 18.93 26.83 -12.80
CA GLY A 8 17.49 26.85 -13.02
C GLY A 8 16.72 27.15 -11.74
N GLN A 9 15.44 26.80 -11.73
CA GLN A 9 14.59 27.04 -10.57
C GLN A 9 13.77 25.80 -10.24
N LEU A 10 13.52 25.59 -8.95
CA LEU A 10 12.75 24.45 -8.49
C LEU A 10 11.35 24.87 -8.03
N ASP A 11 10.55 23.90 -7.61
CA ASP A 11 9.20 24.18 -7.14
C ASP A 11 8.90 23.41 -5.86
N LEU A 12 8.01 23.95 -5.04
CA LEU A 12 7.63 23.31 -3.78
C LEU A 12 6.23 22.73 -3.87
N LEU A 13 6.12 21.44 -3.57
CA LEU A 13 4.83 20.75 -3.61
C LEU A 13 4.74 19.71 -2.51
N ARG A 14 3.54 19.57 -1.93
CA ARG A 14 3.31 18.61 -0.87
C ARG A 14 2.07 17.76 -1.14
N SER A 15 2.27 16.47 -1.38
CA SER A 15 1.18 15.56 -1.67
C SER A 15 1.04 14.52 -0.57
N ASN A 16 -0.20 14.17 -0.24
CA ASN A 16 -0.47 13.18 0.80
C ASN A 16 -0.04 11.79 0.34
N THR A 17 1.10 11.33 0.84
CA THR A 17 1.62 10.02 0.49
C THR A 17 2.35 9.38 1.67
N GLY A 18 2.09 8.09 1.87
CA GLY A 18 2.73 7.37 2.97
C GLY A 18 3.71 6.33 2.49
N LEU A 19 3.38 5.06 2.70
CA LEU A 19 4.24 3.96 2.29
C LEU A 19 3.62 3.19 1.12
N LEU A 20 4.47 2.53 0.35
CA LEU A 20 4.01 1.75 -0.80
C LEU A 20 3.87 0.28 -0.45
N TYR A 21 2.96 -0.41 -1.13
CA TYR A 21 2.74 -1.82 -0.88
C TYR A 21 2.57 -2.58 -2.19
N ARG A 22 3.09 -3.82 -2.23
CA ARG A 22 3.00 -4.65 -3.41
C ARG A 22 2.81 -6.11 -3.05
N ILE A 23 2.04 -6.82 -3.85
CA ILE A 23 1.77 -8.24 -3.61
C ILE A 23 2.97 -9.10 -4.00
N LYS A 24 3.07 -10.28 -3.39
CA LYS A 24 4.17 -11.19 -3.67
C LYS A 24 3.69 -12.36 -4.53
N ASP A 25 4.23 -12.49 -5.73
CA ASP A 25 3.86 -13.56 -6.64
C ASP A 25 2.37 -13.53 -6.93
N SER A 26 1.91 -14.45 -7.79
CA SER A 26 0.51 -14.52 -8.16
C SER A 26 0.10 -15.96 -8.46
N GLN A 27 0.81 -16.91 -7.85
CA GLN A 27 0.52 -18.32 -8.05
C GLN A 27 0.59 -19.08 -6.73
N ASN A 28 0.27 -18.39 -5.65
CA ASN A 28 0.31 -19.01 -4.32
C ASN A 28 -0.37 -18.12 -3.29
N ALA A 29 -1.62 -18.43 -2.96
CA ALA A 29 -2.37 -17.65 -1.98
C ALA A 29 -3.62 -18.40 -1.52
N GLY A 30 -3.52 -19.73 -1.51
CA GLY A 30 -4.64 -20.54 -1.08
C GLY A 30 -4.50 -21.03 0.35
N LYS A 31 -3.86 -20.22 1.18
CA LYS A 31 -3.65 -20.56 2.58
C LYS A 31 -4.02 -19.39 3.49
N MET A 32 -4.98 -18.58 3.05
CA MET A 32 -5.42 -17.43 3.82
C MET A 32 -6.22 -17.87 5.04
N LYS A 33 -6.48 -16.93 5.95
CA LYS A 33 -7.23 -17.22 7.16
C LYS A 33 -7.88 -15.96 7.72
N GLY A 34 -8.50 -16.08 8.89
CA GLY A 34 -9.14 -14.93 9.50
C GLY A 34 -10.23 -14.34 8.63
N SER A 35 -10.32 -13.02 8.62
CA SER A 35 -11.33 -12.32 7.82
C SER A 35 -10.97 -12.35 6.34
N ASP A 36 -11.13 -13.51 5.72
CA ASP A 36 -10.81 -13.67 4.30
C ASP A 36 -11.58 -12.66 3.46
N ASN A 37 -12.74 -12.24 3.96
CA ASN A 37 -13.58 -11.28 3.26
C ASN A 37 -12.90 -9.91 3.19
N GLN A 38 -12.73 -9.28 4.34
CA GLN A 38 -12.09 -7.98 4.42
C GLN A 38 -10.65 -8.04 3.91
N GLU A 39 -10.03 -9.21 4.07
CA GLU A 39 -8.65 -9.40 3.63
C GLU A 39 -8.56 -9.37 2.11
N LYS A 40 -9.38 -10.19 1.45
CA LYS A 40 -9.39 -10.26 0.00
C LYS A 40 -9.64 -8.89 -0.61
N LEU A 41 -10.58 -8.14 -0.03
CA LEU A 41 -10.91 -6.81 -0.52
C LEU A 41 -9.66 -5.92 -0.56
N VAL A 42 -8.69 -6.23 0.29
CA VAL A 42 -7.45 -5.46 0.35
C VAL A 42 -6.39 -6.06 -0.58
N TYR A 43 -6.22 -7.38 -0.51
CA TYR A 43 -5.24 -8.06 -1.33
C TYR A 43 -5.56 -7.88 -2.82
N GLN A 44 -6.83 -7.70 -3.13
CA GLN A 44 -7.27 -7.51 -4.51
C GLN A 44 -6.76 -6.18 -5.06
N ILE A 45 -6.90 -5.13 -4.26
CA ILE A 45 -6.46 -3.80 -4.67
C ILE A 45 -4.95 -3.76 -4.85
N ILE A 46 -4.23 -4.32 -3.89
CA ILE A 46 -2.77 -4.35 -3.96
C ILE A 46 -2.28 -5.19 -5.14
N GLU A 47 -3.03 -6.23 -5.47
CA GLU A 47 -2.69 -7.10 -6.59
C GLU A 47 -2.78 -6.36 -7.91
N ASP A 48 -3.75 -5.46 -8.01
CA ASP A 48 -3.95 -4.67 -9.22
C ASP A 48 -2.78 -3.73 -9.46
N ALA A 49 -2.11 -3.34 -8.38
CA ALA A 49 -0.97 -2.44 -8.47
C ALA A 49 0.25 -3.15 -9.05
N GLY A 50 0.37 -4.44 -8.73
CA GLY A 50 1.50 -5.22 -9.23
C GLY A 50 2.83 -4.57 -8.91
N ASN A 51 3.55 -4.18 -9.96
CA ASN A 51 4.86 -3.54 -9.78
C ASN A 51 4.70 -2.10 -9.30
N LYS A 52 3.74 -1.39 -9.88
CA LYS A 52 3.48 -0.01 -9.51
C LYS A 52 3.24 0.12 -8.00
N GLY A 53 2.62 -0.90 -7.42
CA GLY A 53 2.33 -0.88 -6.00
C GLY A 53 1.25 0.11 -5.64
N ILE A 54 0.64 -0.09 -4.47
CA ILE A 54 -0.43 0.79 -4.01
C ILE A 54 -0.09 1.39 -2.65
N TRP A 55 -0.35 2.68 -2.50
CA TRP A 55 -0.07 3.37 -1.24
C TRP A 55 -1.12 3.03 -0.19
N SER A 56 -0.70 3.00 1.07
CA SER A 56 -1.61 2.68 2.17
C SER A 56 -2.85 3.56 2.12
N ARG A 57 -2.69 4.77 1.60
CA ARG A 57 -3.80 5.72 1.50
C ARG A 57 -4.73 5.33 0.35
N ASP A 58 -4.15 4.86 -0.74
CA ASP A 58 -4.93 4.45 -1.91
C ASP A 58 -5.77 3.21 -1.60
N VAL A 59 -5.09 2.12 -1.23
CA VAL A 59 -5.78 0.88 -0.91
C VAL A 59 -6.83 1.09 0.18
N ARG A 60 -6.62 2.11 1.00
CA ARG A 60 -7.56 2.42 2.08
C ARG A 60 -8.82 3.08 1.53
N TYR A 61 -8.64 4.01 0.59
CA TYR A 61 -9.75 4.72 -0.02
C TYR A 61 -10.66 3.76 -0.78
N LYS A 62 -10.05 2.95 -1.64
CA LYS A 62 -10.80 1.98 -2.44
C LYS A 62 -11.44 0.92 -1.55
N SER A 63 -10.79 0.62 -0.43
CA SER A 63 -11.30 -0.37 0.51
C SER A 63 -12.40 0.23 1.39
N ASN A 64 -12.36 1.55 1.56
CA ASN A 64 -13.35 2.24 2.37
C ASN A 64 -13.26 1.78 3.83
N LEU A 65 -12.05 1.52 4.29
CA LEU A 65 -11.83 1.08 5.66
C LEU A 65 -10.94 2.07 6.41
N PRO A 66 -11.22 2.26 7.71
CA PRO A 66 -10.46 3.17 8.56
C PRO A 66 -9.05 2.66 8.85
N LEU A 67 -8.15 3.56 9.19
CA LEU A 67 -6.77 3.20 9.50
C LEU A 67 -6.72 2.08 10.54
N THR A 68 -7.64 2.12 11.50
CA THR A 68 -7.70 1.12 12.55
C THR A 68 -7.84 -0.28 11.95
N GLU A 69 -8.52 -0.36 10.81
CA GLU A 69 -8.73 -1.65 10.15
C GLU A 69 -7.54 -1.99 9.25
N ILE A 70 -7.27 -1.13 8.28
CA ILE A 70 -6.16 -1.34 7.35
C ILE A 70 -4.86 -1.63 8.10
N ASN A 71 -4.72 -1.03 9.28
CA ASN A 71 -3.54 -1.23 10.10
C ASN A 71 -3.33 -2.70 10.43
N LYS A 72 -4.44 -3.40 10.68
CA LYS A 72 -4.38 -4.82 11.00
C LYS A 72 -4.33 -5.66 9.74
N ILE A 73 -5.06 -5.23 8.72
CA ILE A 73 -5.09 -5.94 7.45
C ILE A 73 -3.73 -5.95 6.77
N LEU A 74 -3.20 -4.76 6.52
CA LEU A 74 -1.89 -4.62 5.88
C LEU A 74 -0.84 -5.44 6.62
N LYS A 75 -0.98 -5.53 7.94
CA LYS A 75 -0.04 -6.29 8.75
C LYS A 75 -0.32 -7.79 8.67
N ASN A 76 -1.61 -8.14 8.57
CA ASN A 76 -2.01 -9.54 8.47
C ASN A 76 -1.34 -10.22 7.29
N LEU A 77 -1.61 -9.71 6.09
CA LEU A 77 -1.03 -10.27 4.88
C LEU A 77 0.48 -10.38 4.99
N GLU A 78 1.10 -9.40 5.65
CA GLU A 78 2.55 -9.39 5.84
C GLU A 78 3.01 -10.66 6.56
N SER A 79 2.45 -10.90 7.73
CA SER A 79 2.81 -12.07 8.53
C SER A 79 2.59 -13.35 7.73
N LYS A 80 1.53 -13.36 6.92
CA LYS A 80 1.20 -14.52 6.10
C LYS A 80 2.25 -14.73 5.00
N LYS A 81 3.10 -13.73 4.80
CA LYS A 81 4.15 -13.80 3.80
C LYS A 81 3.54 -13.92 2.40
N LEU A 82 2.41 -13.26 2.20
CA LEU A 82 1.73 -13.28 0.91
C LEU A 82 2.04 -12.02 0.11
N ILE A 83 2.35 -10.94 0.81
CA ILE A 83 2.68 -9.67 0.17
C ILE A 83 4.06 -9.19 0.57
N LYS A 84 4.52 -8.11 -0.07
CA LYS A 84 5.83 -7.55 0.22
C LYS A 84 5.75 -6.02 0.29
N ALA A 85 6.11 -5.47 1.45
CA ALA A 85 6.09 -4.03 1.64
C ALA A 85 7.29 -3.37 0.97
N VAL A 86 7.06 -2.19 0.40
CA VAL A 86 8.13 -1.46 -0.27
C VAL A 86 8.18 -0.01 0.20
N LYS A 87 9.29 0.37 0.83
CA LYS A 87 9.46 1.72 1.33
C LYS A 87 9.45 2.73 0.18
N SER A 88 9.03 3.96 0.48
CA SER A 88 8.97 5.01 -0.52
C SER A 88 9.69 6.27 -0.04
N VAL A 89 10.21 7.04 -0.98
CA VAL A 89 10.93 8.26 -0.66
C VAL A 89 10.58 9.39 -1.64
N SER A 90 10.86 9.17 -2.92
CA SER A 90 10.58 10.16 -3.95
C SER A 90 11.22 11.50 -3.60
N GLY A 91 12.55 11.55 -3.68
CA GLY A 91 13.25 12.79 -3.38
C GLY A 91 13.88 13.41 -4.60
N PRO A 92 14.62 14.52 -4.40
CA PRO A 92 15.28 15.24 -5.49
C PRO A 92 16.46 14.45 -6.06
N SER A 93 16.37 14.13 -7.35
CA SER A 93 17.43 13.37 -8.01
C SER A 93 17.38 13.60 -9.52
N SER A 94 18.54 13.56 -10.16
CA SER A 94 18.64 13.77 -11.60
C SER A 94 18.01 15.10 -12.00
N GLY A 95 18.58 16.19 -11.51
CA GLY A 95 18.07 17.50 -11.83
C GLY A 95 16.72 17.76 -11.20
N GLY A 1 -17.28 4.55 -7.41
CA GLY A 1 -18.01 3.36 -7.80
C GLY A 1 -18.87 3.59 -9.04
N SER A 2 -19.41 4.80 -9.17
CA SER A 2 -20.25 5.15 -10.31
C SER A 2 -20.12 6.63 -10.64
N SER A 3 -18.89 7.08 -10.85
CA SER A 3 -18.64 8.49 -11.17
C SER A 3 -17.36 8.63 -12.01
N GLY A 4 -17.18 9.81 -12.58
CA GLY A 4 -16.00 10.05 -13.40
C GLY A 4 -14.73 10.11 -12.57
N SER A 5 -13.65 10.56 -13.20
CA SER A 5 -12.36 10.66 -12.52
C SER A 5 -11.57 11.87 -13.00
N SER A 6 -10.58 12.29 -12.22
CA SER A 6 -9.76 13.44 -12.58
C SER A 6 -8.54 13.00 -13.38
N GLY A 7 -8.15 13.82 -14.35
CA GLY A 7 -7.01 13.51 -15.18
C GLY A 7 -5.70 13.96 -14.55
N GLY A 8 -4.75 14.37 -15.39
CA GLY A 8 -3.46 14.82 -14.90
C GLY A 8 -3.51 16.24 -14.38
N GLN A 9 -2.35 16.89 -14.33
CA GLN A 9 -2.25 18.26 -13.84
C GLN A 9 -0.88 18.84 -14.13
N LEU A 10 -0.84 20.13 -14.44
CA LEU A 10 0.42 20.82 -14.73
C LEU A 10 0.85 21.70 -13.56
N ASP A 11 0.65 21.20 -12.34
CA ASP A 11 1.01 21.93 -11.15
C ASP A 11 1.56 20.99 -10.08
N LEU A 12 2.42 21.52 -9.21
CA LEU A 12 3.02 20.73 -8.15
C LEU A 12 2.36 21.04 -6.81
N LEU A 13 2.34 20.05 -5.92
CA LEU A 13 1.74 20.21 -4.60
C LEU A 13 2.57 19.52 -3.53
N ARG A 14 2.65 20.13 -2.35
CA ARG A 14 3.41 19.56 -1.24
C ARG A 14 2.52 18.70 -0.35
N SER A 15 2.54 17.40 -0.58
CA SER A 15 1.73 16.47 0.21
C SER A 15 2.49 15.16 0.44
N ASN A 16 2.18 14.49 1.55
CA ASN A 16 2.82 13.23 1.88
C ASN A 16 1.83 12.07 1.76
N THR A 17 2.16 11.12 0.89
CA THR A 17 1.31 9.95 0.68
C THR A 17 1.45 8.95 1.82
N GLY A 18 2.66 8.45 2.02
CA GLY A 18 2.90 7.49 3.09
C GLY A 18 3.86 6.39 2.67
N LEU A 19 3.39 5.15 2.70
CA LEU A 19 4.21 4.01 2.32
C LEU A 19 3.60 3.26 1.15
N LEU A 20 4.44 2.55 0.41
CA LEU A 20 3.98 1.78 -0.74
C LEU A 20 3.85 0.30 -0.40
N TYR A 21 2.93 -0.38 -1.08
CA TYR A 21 2.71 -1.80 -0.84
C TYR A 21 2.57 -2.56 -2.15
N ARG A 22 2.95 -3.84 -2.14
CA ARG A 22 2.87 -4.67 -3.34
C ARG A 22 2.61 -6.13 -2.96
N ILE A 23 2.07 -6.90 -3.90
CA ILE A 23 1.78 -8.31 -3.66
C ILE A 23 2.98 -9.17 -4.00
N LYS A 24 3.04 -10.35 -3.38
CA LYS A 24 4.14 -11.28 -3.63
C LYS A 24 3.73 -12.36 -4.62
N ASP A 25 4.48 -12.45 -5.72
CA ASP A 25 4.20 -13.45 -6.75
C ASP A 25 2.78 -13.29 -7.29
N SER A 26 2.41 -14.13 -8.25
CA SER A 26 1.09 -14.07 -8.86
C SER A 26 0.40 -15.44 -8.80
N GLN A 27 1.09 -16.45 -9.32
CA GLN A 27 0.55 -17.81 -9.33
C GLN A 27 0.79 -18.50 -7.99
N ASN A 28 0.18 -17.97 -6.93
CA ASN A 28 0.34 -18.54 -5.60
C ASN A 28 -0.84 -18.16 -4.70
N ALA A 29 -0.71 -18.44 -3.41
CA ALA A 29 -1.76 -18.12 -2.46
C ALA A 29 -3.04 -18.89 -2.77
N GLY A 30 -4.12 -18.52 -2.09
CA GLY A 30 -5.40 -19.18 -2.31
C GLY A 30 -5.81 -20.04 -1.13
N LYS A 31 -5.23 -19.76 0.03
CA LYS A 31 -5.54 -20.52 1.24
C LYS A 31 -5.61 -19.60 2.46
N MET A 32 -5.92 -18.33 2.22
CA MET A 32 -6.02 -17.36 3.29
C MET A 32 -7.01 -17.81 4.36
N LYS A 33 -7.14 -17.02 5.43
CA LYS A 33 -8.05 -17.35 6.51
C LYS A 33 -8.17 -16.18 7.49
N GLY A 34 -9.11 -16.29 8.42
CA GLY A 34 -9.31 -15.23 9.40
C GLY A 34 -9.66 -13.91 8.76
N SER A 35 -10.95 -13.61 8.69
CA SER A 35 -11.41 -12.35 8.10
C SER A 35 -10.97 -12.26 6.64
N ASP A 36 -10.92 -13.40 5.97
CA ASP A 36 -10.51 -13.44 4.56
C ASP A 36 -11.37 -12.50 3.72
N ASN A 37 -12.59 -12.27 4.17
CA ASN A 37 -13.52 -11.39 3.46
C ASN A 37 -12.99 -9.97 3.40
N GLN A 38 -12.50 -9.49 4.54
CA GLN A 38 -11.96 -8.13 4.63
C GLN A 38 -10.55 -8.07 4.05
N GLU A 39 -9.79 -9.15 4.23
CA GLU A 39 -8.43 -9.22 3.72
C GLU A 39 -8.41 -9.25 2.20
N LYS A 40 -9.22 -10.13 1.62
CA LYS A 40 -9.30 -10.26 0.17
C LYS A 40 -9.60 -8.92 -0.48
N LEU A 41 -10.49 -8.15 0.14
CA LEU A 41 -10.86 -6.84 -0.39
C LEU A 41 -9.63 -5.94 -0.54
N VAL A 42 -8.61 -6.20 0.28
CA VAL A 42 -7.38 -5.42 0.23
C VAL A 42 -6.35 -6.07 -0.69
N TYR A 43 -6.22 -7.39 -0.59
CA TYR A 43 -5.27 -8.12 -1.42
C TYR A 43 -5.57 -7.92 -2.90
N GLN A 44 -6.84 -7.69 -3.22
CA GLN A 44 -7.25 -7.47 -4.59
C GLN A 44 -6.77 -6.12 -5.10
N ILE A 45 -6.86 -5.11 -4.25
CA ILE A 45 -6.43 -3.76 -4.61
C ILE A 45 -4.92 -3.69 -4.79
N ILE A 46 -4.19 -4.30 -3.86
CA ILE A 46 -2.74 -4.31 -3.91
C ILE A 46 -2.24 -5.11 -5.11
N GLU A 47 -2.93 -6.20 -5.41
CA GLU A 47 -2.56 -7.07 -6.53
C GLU A 47 -2.72 -6.32 -7.86
N ASP A 48 -3.79 -5.55 -7.98
CA ASP A 48 -4.06 -4.79 -9.19
C ASP A 48 -2.94 -3.81 -9.47
N ALA A 49 -2.25 -3.38 -8.42
CA ALA A 49 -1.15 -2.43 -8.55
C ALA A 49 0.02 -3.05 -9.30
N GLY A 50 0.22 -4.36 -9.11
CA GLY A 50 1.30 -5.05 -9.78
C GLY A 50 2.66 -4.58 -9.32
N ASN A 51 3.46 -4.05 -10.24
CA ASN A 51 4.79 -3.56 -9.92
C ASN A 51 4.74 -2.12 -9.42
N LYS A 52 3.74 -1.38 -9.87
CA LYS A 52 3.57 0.01 -9.48
C LYS A 52 3.30 0.11 -7.98
N GLY A 53 2.64 -0.90 -7.42
CA GLY A 53 2.33 -0.90 -6.00
C GLY A 53 1.26 0.11 -5.64
N ILE A 54 0.65 -0.07 -4.47
CA ILE A 54 -0.39 0.83 -4.01
C ILE A 54 -0.05 1.41 -2.64
N TRP A 55 -0.26 2.71 -2.49
CA TRP A 55 0.03 3.39 -1.23
C TRP A 55 -1.03 3.02 -0.17
N SER A 56 -0.61 3.02 1.08
CA SER A 56 -1.51 2.69 2.18
C SER A 56 -2.78 3.55 2.11
N ARG A 57 -2.64 4.75 1.59
CA ARG A 57 -3.77 5.66 1.46
C ARG A 57 -4.72 5.21 0.34
N ASP A 58 -4.14 4.88 -0.81
CA ASP A 58 -4.92 4.44 -1.95
C ASP A 58 -5.73 3.18 -1.61
N VAL A 59 -5.02 2.13 -1.21
CA VAL A 59 -5.67 0.87 -0.84
C VAL A 59 -6.72 1.08 0.23
N ARG A 60 -6.55 2.14 1.02
CA ARG A 60 -7.49 2.46 2.09
C ARG A 60 -8.75 3.10 1.54
N TYR A 61 -8.58 4.02 0.59
CA TYR A 61 -9.70 4.71 -0.03
C TYR A 61 -10.57 3.75 -0.83
N LYS A 62 -9.93 3.00 -1.73
CA LYS A 62 -10.65 2.04 -2.56
C LYS A 62 -11.33 0.98 -1.71
N SER A 63 -10.71 0.64 -0.58
CA SER A 63 -11.25 -0.36 0.33
C SER A 63 -12.34 0.25 1.21
N ASN A 64 -12.28 1.56 1.41
CA ASN A 64 -13.26 2.26 2.24
C ASN A 64 -13.19 1.77 3.69
N LEU A 65 -11.98 1.55 4.17
CA LEU A 65 -11.77 1.08 5.54
C LEU A 65 -10.92 2.07 6.33
N PRO A 66 -11.25 2.23 7.62
CA PRO A 66 -10.52 3.14 8.52
C PRO A 66 -9.11 2.64 8.82
N LEU A 67 -8.22 3.57 9.19
CA LEU A 67 -6.84 3.23 9.50
C LEU A 67 -6.79 2.14 10.57
N THR A 68 -7.79 2.12 11.44
CA THR A 68 -7.87 1.13 12.51
C THR A 68 -7.99 -0.28 11.94
N GLU A 69 -8.63 -0.39 10.78
CA GLU A 69 -8.82 -1.68 10.13
C GLU A 69 -7.62 -2.01 9.23
N ILE A 70 -7.35 -1.14 8.27
CA ILE A 70 -6.24 -1.35 7.36
C ILE A 70 -4.94 -1.64 8.10
N ASN A 71 -4.81 -1.06 9.29
CA ASN A 71 -3.62 -1.26 10.12
C ASN A 71 -3.40 -2.73 10.40
N LYS A 72 -4.48 -3.44 10.72
CA LYS A 72 -4.42 -4.86 11.02
C LYS A 72 -4.36 -5.68 9.73
N ILE A 73 -5.08 -5.24 8.72
CA ILE A 73 -5.11 -5.93 7.44
C ILE A 73 -3.73 -5.93 6.77
N LEU A 74 -3.19 -4.74 6.54
CA LEU A 74 -1.89 -4.60 5.92
C LEU A 74 -0.84 -5.40 6.69
N LYS A 75 -1.02 -5.52 7.99
CA LYS A 75 -0.10 -6.27 8.84
C LYS A 75 -0.39 -7.76 8.78
N ASN A 76 -1.63 -8.11 8.48
CA ASN A 76 -2.05 -9.50 8.39
C ASN A 76 -1.37 -10.19 7.21
N LEU A 77 -1.63 -9.68 6.00
CA LEU A 77 -1.06 -10.24 4.80
C LEU A 77 0.46 -10.37 4.92
N GLU A 78 1.08 -9.39 5.55
CA GLU A 78 2.53 -9.40 5.74
C GLU A 78 2.97 -10.68 6.45
N SER A 79 2.41 -10.92 7.63
CA SER A 79 2.76 -12.10 8.41
C SER A 79 2.51 -13.38 7.60
N LYS A 80 1.45 -13.36 6.80
CA LYS A 80 1.10 -14.51 5.98
C LYS A 80 2.14 -14.73 4.88
N LYS A 81 3.00 -13.74 4.69
CA LYS A 81 4.04 -13.82 3.66
C LYS A 81 3.44 -13.91 2.27
N LEU A 82 2.30 -13.24 2.08
CA LEU A 82 1.62 -13.24 0.79
C LEU A 82 1.94 -11.99 0.00
N ILE A 83 2.28 -10.92 0.72
CA ILE A 83 2.62 -9.65 0.07
C ILE A 83 4.01 -9.17 0.49
N LYS A 84 4.46 -8.09 -0.13
CA LYS A 84 5.79 -7.53 0.18
C LYS A 84 5.72 -6.01 0.27
N ALA A 85 6.05 -5.49 1.44
CA ALA A 85 6.04 -4.05 1.67
C ALA A 85 7.24 -3.38 1.01
N VAL A 86 7.02 -2.20 0.44
CA VAL A 86 8.08 -1.45 -0.21
C VAL A 86 8.12 0.00 0.27
N LYS A 87 9.23 0.37 0.92
CA LYS A 87 9.40 1.72 1.42
C LYS A 87 10.29 2.54 0.50
N SER A 88 10.03 3.85 0.45
CA SER A 88 10.80 4.74 -0.40
C SER A 88 12.18 5.02 0.20
N VAL A 89 13.23 4.86 -0.60
CA VAL A 89 14.59 5.09 -0.15
C VAL A 89 14.87 6.58 0.04
N SER A 90 15.34 6.93 1.24
CA SER A 90 15.63 8.33 1.54
C SER A 90 17.14 8.57 1.52
N GLY A 91 17.91 7.58 1.95
CA GLY A 91 19.35 7.71 1.97
C GLY A 91 19.87 8.23 3.29
N PRO A 92 20.06 7.32 4.25
CA PRO A 92 20.56 7.67 5.59
C PRO A 92 22.03 8.11 5.57
N SER A 93 22.75 7.69 4.53
CA SER A 93 24.16 8.02 4.39
C SER A 93 24.96 7.48 5.57
N SER A 94 26.26 7.75 5.56
CA SER A 94 27.15 7.28 6.62
C SER A 94 27.22 8.30 7.75
N GLY A 95 27.04 7.82 8.98
CA GLY A 95 27.08 8.69 10.14
C GLY A 95 26.62 8.00 11.40
N GLY A 1 -31.23 7.97 -3.20
CA GLY A 1 -30.19 8.75 -3.83
C GLY A 1 -30.23 8.65 -5.35
N SER A 2 -29.81 9.72 -6.02
CA SER A 2 -29.81 9.75 -7.48
C SER A 2 -28.57 10.47 -8.01
N SER A 3 -27.69 9.72 -8.66
CA SER A 3 -26.46 10.28 -9.21
C SER A 3 -25.90 9.38 -10.31
N GLY A 4 -24.89 9.87 -11.01
CA GLY A 4 -24.27 9.11 -12.07
C GLY A 4 -23.34 9.95 -12.94
N SER A 5 -22.49 10.73 -12.29
CA SER A 5 -21.55 11.59 -13.01
C SER A 5 -20.54 12.21 -12.04
N SER A 6 -19.41 11.54 -11.86
CA SER A 6 -18.37 12.02 -10.97
C SER A 6 -17.14 11.12 -11.03
N GLY A 7 -15.97 11.74 -11.16
CA GLY A 7 -14.73 10.98 -11.23
C GLY A 7 -13.70 11.63 -12.12
N GLY A 8 -12.43 11.35 -11.85
CA GLY A 8 -11.36 11.93 -12.64
C GLY A 8 -10.67 13.08 -11.95
N GLN A 9 -11.15 14.29 -12.19
CA GLN A 9 -10.57 15.49 -11.58
C GLN A 9 -11.37 15.91 -10.36
N LEU A 10 -10.78 15.77 -9.18
CA LEU A 10 -11.44 16.15 -7.94
C LEU A 10 -10.48 16.91 -7.02
N ASP A 11 -9.93 18.00 -7.53
CA ASP A 11 -9.00 18.82 -6.75
C ASP A 11 -7.81 17.99 -6.27
N LEU A 12 -6.92 18.63 -5.52
CA LEU A 12 -5.74 17.94 -5.00
C LEU A 12 -4.90 17.38 -6.14
N LEU A 13 -3.89 18.13 -6.56
CA LEU A 13 -3.01 17.70 -7.63
C LEU A 13 -1.85 16.88 -7.09
N ARG A 14 -1.17 17.41 -6.06
CA ARG A 14 -0.04 16.72 -5.45
C ARG A 14 -0.14 16.76 -3.93
N SER A 15 0.02 15.61 -3.29
CA SER A 15 -0.04 15.53 -1.84
C SER A 15 1.06 14.63 -1.30
N ASN A 16 1.24 14.65 0.02
CA ASN A 16 2.26 13.84 0.67
C ASN A 16 1.78 12.41 0.87
N THR A 17 2.44 11.47 0.20
CA THR A 17 2.08 10.06 0.31
C THR A 17 2.73 9.41 1.53
N GLY A 18 2.40 8.15 1.78
CA GLY A 18 2.95 7.44 2.91
C GLY A 18 3.88 6.32 2.49
N LEU A 19 3.46 5.09 2.73
CA LEU A 19 4.26 3.92 2.38
C LEU A 19 3.65 3.18 1.19
N LEU A 20 4.48 2.44 0.46
CA LEU A 20 4.02 1.69 -0.70
C LEU A 20 3.87 0.21 -0.36
N TYR A 21 2.96 -0.46 -1.06
CA TYR A 21 2.72 -1.88 -0.84
C TYR A 21 2.61 -2.63 -2.16
N ARG A 22 2.82 -3.94 -2.10
CA ARG A 22 2.75 -4.78 -3.29
C ARG A 22 2.49 -6.23 -2.92
N ILE A 23 1.99 -7.00 -3.89
CA ILE A 23 1.70 -8.41 -3.67
C ILE A 23 2.88 -9.30 -4.06
N LYS A 24 2.98 -10.44 -3.41
CA LYS A 24 4.07 -11.38 -3.68
C LYS A 24 3.55 -12.60 -4.44
N ASP A 25 4.00 -12.76 -5.68
CA ASP A 25 3.59 -13.89 -6.50
C ASP A 25 2.08 -13.87 -6.75
N SER A 26 1.68 -13.39 -7.92
CA SER A 26 0.26 -13.31 -8.27
C SER A 26 -0.33 -14.70 -8.49
N GLN A 27 -0.73 -15.34 -7.40
CA GLN A 27 -1.31 -16.68 -7.46
C GLN A 27 -1.77 -17.14 -6.08
N ASN A 28 -0.81 -17.45 -5.22
CA ASN A 28 -1.10 -17.92 -3.87
C ASN A 28 0.18 -18.13 -3.07
N ALA A 29 0.02 -18.31 -1.76
CA ALA A 29 1.17 -18.53 -0.88
C ALA A 29 0.71 -18.91 0.52
N GLY A 30 -0.43 -19.58 0.61
CA GLY A 30 -0.95 -20.00 1.90
C GLY A 30 -2.38 -20.48 1.82
N LYS A 31 -3.11 -20.38 2.93
CA LYS A 31 -4.50 -20.81 2.98
C LYS A 31 -5.42 -19.63 3.28
N MET A 32 -4.89 -18.61 3.94
CA MET A 32 -5.66 -17.43 4.29
C MET A 32 -6.85 -17.79 5.16
N LYS A 33 -6.70 -17.62 6.46
CA LYS A 33 -7.77 -17.92 7.41
C LYS A 33 -8.15 -16.69 8.22
N GLY A 34 -9.13 -16.85 9.09
CA GLY A 34 -9.58 -15.74 9.91
C GLY A 34 -10.27 -14.65 9.10
N SER A 35 -9.79 -13.43 9.25
CA SER A 35 -10.36 -12.29 8.53
C SER A 35 -9.91 -12.30 7.06
N ASP A 36 -10.39 -13.29 6.32
CA ASP A 36 -10.04 -13.41 4.90
C ASP A 36 -10.98 -12.56 4.04
N ASN A 37 -12.20 -12.35 4.52
CA ASN A 37 -13.19 -11.56 3.79
C ASN A 37 -12.83 -10.09 3.82
N GLN A 38 -12.10 -9.67 4.86
CA GLN A 38 -11.69 -8.28 5.00
C GLN A 38 -10.37 -8.03 4.29
N GLU A 39 -9.56 -9.08 4.16
CA GLU A 39 -8.26 -8.98 3.50
C GLU A 39 -8.40 -9.19 2.00
N LYS A 40 -9.26 -10.12 1.61
CA LYS A 40 -9.48 -10.42 0.20
C LYS A 40 -9.79 -9.16 -0.58
N LEU A 41 -10.43 -8.19 0.09
CA LEU A 41 -10.80 -6.94 -0.54
C LEU A 41 -9.56 -6.06 -0.76
N VAL A 42 -8.65 -6.09 0.20
CA VAL A 42 -7.43 -5.30 0.12
C VAL A 42 -6.43 -5.92 -0.86
N TYR A 43 -6.19 -7.22 -0.70
CA TYR A 43 -5.27 -7.94 -1.57
C TYR A 43 -5.61 -7.71 -3.04
N GLN A 44 -6.90 -7.69 -3.34
CA GLN A 44 -7.36 -7.48 -4.71
C GLN A 44 -6.87 -6.14 -5.25
N ILE A 45 -6.91 -5.12 -4.41
CA ILE A 45 -6.46 -3.79 -4.81
C ILE A 45 -4.94 -3.73 -4.95
N ILE A 46 -4.24 -4.26 -3.95
CA ILE A 46 -2.78 -4.27 -3.96
C ILE A 46 -2.25 -5.08 -5.15
N GLU A 47 -2.98 -6.12 -5.51
CA GLU A 47 -2.59 -6.97 -6.63
C GLU A 47 -2.69 -6.22 -7.95
N ASP A 48 -3.71 -5.38 -8.06
CA ASP A 48 -3.93 -4.59 -9.28
C ASP A 48 -2.85 -3.53 -9.43
N ALA A 49 -2.27 -3.11 -8.32
CA ALA A 49 -1.21 -2.10 -8.33
C ALA A 49 0.00 -2.59 -9.11
N GLY A 50 0.20 -3.90 -9.11
CA GLY A 50 1.34 -4.47 -9.82
C GLY A 50 2.67 -3.90 -9.35
N ASN A 51 3.64 -3.86 -10.26
CA ASN A 51 4.96 -3.34 -9.92
C ASN A 51 4.86 -1.91 -9.39
N LYS A 52 3.82 -1.20 -9.80
CA LYS A 52 3.61 0.18 -9.37
C LYS A 52 3.30 0.23 -7.87
N GLY A 53 2.62 -0.79 -7.37
CA GLY A 53 2.29 -0.83 -5.96
C GLY A 53 1.24 0.20 -5.58
N ILE A 54 0.58 -0.01 -4.45
CA ILE A 54 -0.45 0.91 -3.99
C ILE A 54 -0.10 1.46 -2.61
N TRP A 55 -0.27 2.76 -2.43
CA TRP A 55 0.02 3.41 -1.16
C TRP A 55 -1.07 3.12 -0.14
N SER A 56 -0.69 3.08 1.14
CA SER A 56 -1.63 2.81 2.22
C SER A 56 -2.82 3.76 2.15
N ARG A 57 -2.60 4.94 1.60
CA ARG A 57 -3.66 5.95 1.48
C ARG A 57 -4.60 5.60 0.32
N ASP A 58 -4.05 4.97 -0.71
CA ASP A 58 -4.84 4.59 -1.87
C ASP A 58 -5.65 3.32 -1.59
N VAL A 59 -4.95 2.26 -1.19
CA VAL A 59 -5.60 0.99 -0.90
C VAL A 59 -6.69 1.16 0.16
N ARG A 60 -6.55 2.19 0.98
CA ARG A 60 -7.52 2.47 2.03
C ARG A 60 -8.79 3.07 1.45
N TYR A 61 -8.64 3.97 0.49
CA TYR A 61 -9.77 4.62 -0.15
C TYR A 61 -10.60 3.60 -0.94
N LYS A 62 -9.93 2.83 -1.78
CA LYS A 62 -10.60 1.82 -2.59
C LYS A 62 -11.22 0.74 -1.71
N SER A 63 -10.59 0.47 -0.58
CA SER A 63 -11.08 -0.54 0.35
C SER A 63 -12.23 0.01 1.19
N ASN A 64 -12.25 1.33 1.37
CA ASN A 64 -13.29 1.98 2.16
C ASN A 64 -13.23 1.53 3.62
N LEU A 65 -12.02 1.26 4.09
CA LEU A 65 -11.82 0.83 5.47
C LEU A 65 -10.99 1.84 6.24
N PRO A 66 -11.33 2.02 7.53
CA PRO A 66 -10.63 2.96 8.41
C PRO A 66 -9.22 2.50 8.75
N LEU A 67 -8.36 3.44 9.14
CA LEU A 67 -6.99 3.14 9.49
C LEU A 67 -6.92 2.00 10.51
N THR A 68 -7.84 2.02 11.46
CA THR A 68 -7.89 1.00 12.50
C THR A 68 -7.99 -0.40 11.89
N GLU A 69 -8.60 -0.48 10.72
CA GLU A 69 -8.75 -1.76 10.03
C GLU A 69 -7.55 -2.05 9.13
N ILE A 70 -7.30 -1.16 8.18
CA ILE A 70 -6.17 -1.31 7.27
C ILE A 70 -4.88 -1.56 8.02
N ASN A 71 -4.75 -0.96 9.20
CA ASN A 71 -3.56 -1.13 10.02
C ASN A 71 -3.35 -2.60 10.39
N LYS A 72 -4.45 -3.30 10.62
CA LYS A 72 -4.39 -4.71 10.99
C LYS A 72 -4.34 -5.59 9.75
N ILE A 73 -5.08 -5.19 8.71
CA ILE A 73 -5.12 -5.93 7.46
C ILE A 73 -3.76 -5.94 6.77
N LEU A 74 -3.23 -4.75 6.50
CA LEU A 74 -1.93 -4.61 5.85
C LEU A 74 -0.87 -5.43 6.59
N LYS A 75 -1.00 -5.51 7.91
CA LYS A 75 -0.05 -6.25 8.73
C LYS A 75 -0.34 -7.75 8.67
N ASN A 76 -1.63 -8.09 8.60
CA ASN A 76 -2.04 -9.49 8.54
C ASN A 76 -1.41 -10.19 7.35
N LEU A 77 -1.71 -9.71 6.14
CA LEU A 77 -1.16 -10.29 4.93
C LEU A 77 0.36 -10.40 5.01
N GLU A 78 0.99 -9.42 5.66
CA GLU A 78 2.43 -9.42 5.81
C GLU A 78 2.91 -10.68 6.50
N SER A 79 2.42 -10.91 7.71
CA SER A 79 2.80 -12.08 8.49
C SER A 79 2.51 -13.37 7.71
N LYS A 80 1.44 -13.35 6.94
CA LYS A 80 1.05 -14.52 6.14
C LYS A 80 2.04 -14.75 5.01
N LYS A 81 2.91 -13.77 4.77
CA LYS A 81 3.91 -13.87 3.72
C LYS A 81 3.26 -13.97 2.34
N LEU A 82 2.13 -13.30 2.19
CA LEU A 82 1.40 -13.30 0.92
C LEU A 82 1.72 -12.05 0.11
N ILE A 83 2.10 -10.98 0.80
CA ILE A 83 2.44 -9.72 0.13
C ILE A 83 3.85 -9.27 0.50
N LYS A 84 4.29 -8.19 -0.13
CA LYS A 84 5.62 -7.65 0.15
C LYS A 84 5.57 -6.12 0.28
N ALA A 85 6.00 -5.61 1.42
CA ALA A 85 6.00 -4.18 1.67
C ALA A 85 7.22 -3.51 1.03
N VAL A 86 7.02 -2.32 0.47
CA VAL A 86 8.09 -1.59 -0.17
C VAL A 86 8.15 -0.15 0.33
N LYS A 87 9.24 0.20 0.98
CA LYS A 87 9.43 1.56 1.51
C LYS A 87 10.01 2.48 0.45
N SER A 88 9.68 3.76 0.55
CA SER A 88 10.17 4.75 -0.40
C SER A 88 11.43 5.43 0.12
N VAL A 89 12.30 5.86 -0.80
CA VAL A 89 13.54 6.53 -0.44
C VAL A 89 13.28 7.97 0.00
N SER A 90 14.29 8.59 0.60
CA SER A 90 14.17 9.96 1.06
C SER A 90 15.54 10.63 1.18
N GLY A 91 15.64 11.85 0.67
CA GLY A 91 16.90 12.57 0.72
C GLY A 91 17.95 11.95 -0.17
N PRO A 92 17.90 12.27 -1.47
CA PRO A 92 18.85 11.75 -2.45
C PRO A 92 20.26 12.31 -2.27
N SER A 93 21.26 11.59 -2.75
CA SER A 93 22.65 12.03 -2.63
C SER A 93 23.49 11.47 -3.78
N SER A 94 24.27 12.35 -4.40
CA SER A 94 25.11 11.95 -5.52
C SER A 94 25.99 10.77 -5.14
N GLY A 95 26.58 10.13 -6.15
CA GLY A 95 27.44 8.98 -5.90
C GLY A 95 28.20 8.55 -7.14
N GLY A 1 -5.41 18.25 14.61
CA GLY A 1 -6.51 18.06 13.68
C GLY A 1 -6.16 17.10 12.56
N SER A 2 -7.08 16.18 12.27
CA SER A 2 -6.87 15.19 11.22
C SER A 2 -7.95 15.30 10.14
N SER A 3 -8.09 16.49 9.58
CA SER A 3 -9.08 16.72 8.54
C SER A 3 -8.69 16.03 7.24
N GLY A 4 -7.39 15.92 7.00
CA GLY A 4 -6.91 15.28 5.79
C GLY A 4 -7.09 16.14 4.55
N SER A 5 -5.98 16.68 4.04
CA SER A 5 -6.03 17.53 2.87
C SER A 5 -5.31 16.87 1.69
N SER A 6 -6.09 16.34 0.76
CA SER A 6 -5.53 15.68 -0.42
C SER A 6 -5.64 16.56 -1.65
N GLY A 7 -5.61 17.88 -1.43
CA GLY A 7 -5.71 18.81 -2.53
C GLY A 7 -4.36 19.33 -2.98
N GLY A 8 -3.61 18.48 -3.68
CA GLY A 8 -2.30 18.88 -4.16
C GLY A 8 -1.56 17.75 -4.85
N GLN A 9 -0.35 18.02 -5.32
CA GLN A 9 0.45 17.02 -6.00
C GLN A 9 1.90 17.48 -6.14
N LEU A 10 2.43 18.06 -5.06
CA LEU A 10 3.81 18.54 -5.07
C LEU A 10 4.74 17.54 -4.38
N ASP A 11 6.04 17.69 -4.63
CA ASP A 11 7.03 16.80 -4.04
C ASP A 11 8.04 17.58 -3.23
N LEU A 12 7.56 18.29 -2.20
CA LEU A 12 8.44 19.08 -1.35
C LEU A 12 9.05 18.22 -0.25
N LEU A 13 10.03 18.78 0.45
CA LEU A 13 10.71 18.07 1.53
C LEU A 13 9.71 17.56 2.56
N ARG A 14 8.58 18.26 2.67
CA ARG A 14 7.54 17.88 3.62
C ARG A 14 7.13 16.42 3.43
N SER A 15 6.33 15.91 4.36
CA SER A 15 5.87 14.53 4.29
C SER A 15 4.82 14.35 3.20
N ASN A 16 5.22 13.66 2.13
CA ASN A 16 4.31 13.43 1.00
C ASN A 16 3.91 11.96 0.94
N THR A 17 2.60 11.72 0.87
CA THR A 17 2.08 10.36 0.80
C THR A 17 2.55 9.53 1.99
N GLY A 18 2.21 8.25 1.99
CA GLY A 18 2.60 7.37 3.07
C GLY A 18 3.61 6.31 2.63
N LEU A 19 3.20 5.05 2.69
CA LEU A 19 4.07 3.95 2.31
C LEU A 19 3.48 3.18 1.12
N LEU A 20 4.35 2.52 0.36
CA LEU A 20 3.91 1.74 -0.80
C LEU A 20 3.78 0.26 -0.44
N TYR A 21 2.89 -0.43 -1.13
CA TYR A 21 2.67 -1.85 -0.90
C TYR A 21 2.57 -2.62 -2.21
N ARG A 22 2.85 -3.91 -2.15
CA ARG A 22 2.80 -4.76 -3.34
C ARG A 22 2.58 -6.22 -2.95
N ILE A 23 1.98 -6.98 -3.86
CA ILE A 23 1.72 -8.40 -3.61
C ILE A 23 2.94 -9.25 -3.94
N LYS A 24 3.03 -10.43 -3.34
CA LYS A 24 4.14 -11.33 -3.57
C LYS A 24 3.72 -12.50 -4.46
N ASP A 25 4.38 -12.64 -5.60
CA ASP A 25 4.08 -13.70 -6.54
C ASP A 25 2.63 -13.60 -7.04
N SER A 26 2.29 -14.42 -8.03
CA SER A 26 0.95 -14.41 -8.59
C SER A 26 0.40 -15.84 -8.70
N GLN A 27 0.88 -16.71 -7.83
CA GLN A 27 0.44 -18.10 -7.81
C GLN A 27 0.57 -18.71 -6.43
N ASN A 28 0.39 -17.88 -5.40
CA ASN A 28 0.50 -18.34 -4.03
C ASN A 28 -0.58 -17.70 -3.15
N ALA A 29 -1.72 -18.36 -3.05
CA ALA A 29 -2.83 -17.85 -2.25
C ALA A 29 -3.71 -18.99 -1.75
N GLY A 30 -3.11 -19.93 -1.02
CA GLY A 30 -3.87 -21.05 -0.50
C GLY A 30 -3.59 -21.31 0.97
N LYS A 31 -3.11 -20.28 1.67
CA LYS A 31 -2.81 -20.40 3.09
C LYS A 31 -3.30 -19.17 3.85
N MET A 32 -4.48 -18.69 3.49
CA MET A 32 -5.08 -17.54 4.14
C MET A 32 -5.88 -17.95 5.37
N LYS A 33 -5.99 -17.04 6.33
CA LYS A 33 -6.73 -17.32 7.56
C LYS A 33 -7.38 -16.04 8.10
N GLY A 34 -8.24 -16.21 9.11
CA GLY A 34 -8.91 -15.06 9.69
C GLY A 34 -9.96 -14.47 8.78
N SER A 35 -10.13 -13.16 8.84
CA SER A 35 -11.12 -12.48 8.01
C SER A 35 -10.69 -12.45 6.56
N ASP A 36 -10.92 -13.56 5.86
CA ASP A 36 -10.55 -13.66 4.45
C ASP A 36 -11.35 -12.67 3.60
N ASN A 37 -12.56 -12.36 4.05
CA ASN A 37 -13.43 -11.43 3.34
C ASN A 37 -12.82 -10.03 3.30
N GLN A 38 -12.42 -9.53 4.46
CA GLN A 38 -11.81 -8.21 4.56
C GLN A 38 -10.37 -8.24 4.07
N GLU A 39 -9.72 -9.38 4.24
CA GLU A 39 -8.32 -9.53 3.82
C GLU A 39 -8.22 -9.56 2.30
N LYS A 40 -9.15 -10.26 1.66
CA LYS A 40 -9.16 -10.37 0.20
C LYS A 40 -9.47 -9.01 -0.44
N LEU A 41 -10.44 -8.31 0.12
CA LEU A 41 -10.82 -7.00 -0.40
C LEU A 41 -9.61 -6.08 -0.52
N VAL A 42 -8.64 -6.28 0.36
CA VAL A 42 -7.42 -5.47 0.36
C VAL A 42 -6.37 -6.06 -0.58
N TYR A 43 -6.21 -7.38 -0.51
CA TYR A 43 -5.24 -8.07 -1.34
C TYR A 43 -5.52 -7.85 -2.82
N GLN A 44 -6.80 -7.77 -3.17
CA GLN A 44 -7.21 -7.56 -4.56
C GLN A 44 -6.74 -6.20 -5.05
N ILE A 45 -6.91 -5.17 -4.22
CA ILE A 45 -6.49 -3.82 -4.56
C ILE A 45 -4.98 -3.74 -4.77
N ILE A 46 -4.23 -4.31 -3.82
CA ILE A 46 -2.78 -4.30 -3.90
C ILE A 46 -2.28 -5.11 -5.09
N GLU A 47 -3.04 -6.15 -5.44
CA GLU A 47 -2.69 -7.01 -6.56
C GLU A 47 -2.82 -6.26 -7.89
N ASP A 48 -3.89 -5.48 -8.02
CA ASP A 48 -4.14 -4.72 -9.23
C ASP A 48 -3.01 -3.74 -9.50
N ALA A 49 -2.38 -3.26 -8.43
CA ALA A 49 -1.27 -2.32 -8.55
C ALA A 49 -0.08 -2.96 -9.26
N GLY A 50 0.07 -4.27 -9.07
CA GLY A 50 1.18 -4.98 -9.69
C GLY A 50 2.52 -4.41 -9.29
N ASN A 51 3.33 -4.06 -10.28
CA ASN A 51 4.66 -3.50 -10.03
C ASN A 51 4.57 -2.06 -9.57
N LYS A 52 3.49 -1.38 -9.97
CA LYS A 52 3.28 0.02 -9.59
C LYS A 52 3.05 0.14 -8.10
N GLY A 53 2.53 -0.91 -7.48
CA GLY A 53 2.26 -0.90 -6.06
C GLY A 53 1.21 0.12 -5.68
N ILE A 54 0.56 -0.10 -4.54
CA ILE A 54 -0.47 0.81 -4.06
C ILE A 54 -0.11 1.41 -2.71
N TRP A 55 -0.30 2.72 -2.58
CA TRP A 55 0.01 3.42 -1.33
C TRP A 55 -1.04 3.14 -0.27
N SER A 56 -0.63 3.15 0.99
CA SER A 56 -1.54 2.90 2.10
C SER A 56 -2.72 3.84 2.06
N ARG A 57 -2.52 5.02 1.47
CA ARG A 57 -3.57 6.02 1.36
C ARG A 57 -4.54 5.68 0.24
N ASP A 58 -4.04 4.95 -0.77
CA ASP A 58 -4.85 4.55 -1.91
C ASP A 58 -5.67 3.31 -1.59
N VAL A 59 -4.97 2.24 -1.19
CA VAL A 59 -5.63 0.98 -0.85
C VAL A 59 -6.69 1.19 0.22
N ARG A 60 -6.51 2.24 1.03
CA ARG A 60 -7.46 2.54 2.10
C ARG A 60 -8.71 3.22 1.55
N TYR A 61 -8.52 4.13 0.62
CA TYR A 61 -9.63 4.86 0.01
C TYR A 61 -10.50 3.92 -0.82
N LYS A 62 -9.88 3.17 -1.72
CA LYS A 62 -10.60 2.23 -2.57
C LYS A 62 -11.29 1.16 -1.74
N SER A 63 -10.67 0.81 -0.62
CA SER A 63 -11.24 -0.20 0.27
C SER A 63 -12.32 0.39 1.16
N ASN A 64 -12.25 1.70 1.37
CA ASN A 64 -13.23 2.40 2.21
C ASN A 64 -13.17 1.89 3.65
N LEU A 65 -11.96 1.64 4.13
CA LEU A 65 -11.77 1.15 5.50
C LEU A 65 -10.91 2.12 6.30
N PRO A 66 -11.24 2.26 7.60
CA PRO A 66 -10.51 3.15 8.50
C PRO A 66 -9.10 2.64 8.81
N LEU A 67 -8.22 3.55 9.19
CA LEU A 67 -6.84 3.20 9.50
C LEU A 67 -6.80 2.10 10.57
N THR A 68 -7.81 2.08 11.43
CA THR A 68 -7.90 1.07 12.48
C THR A 68 -8.03 -0.33 11.91
N GLU A 69 -8.64 -0.42 10.72
CA GLU A 69 -8.83 -1.70 10.07
C GLU A 69 -7.65 -2.05 9.18
N ILE A 70 -7.36 -1.16 8.22
CA ILE A 70 -6.24 -1.36 7.31
C ILE A 70 -4.95 -1.66 8.06
N ASN A 71 -4.83 -1.10 9.25
CA ASN A 71 -3.65 -1.31 10.08
C ASN A 71 -3.44 -2.79 10.37
N LYS A 72 -4.54 -3.48 10.69
CA LYS A 72 -4.48 -4.90 10.99
C LYS A 72 -4.41 -5.73 9.72
N ILE A 73 -5.11 -5.27 8.68
CA ILE A 73 -5.13 -5.96 7.40
C ILE A 73 -3.74 -5.97 6.77
N LEU A 74 -3.20 -4.78 6.52
CA LEU A 74 -1.88 -4.65 5.92
C LEU A 74 -0.84 -5.44 6.70
N LYS A 75 -1.05 -5.57 8.00
CA LYS A 75 -0.13 -6.31 8.86
C LYS A 75 -0.42 -7.81 8.79
N ASN A 76 -1.67 -8.15 8.51
CA ASN A 76 -2.07 -9.55 8.41
C ASN A 76 -1.39 -10.24 7.24
N LEU A 77 -1.65 -9.73 6.03
CA LEU A 77 -1.06 -10.30 4.82
C LEU A 77 0.46 -10.41 4.96
N GLU A 78 1.06 -9.42 5.61
CA GLU A 78 2.51 -9.42 5.80
C GLU A 78 2.96 -10.67 6.52
N SER A 79 2.40 -10.92 7.70
CA SER A 79 2.75 -12.09 8.49
C SER A 79 2.53 -13.37 7.69
N LYS A 80 1.48 -13.38 6.88
CA LYS A 80 1.16 -14.54 6.06
C LYS A 80 2.21 -14.75 4.98
N LYS A 81 3.06 -13.75 4.78
CA LYS A 81 4.11 -13.82 3.77
C LYS A 81 3.52 -13.93 2.37
N LEU A 82 2.39 -13.29 2.16
CA LEU A 82 1.72 -13.31 0.87
C LEU A 82 2.03 -12.04 0.07
N ILE A 83 2.34 -10.96 0.78
CA ILE A 83 2.65 -9.69 0.14
C ILE A 83 4.04 -9.21 0.55
N LYS A 84 4.49 -8.12 -0.07
CA LYS A 84 5.79 -7.54 0.24
C LYS A 84 5.71 -6.02 0.31
N ALA A 85 6.02 -5.47 1.48
CA ALA A 85 5.99 -4.03 1.68
C ALA A 85 7.20 -3.35 1.03
N VAL A 86 6.97 -2.18 0.45
CA VAL A 86 8.04 -1.43 -0.20
C VAL A 86 8.06 0.02 0.27
N LYS A 87 9.16 0.40 0.93
CA LYS A 87 9.31 1.76 1.43
C LYS A 87 9.84 2.69 0.34
N SER A 88 9.36 3.93 0.36
CA SER A 88 9.78 4.91 -0.64
C SER A 88 11.06 5.62 -0.19
N VAL A 89 11.90 5.98 -1.17
CA VAL A 89 13.15 6.65 -0.88
C VAL A 89 12.99 8.17 -0.95
N SER A 90 13.03 8.81 0.22
CA SER A 90 12.88 10.25 0.29
C SER A 90 13.27 10.77 1.68
N GLY A 91 14.44 10.37 2.15
CA GLY A 91 14.92 10.79 3.45
C GLY A 91 16.20 10.11 3.86
N PRO A 92 16.84 10.61 4.91
CA PRO A 92 18.10 10.07 5.43
C PRO A 92 17.92 8.69 6.07
N SER A 93 18.47 7.67 5.43
CA SER A 93 18.36 6.31 5.94
C SER A 93 19.71 5.81 6.46
N SER A 94 19.74 4.57 6.92
CA SER A 94 20.97 3.98 7.44
C SER A 94 21.50 4.80 8.61
N GLY A 95 20.62 5.15 9.54
CA GLY A 95 21.04 5.94 10.70
C GLY A 95 19.85 6.47 11.48
N GLY A 1 10.88 25.48 -28.32
CA GLY A 1 11.91 24.99 -27.43
C GLY A 1 11.58 23.62 -26.86
N SER A 2 12.60 22.78 -26.70
CA SER A 2 12.41 21.44 -26.17
C SER A 2 13.73 20.87 -25.65
N SER A 3 14.17 21.37 -24.50
CA SER A 3 15.42 20.91 -23.90
C SER A 3 15.29 20.79 -22.38
N GLY A 4 14.22 20.13 -21.94
CA GLY A 4 14.00 19.96 -20.52
C GLY A 4 12.83 20.79 -20.01
N SER A 5 12.03 20.21 -19.12
CA SER A 5 10.87 20.90 -18.57
C SER A 5 11.27 21.74 -17.36
N SER A 6 10.56 22.84 -17.16
CA SER A 6 10.85 23.74 -16.04
C SER A 6 9.86 23.51 -14.91
N GLY A 7 10.09 22.46 -14.13
CA GLY A 7 9.21 22.15 -13.01
C GLY A 7 9.39 20.74 -12.49
N GLY A 8 8.46 20.29 -11.67
CA GLY A 8 8.54 18.95 -11.12
C GLY A 8 9.12 18.94 -9.72
N GLN A 9 8.59 18.05 -8.88
CA GLN A 9 9.05 17.94 -7.49
C GLN A 9 8.82 19.24 -6.74
N LEU A 10 7.63 19.37 -6.15
CA LEU A 10 7.28 20.57 -5.39
C LEU A 10 8.11 20.67 -4.12
N ASP A 11 8.60 21.87 -3.83
CA ASP A 11 9.41 22.10 -2.64
C ASP A 11 10.69 21.28 -2.68
N LEU A 12 11.59 21.56 -1.75
CA LEU A 12 12.87 20.86 -1.68
C LEU A 12 12.75 19.60 -0.84
N LEU A 13 12.39 19.77 0.43
CA LEU A 13 12.24 18.64 1.34
C LEU A 13 10.86 18.63 1.97
N ARG A 14 10.14 17.53 1.82
CA ARG A 14 8.80 17.40 2.39
C ARG A 14 8.40 15.93 2.48
N SER A 15 7.13 15.69 2.85
CA SER A 15 6.62 14.34 2.98
C SER A 15 5.28 14.20 2.26
N ASN A 16 5.30 13.50 1.12
CA ASN A 16 4.08 13.28 0.35
C ASN A 16 3.66 11.81 0.37
N THR A 17 2.36 11.58 0.41
CA THR A 17 1.83 10.23 0.44
C THR A 17 2.39 9.45 1.62
N GLY A 18 2.04 8.17 1.70
CA GLY A 18 2.52 7.33 2.79
C GLY A 18 3.47 6.25 2.30
N LEU A 19 3.23 5.02 2.76
CA LEU A 19 4.08 3.89 2.38
C LEU A 19 3.47 3.14 1.20
N LEU A 20 4.32 2.45 0.45
CA LEU A 20 3.87 1.69 -0.71
C LEU A 20 3.74 0.21 -0.36
N TYR A 21 2.83 -0.48 -1.06
CA TYR A 21 2.61 -1.90 -0.83
C TYR A 21 2.50 -2.65 -2.14
N ARG A 22 2.78 -3.96 -2.11
CA ARG A 22 2.70 -4.79 -3.30
C ARG A 22 2.49 -6.25 -2.93
N ILE A 23 1.95 -7.03 -3.87
CA ILE A 23 1.70 -8.45 -3.64
C ILE A 23 2.93 -9.28 -3.96
N LYS A 24 3.01 -10.46 -3.35
CA LYS A 24 4.13 -11.36 -3.57
C LYS A 24 3.73 -12.52 -4.48
N ASP A 25 4.56 -12.79 -5.49
CA ASP A 25 4.29 -13.86 -6.43
C ASP A 25 2.95 -13.66 -7.12
N SER A 26 2.57 -14.63 -7.94
CA SER A 26 1.30 -14.56 -8.68
C SER A 26 0.58 -15.89 -8.63
N GLN A 27 0.84 -16.68 -7.58
CA GLN A 27 0.21 -17.97 -7.41
C GLN A 27 0.11 -18.35 -5.95
N ASN A 28 0.06 -17.34 -5.08
CA ASN A 28 -0.04 -17.56 -3.65
C ASN A 28 -1.44 -17.23 -3.14
N ALA A 29 -1.62 -17.29 -1.82
CA ALA A 29 -2.91 -17.01 -1.20
C ALA A 29 -3.97 -18.00 -1.66
N GLY A 30 -3.88 -19.23 -1.14
CA GLY A 30 -4.83 -20.25 -1.49
C GLY A 30 -5.88 -20.49 -0.42
N LYS A 31 -5.52 -20.15 0.82
CA LYS A 31 -6.43 -20.33 1.95
C LYS A 31 -6.86 -18.97 2.51
N MET A 32 -5.92 -18.28 3.15
CA MET A 32 -6.20 -16.98 3.72
C MET A 32 -7.30 -17.07 4.77
N LYS A 33 -6.89 -17.13 6.05
CA LYS A 33 -7.86 -17.23 7.14
C LYS A 33 -7.85 -15.95 7.97
N GLY A 34 -8.76 -15.87 8.94
CA GLY A 34 -8.85 -14.70 9.79
C GLY A 34 -9.25 -13.46 9.03
N SER A 35 -10.53 -13.12 9.08
CA SER A 35 -11.05 -11.96 8.38
C SER A 35 -10.63 -11.98 6.91
N ASP A 36 -10.58 -13.18 6.34
CA ASP A 36 -10.20 -13.34 4.94
C ASP A 36 -11.10 -12.49 4.03
N ASN A 37 -12.33 -12.25 4.48
CA ASN A 37 -13.28 -11.46 3.72
C ASN A 37 -12.90 -9.98 3.71
N GLN A 38 -12.20 -9.57 4.76
CA GLN A 38 -11.76 -8.18 4.88
C GLN A 38 -10.41 -7.97 4.21
N GLU A 39 -9.63 -9.04 4.11
CA GLU A 39 -8.31 -8.96 3.48
C GLU A 39 -8.41 -9.21 1.98
N LYS A 40 -9.28 -10.13 1.60
CA LYS A 40 -9.47 -10.47 0.19
C LYS A 40 -9.73 -9.22 -0.63
N LEU A 41 -10.37 -8.23 0.00
CA LEU A 41 -10.69 -6.98 -0.68
C LEU A 41 -9.43 -6.11 -0.85
N VAL A 42 -8.56 -6.15 0.15
CA VAL A 42 -7.32 -5.38 0.11
C VAL A 42 -6.31 -6.01 -0.84
N TYR A 43 -6.14 -7.32 -0.72
CA TYR A 43 -5.19 -8.05 -1.56
C TYR A 43 -5.49 -7.80 -3.04
N GLN A 44 -6.76 -7.60 -3.35
CA GLN A 44 -7.18 -7.35 -4.72
C GLN A 44 -6.68 -6.00 -5.22
N ILE A 45 -6.77 -4.98 -4.36
CA ILE A 45 -6.32 -3.64 -4.71
C ILE A 45 -4.80 -3.58 -4.84
N ILE A 46 -4.11 -4.24 -3.91
CA ILE A 46 -2.66 -4.27 -3.92
C ILE A 46 -2.13 -5.08 -5.10
N GLU A 47 -2.87 -6.12 -5.47
CA GLU A 47 -2.48 -6.98 -6.58
C GLU A 47 -2.61 -6.24 -7.91
N ASP A 48 -3.71 -5.51 -8.06
CA ASP A 48 -3.96 -4.75 -9.28
C ASP A 48 -2.80 -3.81 -9.59
N ALA A 49 -2.08 -3.41 -8.55
CA ALA A 49 -0.94 -2.52 -8.72
C ALA A 49 0.25 -3.25 -9.33
N GLY A 50 0.39 -4.53 -9.00
CA GLY A 50 1.49 -5.32 -9.52
C GLY A 50 2.84 -4.77 -9.13
N ASN A 51 3.52 -4.13 -10.09
CA ASN A 51 4.82 -3.55 -9.84
C ASN A 51 4.71 -2.11 -9.36
N LYS A 52 3.67 -1.41 -9.83
CA LYS A 52 3.44 -0.03 -9.44
C LYS A 52 3.14 0.08 -7.95
N GLY A 53 2.51 -0.96 -7.40
CA GLY A 53 2.18 -0.96 -5.99
C GLY A 53 1.13 0.08 -5.63
N ILE A 54 0.51 -0.09 -4.47
CA ILE A 54 -0.52 0.84 -4.02
C ILE A 54 -0.18 1.40 -2.64
N TRP A 55 -0.35 2.71 -2.49
CA TRP A 55 -0.06 3.37 -1.21
C TRP A 55 -1.16 3.08 -0.19
N SER A 56 -0.77 3.03 1.08
CA SER A 56 -1.72 2.76 2.16
C SER A 56 -2.89 3.74 2.11
N ARG A 57 -2.63 4.92 1.57
CA ARG A 57 -3.67 5.95 1.47
C ARG A 57 -4.63 5.65 0.32
N ASP A 58 -4.13 4.97 -0.70
CA ASP A 58 -4.94 4.62 -1.86
C ASP A 58 -5.77 3.36 -1.59
N VAL A 59 -5.08 2.28 -1.22
CA VAL A 59 -5.75 1.03 -0.93
C VAL A 59 -6.82 1.21 0.15
N ARG A 60 -6.64 2.21 0.99
CA ARG A 60 -7.58 2.49 2.06
C ARG A 60 -8.84 3.15 1.52
N TYR A 61 -8.67 4.10 0.60
CA TYR A 61 -9.79 4.81 0.00
C TYR A 61 -10.68 3.85 -0.78
N LYS A 62 -10.06 3.06 -1.66
CA LYS A 62 -10.79 2.10 -2.47
C LYS A 62 -11.43 1.01 -1.59
N SER A 63 -10.77 0.70 -0.48
CA SER A 63 -11.28 -0.31 0.43
C SER A 63 -12.38 0.24 1.31
N ASN A 64 -12.37 1.56 1.51
CA ASN A 64 -13.38 2.23 2.33
C ASN A 64 -13.30 1.76 3.77
N LEU A 65 -12.08 1.47 4.23
CA LEU A 65 -11.86 1.02 5.60
C LEU A 65 -10.99 2.00 6.36
N PRO A 66 -11.29 2.18 7.67
CA PRO A 66 -10.55 3.08 8.54
C PRO A 66 -9.14 2.58 8.83
N LEU A 67 -8.25 3.50 9.20
CA LEU A 67 -6.87 3.15 9.51
C LEU A 67 -6.81 2.01 10.52
N THR A 68 -7.73 2.03 11.49
CA THR A 68 -7.78 0.99 12.52
C THR A 68 -7.91 -0.39 11.89
N GLU A 69 -8.57 -0.46 10.74
CA GLU A 69 -8.75 -1.73 10.05
C GLU A 69 -7.56 -2.05 9.16
N ILE A 70 -7.28 -1.15 8.21
CA ILE A 70 -6.16 -1.33 7.29
C ILE A 70 -4.88 -1.61 8.05
N ASN A 71 -4.76 -1.04 9.25
CA ASN A 71 -3.57 -1.23 10.06
C ASN A 71 -3.36 -2.71 10.39
N LYS A 72 -4.46 -3.39 10.71
CA LYS A 72 -4.39 -4.81 11.04
C LYS A 72 -4.34 -5.66 9.79
N ILE A 73 -5.06 -5.23 8.76
CA ILE A 73 -5.09 -5.96 7.50
C ILE A 73 -3.72 -5.96 6.82
N LEU A 74 -3.20 -4.77 6.56
CA LEU A 74 -1.89 -4.64 5.92
C LEU A 74 -0.83 -5.43 6.69
N LYS A 75 -1.02 -5.54 8.00
CA LYS A 75 -0.07 -6.27 8.85
C LYS A 75 -0.37 -7.76 8.81
N ASN A 76 -1.63 -8.12 8.58
CA ASN A 76 -2.03 -9.51 8.51
C ASN A 76 -1.38 -10.22 7.32
N LEU A 77 -1.67 -9.73 6.12
CA LEU A 77 -1.12 -10.31 4.91
C LEU A 77 0.40 -10.42 5.00
N GLU A 78 1.02 -9.42 5.63
CA GLU A 78 2.47 -9.41 5.78
C GLU A 78 2.95 -10.67 6.50
N SER A 79 2.44 -10.89 7.70
CA SER A 79 2.82 -12.06 8.50
C SER A 79 2.55 -13.35 7.72
N LYS A 80 1.48 -13.35 6.93
CA LYS A 80 1.11 -14.52 6.14
C LYS A 80 2.12 -14.76 5.03
N LYS A 81 2.98 -13.78 4.79
CA LYS A 81 4.00 -13.87 3.75
C LYS A 81 3.36 -13.99 2.37
N LEU A 82 2.23 -13.32 2.20
CA LEU A 82 1.52 -13.36 0.92
C LEU A 82 1.83 -12.11 0.10
N ILE A 83 2.19 -11.03 0.78
CA ILE A 83 2.52 -9.78 0.11
C ILE A 83 3.92 -9.29 0.50
N LYS A 84 4.35 -8.20 -0.11
CA LYS A 84 5.66 -7.62 0.18
C LYS A 84 5.58 -6.11 0.28
N ALA A 85 5.97 -5.58 1.44
CA ALA A 85 5.95 -4.14 1.68
C ALA A 85 7.15 -3.47 1.02
N VAL A 86 6.92 -2.28 0.46
CA VAL A 86 7.98 -1.52 -0.19
C VAL A 86 8.02 -0.08 0.30
N LYS A 87 9.12 0.29 0.95
CA LYS A 87 9.29 1.64 1.47
C LYS A 87 10.05 2.52 0.48
N SER A 88 9.61 3.77 0.35
CA SER A 88 10.25 4.70 -0.57
C SER A 88 11.18 5.64 0.18
N VAL A 89 12.25 6.07 -0.49
CA VAL A 89 13.22 6.98 0.11
C VAL A 89 12.99 8.41 -0.34
N SER A 90 12.67 9.27 0.62
CA SER A 90 12.42 10.68 0.32
C SER A 90 12.82 11.57 1.50
N GLY A 91 12.42 11.15 2.70
CA GLY A 91 12.75 11.91 3.89
C GLY A 91 11.69 11.79 4.96
N PRO A 92 11.75 10.71 5.74
CA PRO A 92 10.79 10.44 6.82
C PRO A 92 10.96 11.41 7.99
N SER A 93 9.99 11.40 8.90
CA SER A 93 10.03 12.28 10.06
C SER A 93 10.05 13.74 9.64
N SER A 94 8.87 14.37 9.61
CA SER A 94 8.76 15.77 9.22
C SER A 94 8.10 16.58 10.34
N GLY A 95 8.91 17.03 11.29
CA GLY A 95 8.39 17.82 12.39
C GLY A 95 8.05 19.24 11.98
N GLY A 1 -3.65 14.92 -39.75
CA GLY A 1 -3.43 14.54 -38.37
C GLY A 1 -3.34 13.05 -38.18
N SER A 2 -3.00 12.62 -36.97
CA SER A 2 -2.88 11.20 -36.67
C SER A 2 -3.86 10.79 -35.57
N SER A 3 -4.34 9.55 -35.64
CA SER A 3 -5.28 9.03 -34.66
C SER A 3 -4.58 8.13 -33.66
N GLY A 4 -3.81 8.74 -32.75
CA GLY A 4 -3.09 7.97 -31.75
C GLY A 4 -2.00 8.77 -31.09
N SER A 5 -2.37 9.88 -30.47
CA SER A 5 -1.40 10.74 -29.81
C SER A 5 -1.41 10.50 -28.29
N SER A 6 -0.42 11.06 -27.60
CA SER A 6 -0.32 10.90 -26.16
C SER A 6 -0.76 12.17 -25.44
N GLY A 7 -1.64 12.03 -24.46
CA GLY A 7 -2.13 13.17 -23.72
C GLY A 7 -1.15 13.63 -22.65
N GLY A 8 -1.67 14.18 -21.57
CA GLY A 8 -0.81 14.65 -20.49
C GLY A 8 -1.61 15.21 -19.33
N GLN A 9 -1.60 16.54 -19.20
CA GLN A 9 -2.32 17.21 -18.12
C GLN A 9 -1.80 16.75 -16.76
N LEU A 10 -2.36 17.33 -15.70
CA LEU A 10 -1.96 16.98 -14.35
C LEU A 10 -0.49 17.28 -14.12
N ASP A 11 -0.04 17.15 -12.88
CA ASP A 11 1.35 17.41 -12.52
C ASP A 11 1.84 16.43 -11.47
N LEU A 12 3.11 16.53 -11.11
CA LEU A 12 3.70 15.66 -10.10
C LEU A 12 4.20 16.45 -8.91
N LEU A 13 3.49 16.35 -7.79
CA LEU A 13 3.86 17.07 -6.58
C LEU A 13 4.38 16.10 -5.51
N ARG A 14 5.34 16.56 -4.72
CA ARG A 14 5.92 15.73 -3.67
C ARG A 14 5.28 16.05 -2.32
N SER A 15 4.05 15.60 -2.14
CA SER A 15 3.32 15.84 -0.89
C SER A 15 3.35 14.60 0.00
N ASN A 16 2.65 14.68 1.12
CA ASN A 16 2.59 13.56 2.07
C ASN A 16 1.66 12.46 1.56
N THR A 17 2.25 11.35 1.12
CA THR A 17 1.48 10.23 0.61
C THR A 17 1.44 9.09 1.62
N GLY A 18 2.60 8.54 1.93
CA GLY A 18 2.67 7.44 2.88
C GLY A 18 3.64 6.35 2.45
N LEU A 19 3.27 5.10 2.71
CA LEU A 19 4.11 3.97 2.34
C LEU A 19 3.52 3.22 1.16
N LEU A 20 4.37 2.51 0.42
CA LEU A 20 3.92 1.74 -0.74
C LEU A 20 3.80 0.26 -0.39
N TYR A 21 2.90 -0.42 -1.08
CA TYR A 21 2.68 -1.85 -0.85
C TYR A 21 2.57 -2.61 -2.16
N ARG A 22 2.81 -3.91 -2.12
CA ARG A 22 2.74 -4.75 -3.30
C ARG A 22 2.51 -6.21 -2.93
N ILE A 23 1.95 -6.98 -3.85
CA ILE A 23 1.67 -8.39 -3.61
C ILE A 23 2.90 -9.25 -3.91
N LYS A 24 2.96 -10.42 -3.32
CA LYS A 24 4.07 -11.34 -3.52
C LYS A 24 3.65 -12.52 -4.39
N ASP A 25 4.30 -12.66 -5.55
CA ASP A 25 4.00 -13.76 -6.47
C ASP A 25 2.50 -13.78 -6.80
N SER A 26 2.09 -14.83 -7.50
CA SER A 26 0.69 -14.98 -7.89
C SER A 26 0.34 -16.44 -8.13
N GLN A 27 0.91 -17.32 -7.31
CA GLN A 27 0.67 -18.75 -7.44
C GLN A 27 1.10 -19.49 -6.17
N ASN A 28 1.06 -18.79 -5.04
CA ASN A 28 1.45 -19.38 -3.76
C ASN A 28 0.63 -18.79 -2.62
N ALA A 29 -0.54 -19.37 -2.39
CA ALA A 29 -1.42 -18.89 -1.32
C ALA A 29 -2.40 -19.99 -0.91
N GLY A 30 -2.34 -20.37 0.36
CA GLY A 30 -3.23 -21.41 0.87
C GLY A 30 -4.69 -20.99 0.82
N LYS A 31 -5.15 -20.38 1.91
CA LYS A 31 -6.54 -19.93 1.99
C LYS A 31 -6.70 -18.82 3.03
N MET A 32 -5.62 -18.07 3.25
CA MET A 32 -5.64 -16.97 4.21
C MET A 32 -6.05 -17.47 5.59
N LYS A 33 -6.18 -16.55 6.53
CA LYS A 33 -6.57 -16.88 7.89
C LYS A 33 -7.43 -15.78 8.51
N GLY A 34 -8.20 -16.14 9.53
CA GLY A 34 -9.05 -15.16 10.19
C GLY A 34 -9.94 -14.42 9.21
N SER A 35 -10.03 -13.11 9.38
CA SER A 35 -10.86 -12.29 8.50
C SER A 35 -10.31 -12.29 7.07
N ASP A 36 -10.78 -13.23 6.27
CA ASP A 36 -10.35 -13.34 4.88
C ASP A 36 -11.21 -12.47 3.97
N ASN A 37 -12.45 -12.23 4.39
CA ASN A 37 -13.37 -11.41 3.62
C ASN A 37 -12.97 -9.94 3.67
N GLN A 38 -12.32 -9.54 4.76
CA GLN A 38 -11.88 -8.16 4.93
C GLN A 38 -10.51 -7.94 4.28
N GLU A 39 -9.73 -9.01 4.17
CA GLU A 39 -8.40 -8.93 3.58
C GLU A 39 -8.46 -9.14 2.07
N LYS A 40 -9.33 -10.06 1.64
CA LYS A 40 -9.49 -10.37 0.23
C LYS A 40 -9.76 -9.09 -0.57
N LEU A 41 -10.41 -8.12 0.07
CA LEU A 41 -10.73 -6.86 -0.58
C LEU A 41 -9.49 -5.98 -0.72
N VAL A 42 -8.60 -6.07 0.27
CA VAL A 42 -7.37 -5.29 0.26
C VAL A 42 -6.34 -5.90 -0.68
N TYR A 43 -6.16 -7.22 -0.58
CA TYR A 43 -5.20 -7.93 -1.42
C TYR A 43 -5.49 -7.67 -2.90
N GLN A 44 -6.77 -7.56 -3.24
CA GLN A 44 -7.17 -7.31 -4.62
C GLN A 44 -6.64 -5.97 -5.11
N ILE A 45 -6.74 -4.95 -4.26
CA ILE A 45 -6.27 -3.62 -4.61
C ILE A 45 -4.76 -3.60 -4.79
N ILE A 46 -4.05 -4.26 -3.88
CA ILE A 46 -2.60 -4.32 -3.94
C ILE A 46 -2.12 -5.15 -5.13
N GLU A 47 -2.89 -6.18 -5.46
CA GLU A 47 -2.56 -7.06 -6.58
C GLU A 47 -2.75 -6.34 -7.91
N ASP A 48 -3.81 -5.53 -8.00
CA ASP A 48 -4.11 -4.79 -9.21
C ASP A 48 -2.99 -3.81 -9.54
N ALA A 49 -2.25 -3.39 -8.51
CA ALA A 49 -1.16 -2.45 -8.69
C ALA A 49 0.00 -3.11 -9.43
N GLY A 50 0.18 -4.41 -9.21
CA GLY A 50 1.26 -5.14 -9.87
C GLY A 50 2.62 -4.72 -9.36
N ASN A 51 3.42 -4.11 -10.24
CA ASN A 51 4.75 -3.66 -9.88
C ASN A 51 4.73 -2.22 -9.38
N LYS A 52 3.75 -1.45 -9.85
CA LYS A 52 3.61 -0.06 -9.44
C LYS A 52 3.34 0.05 -7.94
N GLY A 53 2.61 -0.93 -7.40
CA GLY A 53 2.31 -0.92 -5.98
C GLY A 53 1.24 0.10 -5.63
N ILE A 54 0.59 -0.11 -4.48
CA ILE A 54 -0.45 0.80 -4.03
C ILE A 54 -0.13 1.39 -2.66
N TRP A 55 -0.31 2.70 -2.52
CA TRP A 55 -0.03 3.37 -1.27
C TRP A 55 -1.11 3.07 -0.23
N SER A 56 -0.71 3.04 1.04
CA SER A 56 -1.64 2.76 2.12
C SER A 56 -2.85 3.68 2.06
N ARG A 57 -2.65 4.89 1.53
CA ARG A 57 -3.72 5.86 1.40
C ARG A 57 -4.67 5.49 0.28
N ASP A 58 -4.13 4.89 -0.78
CA ASP A 58 -4.93 4.49 -1.93
C ASP A 58 -5.73 3.22 -1.61
N VAL A 59 -5.03 2.17 -1.21
CA VAL A 59 -5.67 0.91 -0.88
C VAL A 59 -6.74 1.10 0.20
N ARG A 60 -6.57 2.13 1.01
CA ARG A 60 -7.52 2.43 2.07
C ARG A 60 -8.78 3.09 1.52
N TYR A 61 -8.59 4.02 0.58
CA TYR A 61 -9.71 4.71 -0.03
C TYR A 61 -10.56 3.76 -0.86
N LYS A 62 -9.92 3.03 -1.76
CA LYS A 62 -10.61 2.08 -2.62
C LYS A 62 -11.31 1.00 -1.79
N SER A 63 -10.70 0.66 -0.66
CA SER A 63 -11.26 -0.37 0.23
C SER A 63 -12.35 0.23 1.11
N ASN A 64 -12.28 1.54 1.33
CA ASN A 64 -13.26 2.22 2.17
C ASN A 64 -13.21 1.71 3.60
N LEU A 65 -12.00 1.48 4.10
CA LEU A 65 -11.80 0.99 5.46
C LEU A 65 -10.97 1.96 6.27
N PRO A 66 -11.31 2.09 7.56
CA PRO A 66 -10.60 3.00 8.48
C PRO A 66 -9.18 2.50 8.80
N LEU A 67 -8.31 3.43 9.17
CA LEU A 67 -6.93 3.09 9.51
C LEU A 67 -6.88 1.97 10.53
N THR A 68 -7.80 2.00 11.49
CA THR A 68 -7.86 0.98 12.53
C THR A 68 -7.98 -0.40 11.94
N GLU A 69 -8.62 -0.49 10.77
CA GLU A 69 -8.81 -1.77 10.09
C GLU A 69 -7.61 -2.10 9.20
N ILE A 70 -7.34 -1.21 8.24
CA ILE A 70 -6.23 -1.41 7.31
C ILE A 70 -4.93 -1.67 8.07
N ASN A 71 -4.82 -1.09 9.26
CA ASN A 71 -3.63 -1.26 10.09
C ASN A 71 -3.39 -2.74 10.40
N LYS A 72 -4.47 -3.45 10.73
CA LYS A 72 -4.38 -4.87 11.05
C LYS A 72 -4.34 -5.71 9.78
N ILE A 73 -5.07 -5.27 8.76
CA ILE A 73 -5.11 -6.00 7.49
C ILE A 73 -3.74 -5.99 6.82
N LEU A 74 -3.23 -4.80 6.55
CA LEU A 74 -1.93 -4.65 5.91
C LEU A 74 -0.86 -5.46 6.64
N LYS A 75 -1.00 -5.55 7.96
CA LYS A 75 -0.06 -6.30 8.78
C LYS A 75 -0.34 -7.80 8.71
N ASN A 76 -1.62 -8.15 8.55
CA ASN A 76 -2.01 -9.55 8.47
C ASN A 76 -1.36 -10.23 7.28
N LEU A 77 -1.64 -9.73 6.08
CA LEU A 77 -1.07 -10.29 4.86
C LEU A 77 0.45 -10.40 4.96
N GLU A 78 1.06 -9.43 5.61
CA GLU A 78 2.51 -9.42 5.78
C GLU A 78 2.98 -10.68 6.49
N SER A 79 2.44 -10.92 7.67
CA SER A 79 2.81 -12.10 8.46
C SER A 79 2.56 -13.38 7.67
N LYS A 80 1.51 -13.38 6.87
CA LYS A 80 1.16 -14.53 6.06
C LYS A 80 2.19 -14.76 4.96
N LYS A 81 3.05 -13.76 4.75
CA LYS A 81 4.08 -13.85 3.72
C LYS A 81 3.46 -13.94 2.33
N LEU A 82 2.33 -13.29 2.14
CA LEU A 82 1.64 -13.31 0.85
C LEU A 82 1.95 -12.05 0.05
N ILE A 83 2.28 -10.97 0.76
CA ILE A 83 2.59 -9.70 0.11
C ILE A 83 3.98 -9.22 0.52
N LYS A 84 4.43 -8.13 -0.10
CA LYS A 84 5.73 -7.55 0.19
C LYS A 84 5.65 -6.03 0.30
N ALA A 85 6.03 -5.50 1.45
CA ALA A 85 6.00 -4.06 1.68
C ALA A 85 7.20 -3.38 1.04
N VAL A 86 6.97 -2.19 0.48
CA VAL A 86 8.03 -1.45 -0.17
C VAL A 86 8.06 0.00 0.31
N LYS A 87 9.16 0.37 0.97
CA LYS A 87 9.32 1.73 1.49
C LYS A 87 10.00 2.63 0.47
N SER A 88 9.40 3.79 0.21
CA SER A 88 9.94 4.73 -0.75
C SER A 88 10.60 5.92 -0.04
N VAL A 89 11.92 5.92 -0.01
CA VAL A 89 12.68 6.99 0.64
C VAL A 89 12.36 7.06 2.12
N SER A 90 13.26 6.52 2.95
CA SER A 90 13.08 6.52 4.39
C SER A 90 14.42 6.45 5.11
N GLY A 91 15.30 7.40 4.80
CA GLY A 91 16.61 7.44 5.42
C GLY A 91 17.29 8.79 5.28
N PRO A 92 16.87 9.75 6.11
CA PRO A 92 17.42 11.11 6.10
C PRO A 92 18.86 11.15 6.61
N SER A 93 19.10 10.45 7.72
CA SER A 93 20.44 10.42 8.30
C SER A 93 20.94 11.83 8.62
N SER A 94 20.39 12.42 9.69
CA SER A 94 20.78 13.76 10.10
C SER A 94 20.51 14.76 8.98
N GLY A 95 20.92 16.00 9.20
CA GLY A 95 20.71 17.04 8.20
C GLY A 95 20.83 18.44 8.79
N GLY A 1 6.50 33.03 10.12
CA GLY A 1 5.52 31.96 9.98
C GLY A 1 6.12 30.70 9.42
N SER A 2 5.27 29.79 8.96
CA SER A 2 5.72 28.52 8.40
C SER A 2 5.32 28.40 6.93
N SER A 3 5.65 27.26 6.33
CA SER A 3 5.33 27.03 4.93
C SER A 3 3.82 27.03 4.71
N GLY A 4 3.40 27.08 3.45
CA GLY A 4 1.98 27.08 3.13
C GLY A 4 1.37 28.47 3.24
N SER A 5 1.88 29.40 2.45
CA SER A 5 1.38 30.77 2.46
C SER A 5 1.39 31.37 1.05
N SER A 6 0.27 31.95 0.66
CA SER A 6 0.15 32.56 -0.67
C SER A 6 0.38 34.06 -0.60
N GLY A 7 0.98 34.61 -1.65
CA GLY A 7 1.26 36.04 -1.70
C GLY A 7 2.54 36.35 -2.44
N GLY A 8 3.56 35.53 -2.23
CA GLY A 8 4.83 35.75 -2.90
C GLY A 8 5.89 34.75 -2.47
N GLN A 9 5.97 33.64 -3.19
CA GLN A 9 6.96 32.60 -2.88
C GLN A 9 6.88 31.47 -3.88
N LEU A 10 7.77 30.49 -3.75
CA LEU A 10 7.82 29.34 -4.65
C LEU A 10 7.40 28.07 -3.92
N ASP A 11 6.15 27.66 -4.13
CA ASP A 11 5.64 26.45 -3.50
C ASP A 11 5.57 25.30 -4.50
N LEU A 12 6.10 24.15 -4.11
CA LEU A 12 6.11 22.98 -4.98
C LEU A 12 4.93 22.07 -4.66
N LEU A 13 4.16 21.71 -5.68
CA LEU A 13 3.00 20.84 -5.51
C LEU A 13 3.43 19.43 -5.11
N ARG A 14 3.02 19.01 -3.91
CA ARG A 14 3.37 17.69 -3.41
C ARG A 14 2.28 17.17 -2.47
N SER A 15 1.62 16.09 -2.87
CA SER A 15 0.56 15.49 -2.07
C SER A 15 1.14 14.69 -0.91
N ASN A 16 0.31 14.45 0.10
CA ASN A 16 0.74 13.70 1.27
C ASN A 16 0.78 12.20 0.97
N THR A 17 1.98 11.65 0.83
CA THR A 17 2.15 10.24 0.55
C THR A 17 2.71 9.49 1.76
N GLY A 18 2.35 8.22 1.89
CA GLY A 18 2.83 7.42 3.01
C GLY A 18 3.78 6.32 2.56
N LEU A 19 3.36 5.08 2.76
CA LEU A 19 4.19 3.93 2.39
C LEU A 19 3.57 3.18 1.21
N LEU A 20 4.41 2.47 0.46
CA LEU A 20 3.94 1.71 -0.70
C LEU A 20 3.81 0.22 -0.35
N TYR A 21 2.90 -0.45 -1.03
CA TYR A 21 2.67 -1.88 -0.79
C TYR A 21 2.57 -2.63 -2.12
N ARG A 22 2.92 -3.92 -2.09
CA ARG A 22 2.86 -4.75 -3.28
C ARG A 22 2.58 -6.21 -2.91
N ILE A 23 2.04 -6.96 -3.87
CA ILE A 23 1.72 -8.36 -3.65
C ILE A 23 2.85 -9.26 -4.10
N LYS A 24 2.98 -10.42 -3.45
CA LYS A 24 4.02 -11.38 -3.78
C LYS A 24 3.45 -12.58 -4.51
N ASP A 25 3.85 -12.76 -5.77
CA ASP A 25 3.38 -13.88 -6.57
C ASP A 25 1.87 -13.81 -6.76
N SER A 26 1.43 -13.32 -7.91
CA SER A 26 0.01 -13.18 -8.21
C SER A 26 -0.56 -14.52 -8.69
N GLN A 27 -1.34 -15.16 -7.82
CA GLN A 27 -1.95 -16.45 -8.16
C GLN A 27 -2.84 -16.93 -7.02
N ASN A 28 -2.21 -17.40 -5.94
CA ASN A 28 -2.95 -17.90 -4.79
C ASN A 28 -3.00 -16.85 -3.69
N ALA A 29 -4.22 -16.49 -3.28
CA ALA A 29 -4.42 -15.49 -2.23
C ALA A 29 -5.87 -15.44 -1.78
N GLY A 30 -6.47 -16.62 -1.60
CA GLY A 30 -7.85 -16.69 -1.17
C GLY A 30 -8.04 -17.61 0.03
N LYS A 31 -8.91 -17.20 0.94
CA LYS A 31 -9.18 -17.98 2.14
C LYS A 31 -7.91 -18.21 2.95
N MET A 32 -7.28 -17.11 3.38
CA MET A 32 -6.06 -17.19 4.17
C MET A 32 -6.23 -18.13 5.36
N LYS A 33 -6.96 -17.67 6.37
CA LYS A 33 -7.20 -18.47 7.56
C LYS A 33 -8.08 -17.70 8.55
N GLY A 34 -9.25 -17.27 8.09
CA GLY A 34 -10.16 -16.54 8.94
C GLY A 34 -10.20 -15.06 8.62
N SER A 35 -11.39 -14.47 8.66
CA SER A 35 -11.55 -13.06 8.37
C SER A 35 -10.91 -12.70 7.04
N ASP A 36 -10.92 -13.65 6.10
CA ASP A 36 -10.34 -13.44 4.79
C ASP A 36 -11.22 -12.53 3.94
N ASN A 37 -12.52 -12.53 4.24
CA ASN A 37 -13.47 -11.71 3.51
C ASN A 37 -13.01 -10.25 3.46
N GLN A 38 -12.32 -9.82 4.50
CA GLN A 38 -11.82 -8.45 4.57
C GLN A 38 -10.42 -8.35 3.97
N GLU A 39 -9.62 -9.40 4.18
CA GLU A 39 -8.25 -9.42 3.66
C GLU A 39 -8.25 -9.38 2.14
N LYS A 40 -9.13 -10.17 1.52
CA LYS A 40 -9.23 -10.22 0.06
C LYS A 40 -9.53 -8.84 -0.51
N LEU A 41 -10.47 -8.14 0.12
CA LEU A 41 -10.85 -6.80 -0.34
C LEU A 41 -9.63 -5.89 -0.43
N VAL A 42 -8.64 -6.14 0.42
CA VAL A 42 -7.42 -5.35 0.43
C VAL A 42 -6.39 -5.92 -0.54
N TYR A 43 -6.19 -7.23 -0.49
CA TYR A 43 -5.23 -7.89 -1.36
C TYR A 43 -5.55 -7.63 -2.83
N GLN A 44 -6.83 -7.68 -3.16
CA GLN A 44 -7.29 -7.45 -4.53
C GLN A 44 -6.79 -6.10 -5.04
N ILE A 45 -6.93 -5.06 -4.21
CA ILE A 45 -6.49 -3.72 -4.58
C ILE A 45 -4.98 -3.67 -4.78
N ILE A 46 -4.25 -4.32 -3.88
CA ILE A 46 -2.79 -4.35 -3.96
C ILE A 46 -2.33 -5.12 -5.19
N GLU A 47 -3.07 -6.17 -5.54
CA GLU A 47 -2.72 -6.99 -6.70
C GLU A 47 -2.96 -6.22 -7.99
N ASP A 48 -3.92 -5.30 -7.96
CA ASP A 48 -4.25 -4.49 -9.14
C ASP A 48 -3.16 -3.47 -9.41
N ALA A 49 -2.43 -3.08 -8.37
CA ALA A 49 -1.35 -2.12 -8.51
C ALA A 49 -0.27 -2.63 -9.45
N GLY A 50 -0.03 -3.92 -9.42
CA GLY A 50 0.99 -4.52 -10.28
C GLY A 50 2.37 -4.43 -9.69
N ASN A 51 3.28 -3.74 -10.38
CA ASN A 51 4.65 -3.59 -9.91
C ASN A 51 4.84 -2.24 -9.22
N LYS A 52 4.06 -1.25 -9.63
CA LYS A 52 4.13 0.08 -9.06
C LYS A 52 3.72 0.08 -7.60
N GLY A 53 2.86 -0.88 -7.24
CA GLY A 53 2.39 -0.98 -5.87
C GLY A 53 1.35 0.06 -5.54
N ILE A 54 0.65 -0.13 -4.43
CA ILE A 54 -0.39 0.79 -4.00
C ILE A 54 -0.08 1.37 -2.62
N TRP A 55 -0.20 2.69 -2.49
CA TRP A 55 0.07 3.36 -1.23
C TRP A 55 -1.02 3.05 -0.21
N SER A 56 -0.64 3.01 1.07
CA SER A 56 -1.58 2.72 2.14
C SER A 56 -2.78 3.65 2.07
N ARG A 57 -2.56 4.86 1.55
CA ARG A 57 -3.63 5.84 1.42
C ARG A 57 -4.58 5.48 0.28
N ASP A 58 -4.03 4.89 -0.77
CA ASP A 58 -4.82 4.49 -1.93
C ASP A 58 -5.65 3.25 -1.62
N VAL A 59 -4.96 2.17 -1.25
CA VAL A 59 -5.64 0.92 -0.93
C VAL A 59 -6.72 1.13 0.14
N ARG A 60 -6.53 2.14 0.97
CA ARG A 60 -7.48 2.46 2.02
C ARG A 60 -8.73 3.11 1.44
N TYR A 61 -8.54 4.01 0.50
CA TYR A 61 -9.66 4.71 -0.14
C TYR A 61 -10.50 3.74 -0.98
N LYS A 62 -9.82 2.99 -1.85
CA LYS A 62 -10.49 2.03 -2.71
C LYS A 62 -11.19 0.95 -1.89
N SER A 63 -10.65 0.67 -0.71
CA SER A 63 -11.22 -0.34 0.17
C SER A 63 -12.32 0.26 1.05
N ASN A 64 -12.24 1.56 1.26
CA ASN A 64 -13.23 2.26 2.09
C ASN A 64 -13.20 1.75 3.53
N LEU A 65 -11.98 1.53 4.03
CA LEU A 65 -11.81 1.05 5.39
C LEU A 65 -10.97 2.02 6.21
N PRO A 66 -11.30 2.17 7.50
CA PRO A 66 -10.59 3.07 8.41
C PRO A 66 -9.19 2.57 8.73
N LEU A 67 -8.31 3.49 9.11
CA LEU A 67 -6.93 3.14 9.44
C LEU A 67 -6.88 2.03 10.49
N THR A 68 -7.79 2.10 11.45
CA THR A 68 -7.87 1.10 12.52
C THR A 68 -8.01 -0.30 11.93
N GLU A 69 -8.59 -0.39 10.74
CA GLU A 69 -8.78 -1.68 10.08
C GLU A 69 -7.60 -2.02 9.18
N ILE A 70 -7.33 -1.15 8.20
CA ILE A 70 -6.22 -1.35 7.29
C ILE A 70 -4.92 -1.60 8.03
N ASN A 71 -4.80 -1.00 9.21
CA ASN A 71 -3.60 -1.17 10.03
C ASN A 71 -3.37 -2.64 10.38
N LYS A 72 -4.45 -3.34 10.70
CA LYS A 72 -4.36 -4.76 11.04
C LYS A 72 -4.32 -5.62 9.79
N ILE A 73 -5.06 -5.21 8.76
CA ILE A 73 -5.10 -5.95 7.51
C ILE A 73 -3.74 -5.94 6.82
N LEU A 74 -3.23 -4.76 6.53
CA LEU A 74 -1.93 -4.61 5.88
C LEU A 74 -0.86 -5.41 6.63
N LYS A 75 -1.00 -5.48 7.94
CA LYS A 75 -0.05 -6.22 8.77
C LYS A 75 -0.33 -7.71 8.73
N ASN A 76 -1.61 -8.07 8.55
CA ASN A 76 -2.01 -9.47 8.51
C ASN A 76 -1.36 -10.18 7.31
N LEU A 77 -1.64 -9.68 6.12
CA LEU A 77 -1.09 -10.27 4.90
C LEU A 77 0.42 -10.39 4.99
N GLU A 78 1.06 -9.41 5.64
CA GLU A 78 2.50 -9.42 5.80
C GLU A 78 2.96 -10.68 6.52
N SER A 79 2.44 -10.91 7.71
CA SER A 79 2.80 -12.08 8.50
C SER A 79 2.53 -13.37 7.71
N LYS A 80 1.47 -13.37 6.92
CA LYS A 80 1.11 -14.52 6.11
C LYS A 80 2.13 -14.75 5.01
N LYS A 81 3.00 -13.77 4.79
CA LYS A 81 4.02 -13.86 3.76
C LYS A 81 3.40 -13.97 2.37
N LEU A 82 2.27 -13.31 2.19
CA LEU A 82 1.57 -13.32 0.90
C LEU A 82 1.89 -12.07 0.10
N ILE A 83 2.23 -10.99 0.79
CA ILE A 83 2.56 -9.73 0.13
C ILE A 83 3.96 -9.26 0.52
N LYS A 84 4.40 -8.17 -0.09
CA LYS A 84 5.72 -7.61 0.18
C LYS A 84 5.65 -6.09 0.30
N ALA A 85 6.02 -5.57 1.46
CA ALA A 85 6.01 -4.13 1.69
C ALA A 85 7.21 -3.46 1.04
N VAL A 86 6.99 -2.27 0.48
CA VAL A 86 8.05 -1.53 -0.17
C VAL A 86 8.09 -0.08 0.32
N LYS A 87 9.20 0.28 0.96
CA LYS A 87 9.37 1.63 1.48
C LYS A 87 9.76 2.60 0.37
N SER A 88 9.40 3.87 0.54
CA SER A 88 9.72 4.89 -0.45
C SER A 88 10.86 5.78 0.02
N VAL A 89 12.04 5.57 -0.53
CA VAL A 89 13.22 6.35 -0.16
C VAL A 89 13.41 6.37 1.35
N SER A 90 14.12 5.36 1.86
CA SER A 90 14.38 5.25 3.29
C SER A 90 13.07 5.18 4.07
N GLY A 91 13.19 5.23 5.39
CA GLY A 91 12.01 5.17 6.24
C GLY A 91 12.34 5.24 7.72
N PRO A 92 11.34 5.01 8.57
CA PRO A 92 11.51 5.05 10.03
C PRO A 92 12.35 3.89 10.54
N SER A 93 13.54 4.20 11.06
CA SER A 93 14.43 3.17 11.57
C SER A 93 14.27 3.03 13.09
N SER A 94 13.03 3.16 13.56
CA SER A 94 12.74 3.05 14.98
C SER A 94 12.38 1.61 15.35
N GLY A 95 13.38 0.88 15.83
CA GLY A 95 13.16 -0.50 16.22
C GLY A 95 13.72 -1.48 15.20
N GLY A 1 8.35 12.97 14.62
CA GLY A 1 7.98 14.13 13.85
C GLY A 1 7.15 15.12 14.66
N SER A 2 6.74 16.21 14.03
CA SER A 2 5.96 17.23 14.70
C SER A 2 4.55 17.30 14.11
N SER A 3 4.45 17.75 12.86
CA SER A 3 3.17 17.86 12.18
C SER A 3 2.22 18.78 12.95
N GLY A 4 0.99 18.90 12.47
CA GLY A 4 0.01 19.76 13.12
C GLY A 4 -1.33 19.08 13.30
N SER A 5 -1.32 17.91 13.94
CA SER A 5 -2.55 17.15 14.17
C SER A 5 -2.77 16.93 15.66
N SER A 6 -3.14 17.99 16.37
CA SER A 6 -3.39 17.90 17.80
C SER A 6 -4.87 18.10 18.11
N GLY A 7 -5.37 17.36 19.10
CA GLY A 7 -6.77 17.46 19.47
C GLY A 7 -7.16 18.88 19.85
N GLY A 8 -8.12 19.44 19.11
CA GLY A 8 -8.57 20.79 19.38
C GLY A 8 -9.37 21.37 18.24
N GLN A 9 -8.75 22.29 17.50
CA GLN A 9 -9.40 22.93 16.36
C GLN A 9 -9.33 22.05 15.12
N LEU A 10 -9.82 22.57 14.00
CA LEU A 10 -9.81 21.83 12.74
C LEU A 10 -8.38 21.48 12.33
N ASP A 11 -7.53 22.50 12.24
CA ASP A 11 -6.14 22.29 11.86
C ASP A 11 -6.04 21.48 10.56
N LEU A 12 -6.37 22.13 9.46
CA LEU A 12 -6.32 21.47 8.15
C LEU A 12 -4.92 21.53 7.56
N LEU A 13 -4.39 20.38 7.18
CA LEU A 13 -3.05 20.30 6.59
C LEU A 13 -3.08 19.56 5.27
N ARG A 14 -1.98 19.63 4.53
CA ARG A 14 -1.87 18.96 3.24
C ARG A 14 -1.84 17.45 3.41
N SER A 15 -2.23 16.73 2.37
CA SER A 15 -2.24 15.27 2.40
C SER A 15 -1.07 14.69 1.61
N ASN A 16 0.00 14.37 2.33
CA ASN A 16 1.19 13.80 1.71
C ASN A 16 1.09 12.28 1.63
N THR A 17 1.85 11.70 0.69
CA THR A 17 1.84 10.25 0.51
C THR A 17 2.41 9.55 1.73
N GLY A 18 2.08 8.26 1.88
CA GLY A 18 2.58 7.49 3.01
C GLY A 18 3.55 6.41 2.60
N LEU A 19 3.14 5.16 2.75
CA LEU A 19 4.00 4.02 2.38
C LEU A 19 3.40 3.25 1.21
N LEU A 20 4.25 2.55 0.47
CA LEU A 20 3.81 1.76 -0.67
C LEU A 20 3.68 0.29 -0.31
N TYR A 21 2.78 -0.41 -0.99
CA TYR A 21 2.55 -1.83 -0.73
C TYR A 21 2.42 -2.60 -2.05
N ARG A 22 2.87 -3.85 -2.03
CA ARG A 22 2.80 -4.69 -3.21
C ARG A 22 2.62 -6.16 -2.82
N ILE A 23 2.18 -6.97 -3.79
CA ILE A 23 1.97 -8.40 -3.54
C ILE A 23 3.27 -9.17 -3.67
N LYS A 24 3.30 -10.36 -3.06
CA LYS A 24 4.48 -11.21 -3.11
C LYS A 24 4.26 -12.41 -4.03
N ASP A 25 5.27 -12.75 -4.82
CA ASP A 25 5.17 -13.88 -5.74
C ASP A 25 4.11 -13.64 -6.79
N SER A 26 3.82 -12.37 -7.06
CA SER A 26 2.81 -12.00 -8.05
C SER A 26 1.49 -12.71 -7.76
N GLN A 27 0.88 -12.37 -6.62
CA GLN A 27 -0.39 -12.98 -6.23
C GLN A 27 -0.23 -14.48 -6.01
N ASN A 28 -0.19 -14.87 -4.73
CA ASN A 28 -0.03 -16.28 -4.38
C ASN A 28 -0.78 -16.60 -3.08
N ALA A 29 -2.09 -16.38 -3.08
CA ALA A 29 -2.92 -16.65 -1.91
C ALA A 29 -2.95 -18.14 -1.59
N GLY A 30 -3.03 -18.46 -0.31
CA GLY A 30 -3.08 -19.85 0.11
C GLY A 30 -3.31 -20.00 1.59
N LYS A 31 -4.27 -20.85 1.96
CA LYS A 31 -4.59 -21.09 3.36
C LYS A 31 -4.98 -19.79 4.06
N MET A 32 -5.52 -18.85 3.29
CA MET A 32 -5.94 -17.56 3.84
C MET A 32 -7.02 -17.74 4.89
N LYS A 33 -6.81 -17.14 6.06
CA LYS A 33 -7.77 -17.24 7.16
C LYS A 33 -8.17 -15.84 7.64
N GLY A 34 -8.98 -15.81 8.70
CA GLY A 34 -9.42 -14.54 9.26
C GLY A 34 -10.46 -13.87 8.38
N SER A 35 -10.28 -12.56 8.16
CA SER A 35 -11.23 -11.79 7.36
C SER A 35 -11.43 -12.46 6.00
N ASP A 36 -12.69 -12.53 5.57
CA ASP A 36 -13.02 -13.14 4.29
C ASP A 36 -12.97 -12.11 3.17
N ASN A 37 -13.83 -11.11 3.25
CA ASN A 37 -13.89 -10.05 2.24
C ASN A 37 -12.99 -8.88 2.63
N GLN A 38 -12.81 -8.68 3.93
CA GLN A 38 -11.98 -7.59 4.44
C GLN A 38 -10.52 -7.82 4.07
N GLU A 39 -10.11 -9.08 3.97
CA GLU A 39 -8.74 -9.43 3.64
C GLU A 39 -8.59 -9.64 2.13
N LYS A 40 -9.59 -10.26 1.52
CA LYS A 40 -9.58 -10.52 0.09
C LYS A 40 -9.66 -9.22 -0.70
N LEU A 41 -10.49 -8.31 -0.24
CA LEU A 41 -10.66 -7.01 -0.91
C LEU A 41 -9.33 -6.27 -1.01
N VAL A 42 -8.67 -6.11 0.14
CA VAL A 42 -7.38 -5.43 0.19
C VAL A 42 -6.38 -6.09 -0.75
N TYR A 43 -6.21 -7.40 -0.60
CA TYR A 43 -5.27 -8.14 -1.43
C TYR A 43 -5.55 -7.92 -2.91
N GLN A 44 -6.84 -7.89 -3.26
CA GLN A 44 -7.24 -7.69 -4.65
C GLN A 44 -6.76 -6.32 -5.16
N ILE A 45 -6.94 -5.29 -4.34
CA ILE A 45 -6.54 -3.94 -4.69
C ILE A 45 -5.02 -3.85 -4.86
N ILE A 46 -4.30 -4.40 -3.90
CA ILE A 46 -2.84 -4.38 -3.93
C ILE A 46 -2.31 -5.12 -5.15
N GLU A 47 -2.92 -6.26 -5.46
CA GLU A 47 -2.52 -7.06 -6.61
C GLU A 47 -2.70 -6.28 -7.91
N ASP A 48 -3.82 -5.58 -8.02
CA ASP A 48 -4.11 -4.79 -9.21
C ASP A 48 -3.01 -3.77 -9.47
N ALA A 49 -2.35 -3.34 -8.41
CA ALA A 49 -1.27 -2.36 -8.52
C ALA A 49 -0.02 -2.99 -9.13
N GLY A 50 0.21 -4.26 -8.80
CA GLY A 50 1.37 -4.95 -9.33
C GLY A 50 2.68 -4.28 -8.96
N ASN A 51 3.58 -4.16 -9.92
CA ASN A 51 4.87 -3.53 -9.68
C ASN A 51 4.69 -2.08 -9.23
N LYS A 52 3.66 -1.43 -9.74
CA LYS A 52 3.38 -0.04 -9.39
C LYS A 52 3.03 0.09 -7.91
N GLY A 53 2.50 -0.99 -7.35
CA GLY A 53 2.13 -0.98 -5.94
C GLY A 53 1.05 0.05 -5.62
N ILE A 54 0.49 -0.03 -4.43
CA ILE A 54 -0.55 0.89 -4.01
C ILE A 54 -0.26 1.47 -2.62
N TRP A 55 -0.39 2.78 -2.50
CA TRP A 55 -0.14 3.45 -1.23
C TRP A 55 -1.20 3.08 -0.20
N SER A 56 -0.79 2.97 1.06
CA SER A 56 -1.71 2.63 2.14
C SER A 56 -2.92 3.55 2.13
N ARG A 57 -2.72 4.78 1.68
CA ARG A 57 -3.80 5.76 1.62
C ARG A 57 -4.77 5.43 0.49
N ASP A 58 -4.21 4.99 -0.64
CA ASP A 58 -5.02 4.66 -1.80
C ASP A 58 -5.84 3.39 -1.55
N VAL A 59 -5.14 2.31 -1.20
CA VAL A 59 -5.79 1.04 -0.93
C VAL A 59 -6.86 1.18 0.15
N ARG A 60 -6.69 2.18 1.00
CA ARG A 60 -7.64 2.42 2.08
C ARG A 60 -8.95 3.00 1.54
N TYR A 61 -8.84 3.93 0.59
CA TYR A 61 -10.00 4.55 -0.01
C TYR A 61 -10.85 3.54 -0.76
N LYS A 62 -10.19 2.74 -1.61
CA LYS A 62 -10.87 1.72 -2.39
C LYS A 62 -11.42 0.62 -1.50
N SER A 63 -10.74 0.38 -0.37
CA SER A 63 -11.16 -0.65 0.56
C SER A 63 -12.29 -0.15 1.45
N ASN A 64 -12.36 1.17 1.63
CA ASN A 64 -13.38 1.78 2.45
C ASN A 64 -13.26 1.34 3.90
N LEU A 65 -12.02 1.13 4.34
CA LEU A 65 -11.76 0.70 5.71
C LEU A 65 -10.91 1.73 6.45
N PRO A 66 -11.20 1.91 7.75
CA PRO A 66 -10.48 2.86 8.59
C PRO A 66 -9.05 2.43 8.88
N LEU A 67 -8.20 3.38 9.25
CA LEU A 67 -6.80 3.09 9.54
C LEU A 67 -6.68 1.94 10.54
N THR A 68 -7.56 1.94 11.54
CA THR A 68 -7.55 0.90 12.56
C THR A 68 -7.66 -0.49 11.93
N GLU A 69 -8.32 -0.56 10.78
CA GLU A 69 -8.50 -1.83 10.08
C GLU A 69 -7.33 -2.11 9.15
N ILE A 70 -7.11 -1.19 8.21
CA ILE A 70 -6.02 -1.33 7.24
C ILE A 70 -4.70 -1.60 7.95
N ASN A 71 -4.41 -0.80 8.98
CA ASN A 71 -3.17 -0.95 9.74
C ASN A 71 -3.01 -2.39 10.23
N LYS A 72 -4.13 -3.06 10.45
CA LYS A 72 -4.12 -4.44 10.92
C LYS A 72 -4.05 -5.42 9.75
N ILE A 73 -4.81 -5.12 8.70
CA ILE A 73 -4.84 -5.97 7.52
C ILE A 73 -3.48 -6.00 6.84
N LEU A 74 -2.97 -4.83 6.49
CA LEU A 74 -1.67 -4.71 5.83
C LEU A 74 -0.59 -5.45 6.62
N LYS A 75 -0.74 -5.45 7.94
CA LYS A 75 0.22 -6.11 8.81
C LYS A 75 -0.07 -7.61 8.91
N ASN A 76 -1.33 -7.97 8.71
CA ASN A 76 -1.75 -9.37 8.77
C ASN A 76 -1.15 -10.16 7.61
N LEU A 77 -1.52 -9.77 6.39
CA LEU A 77 -1.03 -10.44 5.19
C LEU A 77 0.49 -10.55 5.21
N GLU A 78 1.15 -9.59 5.86
CA GLU A 78 2.59 -9.57 5.95
C GLU A 78 3.11 -10.87 6.57
N SER A 79 2.67 -11.14 7.79
CA SER A 79 3.09 -12.35 8.49
C SER A 79 2.76 -13.60 7.68
N LYS A 80 1.65 -13.54 6.94
CA LYS A 80 1.23 -14.67 6.12
C LYS A 80 2.17 -14.87 4.94
N LYS A 81 3.05 -13.89 4.71
CA LYS A 81 4.00 -13.96 3.62
C LYS A 81 3.29 -13.99 2.26
N LEU A 82 2.17 -13.29 2.18
CA LEU A 82 1.38 -13.23 0.95
C LEU A 82 1.71 -11.97 0.17
N ILE A 83 2.13 -10.93 0.87
CA ILE A 83 2.48 -9.66 0.24
C ILE A 83 3.85 -9.17 0.70
N LYS A 84 4.32 -8.10 0.08
CA LYS A 84 5.63 -7.53 0.42
C LYS A 84 5.55 -6.00 0.49
N ALA A 85 5.89 -5.46 1.65
CA ALA A 85 5.87 -4.01 1.84
C ALA A 85 7.07 -3.34 1.20
N VAL A 86 6.85 -2.16 0.62
CA VAL A 86 7.93 -1.43 -0.04
C VAL A 86 7.96 0.02 0.43
N LYS A 87 9.05 0.40 1.08
CA LYS A 87 9.21 1.76 1.57
C LYS A 87 9.91 2.64 0.54
N SER A 88 9.50 3.90 0.47
CA SER A 88 10.08 4.85 -0.48
C SER A 88 10.87 5.92 0.24
N VAL A 89 12.19 5.91 0.04
CA VAL A 89 13.07 6.89 0.67
C VAL A 89 12.93 8.26 0.02
N SER A 90 12.21 9.15 0.69
CA SER A 90 12.00 10.51 0.18
C SER A 90 13.34 11.19 -0.10
N GLY A 91 14.15 11.33 0.93
CA GLY A 91 15.45 11.97 0.78
C GLY A 91 15.98 12.53 2.09
N PRO A 92 17.14 13.18 2.03
CA PRO A 92 17.78 13.78 3.20
C PRO A 92 17.01 15.00 3.71
N SER A 93 16.09 14.77 4.63
CA SER A 93 15.28 15.85 5.20
C SER A 93 14.99 15.59 6.66
N SER A 94 14.82 16.67 7.43
CA SER A 94 14.54 16.56 8.85
C SER A 94 13.19 17.19 9.19
N GLY A 95 12.32 16.41 9.82
CA GLY A 95 11.00 16.90 10.19
C GLY A 95 9.92 15.86 9.97
N GLY A 1 -13.40 28.10 -9.80
CA GLY A 1 -13.33 29.26 -8.93
C GLY A 1 -13.12 28.88 -7.47
N SER A 2 -12.10 28.08 -7.21
CA SER A 2 -11.80 27.63 -5.85
C SER A 2 -11.04 28.70 -5.09
N SER A 3 -11.35 28.84 -3.80
CA SER A 3 -10.69 29.83 -2.96
C SER A 3 -9.82 29.16 -1.90
N GLY A 4 -8.60 29.66 -1.73
CA GLY A 4 -7.69 29.10 -0.76
C GLY A 4 -6.24 29.44 -1.03
N SER A 5 -5.34 28.58 -0.61
CA SER A 5 -3.91 28.80 -0.81
C SER A 5 -3.38 27.95 -1.97
N SER A 6 -3.94 28.17 -3.15
CA SER A 6 -3.52 27.41 -4.34
C SER A 6 -3.84 28.19 -5.61
N GLY A 7 -3.87 29.52 -5.49
CA GLY A 7 -4.16 30.35 -6.64
C GLY A 7 -2.93 31.09 -7.14
N GLY A 8 -2.31 30.56 -8.19
CA GLY A 8 -1.12 31.18 -8.75
C GLY A 8 -0.36 30.26 -9.66
N GLN A 9 0.96 30.16 -9.44
CA GLN A 9 1.81 29.30 -10.25
C GLN A 9 2.72 28.46 -9.38
N LEU A 10 2.33 27.21 -9.15
CA LEU A 10 3.12 26.30 -8.32
C LEU A 10 4.19 25.61 -9.16
N ASP A 11 5.26 25.18 -8.51
CA ASP A 11 6.36 24.49 -9.18
C ASP A 11 6.65 23.15 -8.53
N LEU A 12 6.78 22.11 -9.34
CA LEU A 12 7.05 20.78 -8.84
C LEU A 12 5.91 20.28 -7.96
N LEU A 13 4.94 19.62 -8.58
CA LEU A 13 3.78 19.09 -7.85
C LEU A 13 4.24 18.23 -6.68
N ARG A 14 3.76 18.55 -5.48
CA ARG A 14 4.11 17.80 -4.28
C ARG A 14 2.97 16.88 -3.86
N SER A 15 3.18 15.58 -4.05
CA SER A 15 2.17 14.59 -3.69
C SER A 15 2.49 13.95 -2.34
N ASN A 16 1.80 14.40 -1.30
CA ASN A 16 2.01 13.87 0.04
C ASN A 16 1.43 12.47 0.16
N THR A 17 2.31 11.47 0.23
CA THR A 17 1.88 10.09 0.35
C THR A 17 2.52 9.41 1.57
N GLY A 18 2.20 8.14 1.77
CA GLY A 18 2.75 7.41 2.90
C GLY A 18 3.71 6.31 2.46
N LEU A 19 3.32 5.07 2.69
CA LEU A 19 4.14 3.92 2.32
C LEU A 19 3.53 3.17 1.15
N LEU A 20 4.37 2.46 0.41
CA LEU A 20 3.91 1.68 -0.74
C LEU A 20 3.78 0.21 -0.39
N TYR A 21 2.87 -0.48 -1.07
CA TYR A 21 2.65 -1.90 -0.82
C TYR A 21 2.54 -2.67 -2.14
N ARG A 22 2.96 -3.94 -2.11
CA ARG A 22 2.91 -4.78 -3.30
C ARG A 22 2.62 -6.23 -2.93
N ILE A 23 2.11 -6.99 -3.89
CA ILE A 23 1.78 -8.40 -3.65
C ILE A 23 2.96 -9.29 -4.01
N LYS A 24 3.01 -10.46 -3.39
CA LYS A 24 4.08 -11.42 -3.63
C LYS A 24 3.63 -12.53 -4.57
N ASP A 25 4.38 -12.75 -5.64
CA ASP A 25 4.04 -13.78 -6.62
C ASP A 25 2.71 -13.48 -7.28
N SER A 26 2.44 -14.17 -8.38
CA SER A 26 1.19 -13.99 -9.13
C SER A 26 0.20 -15.10 -8.81
N GLN A 27 0.69 -16.32 -8.72
CA GLN A 27 -0.16 -17.47 -8.43
C GLN A 27 0.31 -18.18 -7.16
N ASN A 28 -0.05 -17.62 -6.01
CA ASN A 28 0.33 -18.20 -4.72
C ASN A 28 -0.50 -17.61 -3.59
N ALA A 29 -1.54 -18.33 -3.19
CA ALA A 29 -2.42 -17.88 -2.13
C ALA A 29 -2.61 -18.98 -1.08
N GLY A 30 -2.61 -18.59 0.18
CA GLY A 30 -2.80 -19.55 1.26
C GLY A 30 -4.21 -19.55 1.80
N LYS A 31 -4.43 -20.33 2.86
CA LYS A 31 -5.75 -20.42 3.48
C LYS A 31 -6.23 -19.05 3.92
N MET A 32 -5.30 -18.15 4.19
CA MET A 32 -5.64 -16.79 4.63
C MET A 32 -6.46 -16.83 5.90
N LYS A 33 -5.79 -16.95 7.04
CA LYS A 33 -6.46 -16.99 8.33
C LYS A 33 -7.07 -15.63 8.67
N GLY A 34 -7.65 -15.52 9.86
CA GLY A 34 -8.26 -14.28 10.29
C GLY A 34 -9.25 -13.74 9.27
N SER A 35 -9.54 -12.45 9.35
CA SER A 35 -10.48 -11.82 8.44
C SER A 35 -10.08 -12.08 6.99
N ASP A 36 -10.78 -13.02 6.35
CA ASP A 36 -10.50 -13.36 4.96
C ASP A 36 -11.28 -12.45 4.00
N ASN A 37 -12.52 -12.14 4.39
CA ASN A 37 -13.37 -11.27 3.57
C ASN A 37 -12.88 -9.83 3.60
N GLN A 38 -12.23 -9.45 4.70
CA GLN A 38 -11.71 -8.10 4.85
C GLN A 38 -10.34 -7.97 4.22
N GLU A 39 -9.60 -9.08 4.16
CA GLU A 39 -8.27 -9.08 3.58
C GLU A 39 -8.34 -9.31 2.08
N LYS A 40 -9.23 -10.20 1.65
CA LYS A 40 -9.40 -10.52 0.23
C LYS A 40 -9.64 -9.24 -0.57
N LEU A 41 -10.29 -8.27 0.05
CA LEU A 41 -10.59 -7.00 -0.62
C LEU A 41 -9.32 -6.16 -0.77
N VAL A 42 -8.48 -6.15 0.26
CA VAL A 42 -7.25 -5.39 0.24
C VAL A 42 -6.24 -6.03 -0.71
N TYR A 43 -6.11 -7.35 -0.64
CA TYR A 43 -5.18 -8.08 -1.49
C TYR A 43 -5.48 -7.84 -2.97
N GLN A 44 -6.77 -7.70 -3.28
CA GLN A 44 -7.19 -7.47 -4.66
C GLN A 44 -6.69 -6.11 -5.16
N ILE A 45 -6.81 -5.10 -4.32
CA ILE A 45 -6.37 -3.76 -4.67
C ILE A 45 -4.85 -3.70 -4.84
N ILE A 46 -4.14 -4.29 -3.88
CA ILE A 46 -2.69 -4.30 -3.92
C ILE A 46 -2.17 -5.07 -5.14
N GLU A 47 -2.89 -6.14 -5.49
CA GLU A 47 -2.52 -6.96 -6.63
C GLU A 47 -2.74 -6.22 -7.94
N ASP A 48 -3.81 -5.43 -8.00
CA ASP A 48 -4.15 -4.66 -9.18
C ASP A 48 -3.06 -3.64 -9.50
N ALA A 49 -2.35 -3.20 -8.46
CA ALA A 49 -1.29 -2.22 -8.61
C ALA A 49 -0.09 -2.83 -9.36
N GLY A 50 0.17 -4.11 -9.11
CA GLY A 50 1.27 -4.79 -9.76
C GLY A 50 2.61 -4.30 -9.26
N ASN A 51 3.55 -4.12 -10.19
CA ASN A 51 4.89 -3.66 -9.84
C ASN A 51 4.85 -2.23 -9.30
N LYS A 52 3.86 -1.46 -9.74
CA LYS A 52 3.70 -0.08 -9.29
C LYS A 52 3.36 -0.02 -7.82
N GLY A 53 2.57 -0.99 -7.36
CA GLY A 53 2.18 -1.03 -5.95
C GLY A 53 1.14 0.03 -5.62
N ILE A 54 0.50 -0.14 -4.46
CA ILE A 54 -0.52 0.81 -4.03
C ILE A 54 -0.18 1.38 -2.65
N TRP A 55 -0.32 2.69 -2.51
CA TRP A 55 -0.04 3.35 -1.24
C TRP A 55 -1.11 3.03 -0.20
N SER A 56 -0.70 2.97 1.06
CA SER A 56 -1.63 2.68 2.15
C SER A 56 -2.84 3.60 2.09
N ARG A 57 -2.63 4.81 1.59
CA ARG A 57 -3.70 5.80 1.49
C ARG A 57 -4.67 5.42 0.37
N ASP A 58 -4.12 4.97 -0.75
CA ASP A 58 -4.94 4.57 -1.90
C ASP A 58 -5.77 3.33 -1.58
N VAL A 59 -5.08 2.24 -1.22
CA VAL A 59 -5.75 1.00 -0.90
C VAL A 59 -6.81 1.21 0.18
N ARG A 60 -6.60 2.21 1.02
CA ARG A 60 -7.54 2.52 2.09
C ARG A 60 -8.80 3.18 1.54
N TYR A 61 -8.62 4.11 0.61
CA TYR A 61 -9.74 4.83 0.01
C TYR A 61 -10.62 3.88 -0.80
N LYS A 62 -9.99 3.10 -1.67
CA LYS A 62 -10.71 2.14 -2.50
C LYS A 62 -11.39 1.08 -1.64
N SER A 63 -10.76 0.74 -0.52
CA SER A 63 -11.29 -0.27 0.38
C SER A 63 -12.39 0.32 1.27
N ASN A 64 -12.35 1.64 1.45
CA ASN A 64 -13.34 2.33 2.27
C ASN A 64 -13.26 1.87 3.72
N LEU A 65 -12.06 1.51 4.16
CA LEU A 65 -11.84 1.05 5.53
C LEU A 65 -10.98 2.04 6.30
N PRO A 66 -11.30 2.20 7.60
CA PRO A 66 -10.56 3.12 8.48
C PRO A 66 -9.16 2.63 8.78
N LEU A 67 -8.27 3.56 9.12
CA LEU A 67 -6.89 3.22 9.43
C LEU A 67 -6.81 2.14 10.51
N THR A 68 -7.84 2.09 11.37
CA THR A 68 -7.89 1.11 12.44
C THR A 68 -8.01 -0.30 11.88
N GLU A 69 -8.65 -0.42 10.73
CA GLU A 69 -8.83 -1.72 10.08
C GLU A 69 -7.64 -2.06 9.18
N ILE A 70 -7.37 -1.17 8.22
CA ILE A 70 -6.26 -1.37 7.29
C ILE A 70 -4.97 -1.65 8.04
N ASN A 71 -4.83 -1.07 9.22
CA ASN A 71 -3.64 -1.26 10.04
C ASN A 71 -3.42 -2.74 10.35
N LYS A 72 -4.51 -3.43 10.69
CA LYS A 72 -4.43 -4.85 11.01
C LYS A 72 -4.37 -5.69 9.74
N ILE A 73 -5.09 -5.25 8.71
CA ILE A 73 -5.11 -5.96 7.44
C ILE A 73 -3.74 -5.98 6.79
N LEU A 74 -3.21 -4.79 6.52
CA LEU A 74 -1.90 -4.65 5.90
C LEU A 74 -0.84 -5.43 6.68
N LYS A 75 -1.04 -5.55 7.99
CA LYS A 75 -0.11 -6.27 8.85
C LYS A 75 -0.40 -7.77 8.82
N ASN A 76 -1.65 -8.12 8.53
CA ASN A 76 -2.04 -9.53 8.47
C ASN A 76 -1.38 -10.23 7.29
N LEU A 77 -1.67 -9.75 6.08
CA LEU A 77 -1.09 -10.33 4.88
C LEU A 77 0.42 -10.43 4.98
N GLU A 78 1.03 -9.43 5.62
CA GLU A 78 2.48 -9.42 5.79
C GLU A 78 2.96 -10.67 6.51
N SER A 79 2.44 -10.90 7.70
CA SER A 79 2.82 -12.06 8.50
C SER A 79 2.56 -13.36 7.72
N LYS A 80 1.49 -13.36 6.93
CA LYS A 80 1.14 -14.53 6.13
C LYS A 80 2.15 -14.76 5.02
N LYS A 81 3.02 -13.78 4.80
CA LYS A 81 4.03 -13.87 3.77
C LYS A 81 3.41 -13.98 2.38
N LEU A 82 2.27 -13.32 2.20
CA LEU A 82 1.57 -13.35 0.92
C LEU A 82 1.89 -12.10 0.10
N ILE A 83 2.24 -11.02 0.79
CA ILE A 83 2.57 -9.76 0.12
C ILE A 83 3.97 -9.29 0.52
N LYS A 84 4.41 -8.19 -0.10
CA LYS A 84 5.72 -7.62 0.19
C LYS A 84 5.65 -6.10 0.29
N ALA A 85 6.02 -5.57 1.45
CA ALA A 85 6.00 -4.13 1.68
C ALA A 85 7.20 -3.46 1.01
N VAL A 86 6.96 -2.28 0.45
CA VAL A 86 8.03 -1.53 -0.21
C VAL A 86 8.06 -0.08 0.27
N LYS A 87 9.17 0.29 0.91
CA LYS A 87 9.33 1.65 1.42
C LYS A 87 9.72 2.60 0.30
N SER A 88 9.23 3.84 0.39
CA SER A 88 9.52 4.85 -0.61
C SER A 88 10.78 5.63 -0.25
N VAL A 89 11.71 5.72 -1.20
CA VAL A 89 12.96 6.44 -0.99
C VAL A 89 12.78 7.94 -1.20
N SER A 90 13.32 8.73 -0.27
CA SER A 90 13.21 10.18 -0.36
C SER A 90 14.23 10.86 0.55
N GLY A 91 14.36 10.35 1.77
CA GLY A 91 15.30 10.91 2.72
C GLY A 91 16.10 9.85 3.45
N PRO A 92 17.02 10.28 4.31
CA PRO A 92 17.88 9.37 5.08
C PRO A 92 17.11 8.62 6.15
N SER A 93 16.29 9.35 6.91
CA SER A 93 15.49 8.75 7.97
C SER A 93 14.13 9.43 8.08
N SER A 94 13.55 9.77 6.94
CA SER A 94 12.25 10.43 6.91
C SER A 94 11.58 10.25 5.54
N GLY A 95 11.18 9.02 5.25
CA GLY A 95 10.53 8.73 3.99
C GLY A 95 11.13 7.53 3.28
N GLY A 1 2.40 19.12 6.74
CA GLY A 1 1.34 19.32 5.77
C GLY A 1 -0.02 18.94 6.32
N SER A 2 -1.08 19.43 5.67
CA SER A 2 -2.44 19.15 6.10
C SER A 2 -2.96 17.86 5.47
N SER A 3 -4.21 17.54 5.75
CA SER A 3 -4.83 16.33 5.20
C SER A 3 -6.25 16.60 4.73
N GLY A 4 -6.41 16.77 3.42
CA GLY A 4 -7.73 17.04 2.87
C GLY A 4 -8.33 15.82 2.19
N SER A 5 -9.58 15.95 1.75
CA SER A 5 -10.28 14.86 1.09
C SER A 5 -11.50 15.36 0.33
N SER A 6 -11.45 15.23 -0.99
CA SER A 6 -12.56 15.68 -1.84
C SER A 6 -12.41 15.12 -3.25
N GLY A 7 -13.50 15.19 -4.02
CA GLY A 7 -13.49 14.68 -5.38
C GLY A 7 -14.03 15.69 -6.37
N GLY A 8 -14.12 15.28 -7.63
CA GLY A 8 -14.63 16.16 -8.67
C GLY A 8 -13.55 17.02 -9.28
N GLN A 9 -13.26 18.15 -8.66
CA GLN A 9 -12.24 19.07 -9.15
C GLN A 9 -10.90 18.36 -9.31
N LEU A 10 -10.05 18.89 -10.18
CA LEU A 10 -8.74 18.30 -10.41
C LEU A 10 -7.64 19.35 -10.28
N ASP A 11 -6.80 19.18 -9.25
CA ASP A 11 -5.71 20.12 -9.00
C ASP A 11 -4.75 19.57 -7.95
N LEU A 12 -3.46 19.66 -8.23
CA LEU A 12 -2.44 19.17 -7.30
C LEU A 12 -1.90 20.30 -6.44
N LEU A 13 -2.04 20.16 -5.13
CA LEU A 13 -1.56 21.17 -4.19
C LEU A 13 -0.58 20.56 -3.20
N ARG A 14 0.48 19.94 -3.72
CA ARG A 14 1.49 19.32 -2.88
C ARG A 14 0.87 18.31 -1.93
N SER A 15 0.52 17.14 -2.47
CA SER A 15 -0.10 16.08 -1.68
C SER A 15 0.97 15.24 -0.99
N ASN A 16 0.73 14.90 0.28
CA ASN A 16 1.66 14.09 1.05
C ASN A 16 1.27 12.62 1.00
N THR A 17 2.18 11.78 0.51
CA THR A 17 1.93 10.35 0.42
C THR A 17 2.47 9.62 1.64
N GLY A 18 2.13 8.34 1.75
CA GLY A 18 2.58 7.55 2.89
C GLY A 18 3.56 6.46 2.47
N LEU A 19 3.17 5.21 2.68
CA LEU A 19 4.02 4.08 2.33
C LEU A 19 3.43 3.30 1.17
N LEU A 20 4.29 2.59 0.44
CA LEU A 20 3.85 1.79 -0.71
C LEU A 20 3.71 0.32 -0.32
N TYR A 21 2.80 -0.38 -1.01
CA TYR A 21 2.57 -1.79 -0.75
C TYR A 21 2.45 -2.58 -2.05
N ARG A 22 2.86 -3.84 -2.00
CA ARG A 22 2.80 -4.70 -3.18
C ARG A 22 2.54 -6.16 -2.77
N ILE A 23 2.00 -6.93 -3.70
CA ILE A 23 1.71 -8.33 -3.45
C ILE A 23 2.90 -9.22 -3.78
N LYS A 24 2.96 -10.38 -3.16
CA LYS A 24 4.06 -11.32 -3.40
C LYS A 24 3.58 -12.51 -4.23
N ASP A 25 4.28 -12.78 -5.33
CA ASP A 25 3.93 -13.89 -6.20
C ASP A 25 2.50 -13.75 -6.70
N SER A 26 2.06 -14.72 -7.49
CA SER A 26 0.70 -14.72 -8.04
C SER A 26 0.03 -16.07 -7.86
N GLN A 27 0.79 -17.14 -8.10
CA GLN A 27 0.27 -18.49 -7.97
C GLN A 27 -0.09 -18.79 -6.52
N ASN A 28 0.88 -18.65 -5.63
CA ASN A 28 0.65 -18.91 -4.20
C ASN A 28 -0.09 -17.74 -3.55
N ALA A 29 -1.41 -17.89 -3.44
CA ALA A 29 -2.25 -16.85 -2.84
C ALA A 29 -3.57 -17.43 -2.37
N GLY A 30 -3.54 -18.67 -1.90
CA GLY A 30 -4.76 -19.31 -1.41
C GLY A 30 -4.59 -19.92 -0.04
N LYS A 31 -3.65 -19.39 0.73
CA LYS A 31 -3.40 -19.88 2.08
C LYS A 31 -3.98 -18.94 3.13
N MET A 32 -5.01 -18.20 2.74
CA MET A 32 -5.66 -17.26 3.65
C MET A 32 -6.51 -18.00 4.68
N LYS A 33 -6.99 -17.27 5.68
CA LYS A 33 -7.82 -17.85 6.73
C LYS A 33 -8.36 -16.78 7.66
N GLY A 34 -7.45 -16.07 8.34
CA GLY A 34 -7.86 -15.02 9.25
C GLY A 34 -8.48 -13.84 8.53
N SER A 35 -9.79 -13.69 8.66
CA SER A 35 -10.50 -12.59 8.00
C SER A 35 -10.20 -12.56 6.51
N ASP A 36 -10.21 -13.73 5.89
CA ASP A 36 -9.94 -13.83 4.46
C ASP A 36 -10.83 -12.88 3.67
N ASN A 37 -12.03 -12.65 4.16
CA ASN A 37 -12.99 -11.76 3.51
C ASN A 37 -12.41 -10.35 3.38
N GLN A 38 -12.33 -9.65 4.49
CA GLN A 38 -11.81 -8.29 4.51
C GLN A 38 -10.40 -8.25 3.92
N GLU A 39 -9.68 -9.37 4.03
CA GLU A 39 -8.32 -9.45 3.51
C GLU A 39 -8.33 -9.45 1.99
N LYS A 40 -9.25 -10.20 1.40
CA LYS A 40 -9.35 -10.29 -0.06
C LYS A 40 -9.61 -8.91 -0.67
N LEU A 41 -10.53 -8.16 -0.07
CA LEU A 41 -10.86 -6.83 -0.56
C LEU A 41 -9.61 -5.97 -0.68
N VAL A 42 -8.66 -6.18 0.22
CA VAL A 42 -7.40 -5.42 0.20
C VAL A 42 -6.41 -6.04 -0.78
N TYR A 43 -6.21 -7.34 -0.67
CA TYR A 43 -5.28 -8.05 -1.55
C TYR A 43 -5.66 -7.84 -3.02
N GLN A 44 -6.94 -7.59 -3.26
CA GLN A 44 -7.42 -7.37 -4.62
C GLN A 44 -6.93 -6.04 -5.16
N ILE A 45 -7.00 -5.00 -4.33
CA ILE A 45 -6.57 -3.67 -4.73
C ILE A 45 -5.05 -3.61 -4.86
N ILE A 46 -4.35 -4.28 -3.95
CA ILE A 46 -2.90 -4.29 -3.97
C ILE A 46 -2.37 -5.14 -5.13
N GLU A 47 -3.06 -6.24 -5.41
CA GLU A 47 -2.66 -7.13 -6.49
C GLU A 47 -2.74 -6.42 -7.84
N ASP A 48 -3.81 -5.68 -8.05
CA ASP A 48 -4.01 -4.94 -9.30
C ASP A 48 -2.85 -3.98 -9.54
N ALA A 49 -2.22 -3.53 -8.47
CA ALA A 49 -1.10 -2.60 -8.57
C ALA A 49 0.12 -3.28 -9.18
N GLY A 50 0.27 -4.58 -8.91
CA GLY A 50 1.39 -5.32 -9.45
C GLY A 50 2.73 -4.76 -9.00
N ASN A 51 3.54 -4.35 -9.96
CA ASN A 51 4.85 -3.79 -9.66
C ASN A 51 4.75 -2.33 -9.25
N LYS A 52 3.70 -1.66 -9.73
CA LYS A 52 3.47 -0.26 -9.41
C LYS A 52 3.15 -0.08 -7.93
N GLY A 53 2.59 -1.12 -7.32
CA GLY A 53 2.25 -1.06 -5.92
C GLY A 53 1.19 0.00 -5.62
N ILE A 54 0.58 -0.10 -4.45
CA ILE A 54 -0.45 0.85 -4.05
C ILE A 54 -0.16 1.44 -2.68
N TRP A 55 -0.30 2.76 -2.57
CA TRP A 55 -0.04 3.46 -1.32
C TRP A 55 -1.11 3.14 -0.29
N SER A 56 -0.71 3.03 0.97
CA SER A 56 -1.64 2.73 2.05
C SER A 56 -2.81 3.69 2.04
N ARG A 57 -2.57 4.91 1.57
CA ARG A 57 -3.61 5.93 1.50
C ARG A 57 -4.59 5.64 0.37
N ASP A 58 -4.09 5.09 -0.71
CA ASP A 58 -4.92 4.77 -1.87
C ASP A 58 -5.76 3.52 -1.60
N VAL A 59 -5.09 2.42 -1.23
CA VAL A 59 -5.78 1.18 -0.94
C VAL A 59 -6.83 1.37 0.14
N ARG A 60 -6.63 2.37 0.98
CA ARG A 60 -7.55 2.66 2.07
C ARG A 60 -8.83 3.30 1.53
N TYR A 61 -8.68 4.23 0.60
CA TYR A 61 -9.82 4.92 0.00
C TYR A 61 -10.70 3.94 -0.78
N LYS A 62 -10.06 3.17 -1.66
CA LYS A 62 -10.78 2.20 -2.48
C LYS A 62 -11.42 1.11 -1.61
N SER A 63 -10.77 0.80 -0.49
CA SER A 63 -11.26 -0.22 0.43
C SER A 63 -12.36 0.35 1.32
N ASN A 64 -12.34 1.67 1.50
CA ASN A 64 -13.33 2.34 2.34
C ASN A 64 -13.24 1.87 3.78
N LEU A 65 -12.02 1.51 4.20
CA LEU A 65 -11.78 1.04 5.56
C LEU A 65 -10.90 2.02 6.33
N PRO A 66 -11.19 2.18 7.62
CA PRO A 66 -10.43 3.10 8.49
C PRO A 66 -9.02 2.59 8.76
N LEU A 67 -8.12 3.51 9.11
CA LEU A 67 -6.73 3.16 9.39
C LEU A 67 -6.66 2.03 10.42
N THR A 68 -7.54 2.09 11.40
CA THR A 68 -7.58 1.07 12.45
C THR A 68 -7.72 -0.33 11.86
N GLU A 69 -8.37 -0.42 10.71
CA GLU A 69 -8.57 -1.69 10.04
C GLU A 69 -7.41 -2.00 9.09
N ILE A 70 -7.19 -1.11 8.14
CA ILE A 70 -6.11 -1.28 7.17
C ILE A 70 -4.78 -1.55 7.87
N ASN A 71 -4.60 -0.96 9.04
CA ASN A 71 -3.37 -1.15 9.80
C ASN A 71 -3.21 -2.61 10.22
N LYS A 72 -4.32 -3.26 10.52
CA LYS A 72 -4.31 -4.66 10.93
C LYS A 72 -4.28 -5.59 9.71
N ILE A 73 -5.03 -5.21 8.68
CA ILE A 73 -5.09 -6.00 7.46
C ILE A 73 -3.73 -6.05 6.76
N LEU A 74 -3.21 -4.87 6.42
CA LEU A 74 -1.92 -4.78 5.74
C LEU A 74 -0.84 -5.51 6.54
N LYS A 75 -1.00 -5.54 7.86
CA LYS A 75 -0.05 -6.21 8.74
C LYS A 75 -0.33 -7.70 8.81
N ASN A 76 -1.58 -8.08 8.57
CA ASN A 76 -1.98 -9.48 8.61
C ASN A 76 -1.34 -10.25 7.46
N LEU A 77 -1.65 -9.85 6.24
CA LEU A 77 -1.11 -10.51 5.06
C LEU A 77 0.41 -10.61 5.13
N GLU A 78 1.02 -9.64 5.82
CA GLU A 78 2.48 -9.63 5.96
C GLU A 78 2.98 -10.93 6.58
N SER A 79 2.49 -11.24 7.78
CA SER A 79 2.89 -12.44 8.48
C SER A 79 2.60 -13.68 7.63
N LYS A 80 1.52 -13.63 6.87
CA LYS A 80 1.13 -14.74 6.01
C LYS A 80 2.12 -14.91 4.86
N LYS A 81 2.98 -13.93 4.68
CA LYS A 81 3.98 -13.97 3.62
C LYS A 81 3.32 -13.98 2.24
N LEU A 82 2.19 -13.29 2.13
CA LEU A 82 1.45 -13.22 0.87
C LEU A 82 1.77 -11.93 0.13
N ILE A 83 2.16 -10.90 0.88
CA ILE A 83 2.48 -9.61 0.29
C ILE A 83 3.85 -9.12 0.75
N LYS A 84 4.34 -8.06 0.13
CA LYS A 84 5.64 -7.49 0.48
C LYS A 84 5.57 -5.97 0.55
N ALA A 85 5.88 -5.41 1.72
CA ALA A 85 5.86 -3.97 1.89
C ALA A 85 7.08 -3.32 1.25
N VAL A 86 6.87 -2.14 0.66
CA VAL A 86 7.95 -1.42 -0.01
C VAL A 86 7.98 0.04 0.45
N LYS A 87 9.08 0.42 1.10
CA LYS A 87 9.24 1.79 1.59
C LYS A 87 10.10 2.60 0.64
N SER A 88 9.86 3.91 0.59
CA SER A 88 10.62 4.80 -0.27
C SER A 88 11.51 5.73 0.54
N VAL A 89 12.81 5.68 0.27
CA VAL A 89 13.78 6.52 0.98
C VAL A 89 13.85 7.91 0.36
N SER A 90 13.57 8.93 1.17
CA SER A 90 13.61 10.31 0.69
C SER A 90 14.72 11.09 1.40
N GLY A 91 14.79 10.94 2.71
CA GLY A 91 15.82 11.64 3.48
C GLY A 91 15.30 12.93 4.08
N PRO A 92 16.24 13.81 4.48
CA PRO A 92 15.89 15.10 5.08
C PRO A 92 15.28 16.07 4.08
N SER A 93 15.86 16.11 2.88
CA SER A 93 15.38 16.99 1.83
C SER A 93 13.90 16.72 1.53
N SER A 94 13.07 17.73 1.74
CA SER A 94 11.63 17.61 1.50
C SER A 94 11.20 18.52 0.35
N GLY A 95 11.67 19.76 0.38
CA GLY A 95 11.32 20.70 -0.67
C GLY A 95 11.79 22.11 -0.36
N GLY A 1 22.07 23.48 2.92
CA GLY A 1 20.69 23.93 3.03
C GLY A 1 20.49 25.33 2.50
N SER A 2 19.39 25.96 2.91
CA SER A 2 19.08 27.32 2.48
C SER A 2 17.79 27.82 3.13
N SER A 3 17.92 28.81 4.00
CA SER A 3 16.76 29.37 4.69
C SER A 3 16.85 30.89 4.75
N GLY A 4 15.71 31.53 4.98
CA GLY A 4 15.67 32.97 5.05
C GLY A 4 14.41 33.56 4.44
N SER A 5 14.36 34.89 4.35
CA SER A 5 13.21 35.56 3.79
C SER A 5 13.26 35.55 2.26
N SER A 6 12.09 35.37 1.64
CA SER A 6 12.01 35.33 0.18
C SER A 6 10.60 35.69 -0.28
N GLY A 7 10.43 35.78 -1.60
CA GLY A 7 9.14 36.12 -2.16
C GLY A 7 8.45 34.93 -2.79
N GLY A 8 8.57 33.77 -2.16
CA GLY A 8 7.95 32.57 -2.69
C GLY A 8 8.43 32.23 -4.09
N GLN A 9 9.49 31.43 -4.17
CA GLN A 9 10.05 31.03 -5.45
C GLN A 9 10.93 29.80 -5.31
N LEU A 10 10.49 28.86 -4.46
CA LEU A 10 11.25 27.63 -4.23
C LEU A 10 10.56 26.45 -4.90
N ASP A 11 11.20 25.28 -4.82
CA ASP A 11 10.65 24.07 -5.41
C ASP A 11 9.42 23.61 -4.64
N LEU A 12 8.58 22.84 -5.30
CA LEU A 12 7.35 22.32 -4.69
C LEU A 12 7.67 21.46 -3.48
N LEU A 13 6.87 21.59 -2.43
CA LEU A 13 7.07 20.82 -1.21
C LEU A 13 7.00 19.31 -1.49
N ARG A 14 7.84 18.55 -0.82
CA ARG A 14 7.87 17.10 -0.99
C ARG A 14 6.47 16.51 -0.83
N SER A 15 5.95 15.93 -1.91
CA SER A 15 4.62 15.33 -1.88
C SER A 15 4.56 14.19 -0.86
N ASN A 16 3.65 14.32 0.10
CA ASN A 16 3.49 13.30 1.14
C ASN A 16 2.38 12.32 0.77
N THR A 17 2.58 11.06 1.12
CA THR A 17 1.59 10.02 0.82
C THR A 17 1.62 8.93 1.88
N GLY A 18 2.82 8.43 2.20
CA GLY A 18 2.96 7.39 3.19
C GLY A 18 3.91 6.29 2.76
N LEU A 19 3.43 5.05 2.82
CA LEU A 19 4.25 3.91 2.43
C LEU A 19 3.61 3.16 1.25
N LEU A 20 4.44 2.46 0.49
CA LEU A 20 3.97 1.70 -0.67
C LEU A 20 3.83 0.22 -0.33
N TYR A 21 2.91 -0.45 -1.01
CA TYR A 21 2.68 -1.87 -0.80
C TYR A 21 2.54 -2.61 -2.12
N ARG A 22 2.90 -3.89 -2.11
CA ARG A 22 2.81 -4.71 -3.31
C ARG A 22 2.53 -6.17 -2.96
N ILE A 23 1.99 -6.92 -3.90
CA ILE A 23 1.67 -8.32 -3.70
C ILE A 23 2.87 -9.21 -4.03
N LYS A 24 2.90 -10.41 -3.45
CA LYS A 24 3.98 -11.35 -3.70
C LYS A 24 3.54 -12.45 -4.66
N ASP A 25 4.31 -12.65 -5.73
CA ASP A 25 3.99 -13.66 -6.71
C ASP A 25 2.60 -13.45 -7.30
N SER A 26 2.14 -14.42 -8.09
CA SER A 26 0.82 -14.33 -8.71
C SER A 26 0.29 -15.73 -9.05
N GLN A 27 0.13 -16.56 -8.03
CA GLN A 27 -0.37 -17.91 -8.21
C GLN A 27 -0.81 -18.52 -6.90
N ASN A 28 0.04 -18.41 -5.89
CA ASN A 28 -0.26 -18.95 -4.57
C ASN A 28 -0.67 -17.85 -3.60
N ALA A 29 -1.96 -17.54 -3.60
CA ALA A 29 -2.49 -16.50 -2.72
C ALA A 29 -3.76 -16.98 -2.00
N GLY A 30 -3.64 -18.10 -1.29
CA GLY A 30 -4.79 -18.64 -0.58
C GLY A 30 -4.45 -18.98 0.86
N LYS A 31 -5.33 -19.76 1.50
CA LYS A 31 -5.11 -20.17 2.89
C LYS A 31 -4.98 -18.94 3.80
N MET A 32 -5.88 -17.98 3.63
CA MET A 32 -5.87 -16.77 4.44
C MET A 32 -6.47 -17.02 5.81
N LYS A 33 -5.70 -16.71 6.85
CA LYS A 33 -6.17 -16.90 8.22
C LYS A 33 -6.98 -15.69 8.70
N GLY A 34 -7.69 -15.87 9.81
CA GLY A 34 -8.49 -14.79 10.35
C GLY A 34 -9.42 -14.19 9.32
N SER A 35 -9.79 -12.92 9.51
CA SER A 35 -10.69 -12.24 8.59
C SER A 35 -10.17 -12.31 7.16
N ASP A 36 -10.75 -13.21 6.37
CA ASP A 36 -10.35 -13.37 4.98
C ASP A 36 -11.22 -12.54 4.05
N ASN A 37 -12.46 -12.31 4.47
CA ASN A 37 -13.40 -11.52 3.68
C ASN A 37 -13.02 -10.04 3.69
N GLN A 38 -12.35 -9.62 4.75
CA GLN A 38 -11.92 -8.23 4.89
C GLN A 38 -10.56 -8.01 4.26
N GLU A 39 -9.76 -9.07 4.20
CA GLU A 39 -8.43 -8.99 3.61
C GLU A 39 -8.47 -9.25 2.11
N LYS A 40 -9.34 -10.17 1.69
CA LYS A 40 -9.48 -10.49 0.28
C LYS A 40 -9.72 -9.24 -0.55
N LEU A 41 -10.39 -8.26 0.05
CA LEU A 41 -10.68 -7.00 -0.64
C LEU A 41 -9.43 -6.16 -0.78
N VAL A 42 -8.60 -6.13 0.26
CA VAL A 42 -7.37 -5.36 0.25
C VAL A 42 -6.35 -5.98 -0.71
N TYR A 43 -6.15 -7.29 -0.60
CA TYR A 43 -5.20 -8.00 -1.45
C TYR A 43 -5.52 -7.76 -2.92
N GLN A 44 -6.81 -7.72 -3.25
CA GLN A 44 -7.23 -7.50 -4.63
C GLN A 44 -6.75 -6.15 -5.14
N ILE A 45 -6.85 -5.13 -4.29
CA ILE A 45 -6.43 -3.79 -4.66
C ILE A 45 -4.91 -3.71 -4.82
N ILE A 46 -4.20 -4.33 -3.89
CA ILE A 46 -2.74 -4.35 -3.94
C ILE A 46 -2.22 -5.15 -5.14
N GLU A 47 -2.97 -6.18 -5.51
CA GLU A 47 -2.60 -7.02 -6.64
C GLU A 47 -2.78 -6.28 -7.96
N ASP A 48 -3.83 -5.45 -8.02
CA ASP A 48 -4.12 -4.68 -9.22
C ASP A 48 -3.01 -3.68 -9.51
N ALA A 49 -2.35 -3.23 -8.45
CA ALA A 49 -1.27 -2.25 -8.59
C ALA A 49 -0.09 -2.85 -9.37
N GLY A 50 0.03 -4.17 -9.33
CA GLY A 50 1.10 -4.84 -10.04
C GLY A 50 2.46 -4.51 -9.47
N ASN A 51 3.33 -3.96 -10.32
CA ASN A 51 4.68 -3.58 -9.89
C ASN A 51 4.71 -2.18 -9.32
N LYS A 52 3.77 -1.35 -9.77
CA LYS A 52 3.67 0.03 -9.30
C LYS A 52 3.40 0.09 -7.80
N GLY A 53 2.60 -0.86 -7.32
CA GLY A 53 2.27 -0.90 -5.91
C GLY A 53 1.22 0.11 -5.53
N ILE A 54 0.59 -0.09 -4.37
CA ILE A 54 -0.45 0.82 -3.89
C ILE A 54 -0.10 1.39 -2.52
N TRP A 55 -0.29 2.69 -2.36
CA TRP A 55 0.01 3.36 -1.10
C TRP A 55 -1.06 3.05 -0.05
N SER A 56 -0.66 3.01 1.21
CA SER A 56 -1.60 2.73 2.30
C SER A 56 -2.81 3.66 2.24
N ARG A 57 -2.60 4.85 1.72
CA ARG A 57 -3.67 5.84 1.59
C ARG A 57 -4.58 5.50 0.41
N ASP A 58 -3.99 4.97 -0.65
CA ASP A 58 -4.75 4.59 -1.83
C ASP A 58 -5.63 3.38 -1.56
N VAL A 59 -4.99 2.26 -1.23
CA VAL A 59 -5.71 1.03 -0.93
C VAL A 59 -6.82 1.26 0.08
N ARG A 60 -6.56 2.16 1.03
CA ARG A 60 -7.54 2.47 2.07
C ARG A 60 -8.76 3.17 1.48
N TYR A 61 -8.53 4.06 0.53
CA TYR A 61 -9.61 4.80 -0.12
C TYR A 61 -10.47 3.86 -0.96
N LYS A 62 -9.81 3.01 -1.74
CA LYS A 62 -10.52 2.06 -2.61
C LYS A 62 -11.18 0.97 -1.77
N SER A 63 -10.60 0.66 -0.62
CA SER A 63 -11.15 -0.36 0.26
C SER A 63 -12.28 0.20 1.10
N ASN A 64 -12.29 1.52 1.28
CA ASN A 64 -13.33 2.17 2.07
C ASN A 64 -13.29 1.72 3.52
N LEU A 65 -12.09 1.34 3.97
CA LEU A 65 -11.91 0.89 5.35
C LEU A 65 -11.07 1.89 6.14
N PRO A 66 -11.41 2.06 7.43
CA PRO A 66 -10.70 2.97 8.33
C PRO A 66 -9.29 2.49 8.65
N LEU A 67 -8.42 3.42 9.01
CA LEU A 67 -7.04 3.08 9.34
C LEU A 67 -6.99 2.00 10.41
N THR A 68 -7.91 2.08 11.38
CA THR A 68 -7.97 1.11 12.46
C THR A 68 -8.09 -0.31 11.91
N GLU A 69 -8.66 -0.43 10.72
CA GLU A 69 -8.83 -1.73 10.08
C GLU A 69 -7.63 -2.07 9.19
N ILE A 70 -7.39 -1.23 8.19
CA ILE A 70 -6.28 -1.43 7.27
C ILE A 70 -4.98 -1.66 8.03
N ASN A 71 -4.86 -1.02 9.19
CA ASN A 71 -3.65 -1.15 10.01
C ASN A 71 -3.39 -2.61 10.37
N LYS A 72 -4.47 -3.34 10.66
CA LYS A 72 -4.35 -4.75 11.01
C LYS A 72 -4.29 -5.62 9.77
N ILE A 73 -5.06 -5.24 8.75
CA ILE A 73 -5.09 -6.00 7.50
C ILE A 73 -3.73 -5.97 6.81
N LEU A 74 -3.23 -4.78 6.53
CA LEU A 74 -1.93 -4.62 5.88
C LEU A 74 -0.85 -5.40 6.63
N LYS A 75 -0.99 -5.47 7.95
CA LYS A 75 -0.02 -6.18 8.78
C LYS A 75 -0.30 -7.68 8.77
N ASN A 76 -1.55 -8.04 8.52
CA ASN A 76 -1.94 -9.45 8.48
C ASN A 76 -1.31 -10.16 7.29
N LEU A 77 -1.61 -9.68 6.09
CA LEU A 77 -1.06 -10.26 4.88
C LEU A 77 0.46 -10.39 4.96
N GLU A 78 1.09 -9.40 5.58
CA GLU A 78 2.54 -9.40 5.73
C GLU A 78 3.01 -10.67 6.45
N SER A 79 2.50 -10.88 7.65
CA SER A 79 2.87 -12.06 8.43
C SER A 79 2.59 -13.34 7.67
N LYS A 80 1.52 -13.34 6.88
CA LYS A 80 1.14 -14.50 6.09
C LYS A 80 2.14 -14.75 4.97
N LYS A 81 3.01 -13.76 4.73
CA LYS A 81 4.02 -13.87 3.69
C LYS A 81 3.37 -13.98 2.31
N LEU A 82 2.25 -13.31 2.14
CA LEU A 82 1.53 -13.32 0.87
C LEU A 82 1.85 -12.07 0.05
N ILE A 83 2.21 -11.00 0.73
CA ILE A 83 2.54 -9.75 0.07
C ILE A 83 3.94 -9.28 0.44
N LYS A 84 4.37 -8.18 -0.17
CA LYS A 84 5.69 -7.63 0.10
C LYS A 84 5.63 -6.11 0.23
N ALA A 85 6.05 -5.60 1.39
CA ALA A 85 6.04 -4.16 1.64
C ALA A 85 7.24 -3.48 0.97
N VAL A 86 7.00 -2.29 0.43
CA VAL A 86 8.06 -1.53 -0.23
C VAL A 86 8.12 -0.10 0.28
N LYS A 87 9.23 0.26 0.91
CA LYS A 87 9.41 1.60 1.44
C LYS A 87 10.28 2.44 0.51
N SER A 88 9.90 3.70 0.34
CA SER A 88 10.64 4.62 -0.52
C SER A 88 11.26 5.75 0.29
N VAL A 89 12.59 5.87 0.20
CA VAL A 89 13.30 6.93 0.93
C VAL A 89 12.94 6.92 2.41
N SER A 90 13.62 6.08 3.17
CA SER A 90 13.37 5.98 4.61
C SER A 90 14.35 5.02 5.27
N GLY A 91 14.40 5.05 6.60
CA GLY A 91 15.29 4.18 7.33
C GLY A 91 16.46 4.93 7.94
N PRO A 92 17.44 4.18 8.47
CA PRO A 92 18.63 4.76 9.09
C PRO A 92 19.55 5.43 8.08
N SER A 93 20.15 6.55 8.47
CA SER A 93 21.06 7.27 7.60
C SER A 93 22.43 7.45 8.26
N SER A 94 23.34 8.11 7.54
CA SER A 94 24.69 8.36 8.06
C SER A 94 25.32 9.56 7.37
N GLY A 95 26.49 9.95 7.86
CA GLY A 95 27.19 11.09 7.29
C GLY A 95 26.69 12.41 7.84
N GLY A 1 37.48 21.03 4.67
CA GLY A 1 36.53 20.89 5.75
C GLY A 1 35.50 19.80 5.48
N SER A 2 34.45 20.15 4.74
CA SER A 2 33.39 19.20 4.41
C SER A 2 32.50 19.75 3.31
N SER A 3 32.07 18.86 2.41
CA SER A 3 31.21 19.25 1.30
C SER A 3 29.76 18.88 1.59
N GLY A 4 29.04 19.79 2.23
CA GLY A 4 27.64 19.55 2.54
C GLY A 4 26.78 20.77 2.35
N SER A 5 25.46 20.59 2.42
CA SER A 5 24.52 21.69 2.24
C SER A 5 23.62 21.84 3.46
N SER A 6 22.74 22.83 3.42
CA SER A 6 21.81 23.08 4.52
C SER A 6 20.80 24.15 4.15
N GLY A 7 20.02 24.59 5.13
CA GLY A 7 19.01 25.61 4.89
C GLY A 7 17.78 25.06 4.19
N GLY A 8 16.92 24.40 4.95
CA GLY A 8 15.71 23.84 4.39
C GLY A 8 14.78 23.26 5.44
N GLN A 9 14.58 24.01 6.52
CA GLN A 9 13.72 23.56 7.60
C GLN A 9 12.60 24.57 7.87
N LEU A 10 12.20 25.29 6.82
CA LEU A 10 11.15 26.29 6.94
C LEU A 10 9.97 25.95 6.04
N ASP A 11 10.27 25.38 4.87
CA ASP A 11 9.24 25.01 3.91
C ASP A 11 8.58 23.69 4.31
N LEU A 12 7.37 23.46 3.79
CA LEU A 12 6.63 22.25 4.09
C LEU A 12 5.53 22.01 3.07
N LEU A 13 5.38 20.77 2.63
CA LEU A 13 4.36 20.42 1.65
C LEU A 13 3.07 19.98 2.35
N ARG A 14 1.96 20.03 1.62
CA ARG A 14 0.67 19.64 2.15
C ARG A 14 0.24 18.27 1.62
N SER A 15 -0.40 17.48 2.47
CA SER A 15 -0.86 16.16 2.08
C SER A 15 0.28 15.34 1.47
N ASN A 16 1.05 14.69 2.32
CA ASN A 16 2.18 13.88 1.87
C ASN A 16 1.81 12.40 1.87
N THR A 17 2.35 11.67 0.89
CA THR A 17 2.07 10.23 0.77
C THR A 17 2.62 9.47 1.97
N GLY A 18 2.28 8.18 2.05
CA GLY A 18 2.76 7.37 3.14
C GLY A 18 3.73 6.30 2.70
N LEU A 19 3.31 5.04 2.77
CA LEU A 19 4.17 3.92 2.37
C LEU A 19 3.55 3.17 1.19
N LEU A 20 4.40 2.49 0.43
CA LEU A 20 3.95 1.73 -0.73
C LEU A 20 3.82 0.25 -0.38
N TYR A 21 2.91 -0.43 -1.07
CA TYR A 21 2.69 -1.85 -0.84
C TYR A 21 2.54 -2.60 -2.16
N ARG A 22 2.97 -3.86 -2.18
CA ARG A 22 2.90 -4.68 -3.38
C ARG A 22 2.67 -6.15 -3.01
N ILE A 23 2.06 -6.90 -3.92
CA ILE A 23 1.78 -8.31 -3.70
C ILE A 23 2.96 -9.17 -4.13
N LYS A 24 3.11 -10.34 -3.50
CA LYS A 24 4.19 -11.25 -3.82
C LYS A 24 3.66 -12.47 -4.59
N ASP A 25 4.12 -12.61 -5.83
CA ASP A 25 3.69 -13.73 -6.67
C ASP A 25 2.20 -13.69 -6.92
N SER A 26 1.82 -13.26 -8.12
CA SER A 26 0.41 -13.17 -8.50
C SER A 26 -0.32 -14.48 -8.22
N GLN A 27 0.39 -15.59 -8.41
CA GLN A 27 -0.19 -16.91 -8.18
C GLN A 27 -0.01 -17.33 -6.73
N ASN A 28 -0.56 -18.50 -6.39
CA ASN A 28 -0.47 -19.02 -5.03
C ASN A 28 -1.07 -18.04 -4.03
N ALA A 29 -2.38 -18.08 -3.88
CA ALA A 29 -3.09 -17.20 -2.96
C ALA A 29 -4.45 -17.77 -2.58
N GLY A 30 -4.45 -18.66 -1.59
CA GLY A 30 -5.70 -19.27 -1.15
C GLY A 30 -5.56 -19.95 0.20
N LYS A 31 -4.70 -19.40 1.06
CA LYS A 31 -4.48 -19.97 2.39
C LYS A 31 -4.50 -18.88 3.44
N MET A 32 -5.39 -17.90 3.28
CA MET A 32 -5.52 -16.80 4.22
C MET A 32 -6.09 -17.28 5.55
N LYS A 33 -6.44 -16.34 6.42
CA LYS A 33 -7.00 -16.67 7.72
C LYS A 33 -7.32 -15.40 8.52
N GLY A 34 -8.40 -15.44 9.29
CA GLY A 34 -8.79 -14.30 10.08
C GLY A 34 -9.21 -13.12 9.23
N SER A 35 -10.50 -12.78 9.29
CA SER A 35 -11.03 -11.67 8.51
C SER A 35 -10.66 -11.81 7.04
N ASP A 36 -10.66 -13.04 6.55
CA ASP A 36 -10.33 -13.31 5.16
C ASP A 36 -11.21 -12.49 4.21
N ASN A 37 -12.44 -12.24 4.64
CA ASN A 37 -13.39 -11.47 3.83
C ASN A 37 -13.00 -10.00 3.81
N GLN A 38 -12.30 -9.55 4.85
CA GLN A 38 -11.87 -8.17 4.95
C GLN A 38 -10.51 -7.97 4.29
N GLU A 39 -9.72 -9.04 4.24
CA GLU A 39 -8.39 -8.99 3.65
C GLU A 39 -8.46 -9.27 2.15
N LYS A 40 -9.32 -10.20 1.76
CA LYS A 40 -9.49 -10.57 0.36
C LYS A 40 -9.73 -9.33 -0.49
N LEU A 41 -10.39 -8.33 0.09
CA LEU A 41 -10.68 -7.09 -0.63
C LEU A 41 -9.43 -6.23 -0.74
N VAL A 42 -8.61 -6.23 0.30
CA VAL A 42 -7.39 -5.44 0.31
C VAL A 42 -6.34 -6.04 -0.62
N TYR A 43 -6.18 -7.35 -0.56
CA TYR A 43 -5.22 -8.05 -1.41
C TYR A 43 -5.49 -7.78 -2.88
N GLN A 44 -6.78 -7.75 -3.25
CA GLN A 44 -7.17 -7.50 -4.62
C GLN A 44 -6.70 -6.13 -5.09
N ILE A 45 -6.84 -5.13 -4.22
CA ILE A 45 -6.42 -3.78 -4.54
C ILE A 45 -4.91 -3.69 -4.75
N ILE A 46 -4.17 -4.36 -3.87
CA ILE A 46 -2.71 -4.36 -3.96
C ILE A 46 -2.23 -5.17 -5.16
N GLU A 47 -3.00 -6.19 -5.53
CA GLU A 47 -2.66 -7.04 -6.66
C GLU A 47 -2.83 -6.28 -7.98
N ASP A 48 -3.84 -5.42 -8.02
CA ASP A 48 -4.12 -4.64 -9.22
C ASP A 48 -2.99 -3.67 -9.51
N ALA A 49 -2.26 -3.28 -8.46
CA ALA A 49 -1.15 -2.36 -8.61
C ALA A 49 0.10 -3.08 -9.13
N GLY A 50 0.22 -4.36 -8.80
CA GLY A 50 1.37 -5.13 -9.26
C GLY A 50 2.69 -4.46 -8.93
N ASN A 51 3.48 -4.20 -9.96
CA ASN A 51 4.78 -3.55 -9.78
C ASN A 51 4.62 -2.12 -9.30
N LYS A 52 3.63 -1.42 -9.86
CA LYS A 52 3.35 -0.05 -9.50
C LYS A 52 3.11 0.09 -8.00
N GLY A 53 2.55 -0.96 -7.40
CA GLY A 53 2.27 -0.94 -5.98
C GLY A 53 1.21 0.08 -5.61
N ILE A 54 0.60 -0.10 -4.45
CA ILE A 54 -0.44 0.80 -3.98
C ILE A 54 -0.08 1.39 -2.61
N TRP A 55 -0.28 2.69 -2.47
CA TRP A 55 0.03 3.38 -1.22
C TRP A 55 -1.03 3.06 -0.16
N SER A 56 -0.61 3.03 1.10
CA SER A 56 -1.51 2.73 2.20
C SER A 56 -2.73 3.66 2.17
N ARG A 57 -2.54 4.86 1.62
CA ARG A 57 -3.61 5.83 1.53
C ARG A 57 -4.56 5.50 0.38
N ASP A 58 -4.00 4.90 -0.67
CA ASP A 58 -4.80 4.53 -1.83
C ASP A 58 -5.66 3.31 -1.54
N VAL A 59 -5.02 2.21 -1.19
CA VAL A 59 -5.74 0.97 -0.87
C VAL A 59 -6.82 1.22 0.18
N ARG A 60 -6.58 2.20 1.04
CA ARG A 60 -7.54 2.53 2.09
C ARG A 60 -8.76 3.24 1.51
N TYR A 61 -8.53 4.13 0.55
CA TYR A 61 -9.60 4.87 -0.09
C TYR A 61 -10.48 3.95 -0.94
N LYS A 62 -9.84 3.15 -1.78
CA LYS A 62 -10.55 2.22 -2.65
C LYS A 62 -11.29 1.17 -1.82
N SER A 63 -10.71 0.82 -0.68
CA SER A 63 -11.31 -0.19 0.20
C SER A 63 -12.40 0.44 1.08
N ASN A 64 -12.29 1.75 1.29
CA ASN A 64 -13.25 2.47 2.10
C ASN A 64 -13.22 1.97 3.55
N LEU A 65 -12.05 1.53 3.99
CA LEU A 65 -11.88 1.03 5.35
C LEU A 65 -11.04 1.99 6.18
N PRO A 66 -11.39 2.12 7.47
CA PRO A 66 -10.68 3.01 8.40
C PRO A 66 -9.28 2.50 8.73
N LEU A 67 -8.40 3.41 9.09
CA LEU A 67 -7.03 3.06 9.44
C LEU A 67 -6.99 1.96 10.49
N THR A 68 -7.89 2.04 11.45
CA THR A 68 -7.97 1.04 12.51
C THR A 68 -8.11 -0.36 11.94
N GLU A 69 -8.68 -0.45 10.74
CA GLU A 69 -8.88 -1.74 10.08
C GLU A 69 -7.70 -2.08 9.18
N ILE A 70 -7.44 -1.22 8.20
CA ILE A 70 -6.34 -1.42 7.27
C ILE A 70 -5.04 -1.68 8.01
N ASN A 71 -4.90 -1.07 9.18
CA ASN A 71 -3.70 -1.23 10.00
C ASN A 71 -3.45 -2.69 10.31
N LYS A 72 -4.51 -3.41 10.66
CA LYS A 72 -4.40 -4.83 11.00
C LYS A 72 -4.35 -5.68 9.72
N ILE A 73 -5.08 -5.25 8.70
CA ILE A 73 -5.11 -5.96 7.44
C ILE A 73 -3.74 -5.97 6.77
N LEU A 74 -3.22 -4.77 6.49
CA LEU A 74 -1.92 -4.63 5.86
C LEU A 74 -0.86 -5.44 6.61
N LYS A 75 -1.01 -5.52 7.93
CA LYS A 75 -0.07 -6.27 8.75
C LYS A 75 -0.35 -7.77 8.70
N ASN A 76 -1.62 -8.12 8.50
CA ASN A 76 -2.02 -9.51 8.42
C ASN A 76 -1.36 -10.20 7.24
N LEU A 77 -1.64 -9.70 6.04
CA LEU A 77 -1.07 -10.27 4.82
C LEU A 77 0.45 -10.39 4.93
N GLU A 78 1.07 -9.41 5.57
CA GLU A 78 2.52 -9.41 5.75
C GLU A 78 2.98 -10.68 6.47
N SER A 79 2.44 -10.91 7.65
CA SER A 79 2.79 -12.08 8.45
C SER A 79 2.54 -13.36 7.65
N LYS A 80 1.49 -13.36 6.85
CA LYS A 80 1.14 -14.52 6.04
C LYS A 80 2.17 -14.75 4.94
N LYS A 81 3.03 -13.76 4.74
CA LYS A 81 4.07 -13.85 3.71
C LYS A 81 3.46 -13.96 2.32
N LEU A 82 2.33 -13.29 2.12
CA LEU A 82 1.65 -13.31 0.83
C LEU A 82 1.96 -12.05 0.03
N ILE A 83 2.30 -10.98 0.73
CA ILE A 83 2.63 -9.72 0.08
C ILE A 83 4.02 -9.23 0.49
N LYS A 84 4.46 -8.15 -0.13
CA LYS A 84 5.78 -7.58 0.18
C LYS A 84 5.70 -6.06 0.28
N ALA A 85 6.05 -5.52 1.45
CA ALA A 85 6.02 -4.08 1.66
C ALA A 85 7.22 -3.41 1.01
N VAL A 86 6.99 -2.23 0.45
CA VAL A 86 8.06 -1.47 -0.21
C VAL A 86 8.10 -0.03 0.29
N LYS A 87 9.20 0.34 0.92
CA LYS A 87 9.36 1.69 1.45
C LYS A 87 9.89 2.63 0.36
N SER A 88 9.31 3.83 0.31
CA SER A 88 9.72 4.82 -0.69
C SER A 88 10.40 6.01 -0.02
N VAL A 89 11.33 6.63 -0.75
CA VAL A 89 12.05 7.78 -0.24
C VAL A 89 12.83 7.42 1.02
N SER A 90 14.08 7.00 0.85
CA SER A 90 14.92 6.62 1.96
C SER A 90 16.18 7.49 2.02
N GLY A 91 16.74 7.63 3.22
CA GLY A 91 17.93 8.44 3.39
C GLY A 91 19.15 7.60 3.75
N PRO A 92 19.76 6.97 2.74
CA PRO A 92 20.94 6.14 2.93
C PRO A 92 22.18 6.95 3.30
N SER A 93 22.76 6.65 4.46
CA SER A 93 23.95 7.36 4.92
C SER A 93 25.07 7.27 3.90
N SER A 94 25.97 8.26 3.93
CA SER A 94 27.09 8.30 3.00
C SER A 94 28.40 8.54 3.74
N GLY A 95 28.58 9.75 4.24
CA GLY A 95 29.80 10.08 4.97
C GLY A 95 30.06 11.57 5.00
N GLY A 1 40.90 7.95 -19.32
CA GLY A 1 41.11 8.69 -18.09
C GLY A 1 39.94 8.60 -17.15
N SER A 2 40.14 9.01 -15.90
CA SER A 2 39.07 8.97 -14.90
C SER A 2 38.78 10.37 -14.37
N SER A 3 37.51 10.62 -14.06
CA SER A 3 37.10 11.93 -13.55
C SER A 3 36.46 11.79 -12.16
N GLY A 4 36.42 12.89 -11.43
CA GLY A 4 35.83 12.86 -10.10
C GLY A 4 34.50 13.59 -10.04
N SER A 5 34.50 14.86 -10.41
CA SER A 5 33.28 15.67 -10.38
C SER A 5 32.63 15.63 -9.01
N SER A 6 31.43 16.21 -8.92
CA SER A 6 30.70 16.23 -7.66
C SER A 6 29.19 16.37 -7.91
N GLY A 7 28.40 15.67 -7.10
CA GLY A 7 26.96 15.72 -7.25
C GLY A 7 26.36 16.93 -6.55
N GLY A 8 26.00 16.76 -5.28
CA GLY A 8 25.41 17.85 -4.53
C GLY A 8 24.91 17.41 -3.17
N GLN A 9 24.45 18.37 -2.37
CA GLN A 9 23.94 18.06 -1.03
C GLN A 9 22.45 18.37 -0.94
N LEU A 10 21.69 17.91 -1.93
CA LEU A 10 20.25 18.13 -1.96
C LEU A 10 19.58 17.57 -0.71
N ASP A 11 19.19 18.45 0.20
CA ASP A 11 18.54 18.05 1.44
C ASP A 11 17.08 18.52 1.47
N LEU A 12 16.17 17.63 1.05
CA LEU A 12 14.75 17.96 1.04
C LEU A 12 13.93 16.87 1.71
N LEU A 13 13.59 17.08 2.97
CA LEU A 13 12.81 16.10 3.73
C LEU A 13 11.31 16.37 3.57
N ARG A 14 10.67 15.60 2.70
CA ARG A 14 9.25 15.76 2.45
C ARG A 14 8.46 14.62 3.09
N SER A 15 7.14 14.75 3.09
CA SER A 15 6.27 13.73 3.67
C SER A 15 5.08 13.44 2.76
N ASN A 16 5.31 13.47 1.45
CA ASN A 16 4.26 13.22 0.48
C ASN A 16 3.83 11.77 0.51
N THR A 17 2.53 11.54 0.63
CA THR A 17 1.99 10.19 0.67
C THR A 17 2.55 9.41 1.85
N GLY A 18 2.22 8.11 1.92
CA GLY A 18 2.70 7.29 3.00
C GLY A 18 3.68 6.22 2.52
N LEU A 19 3.34 4.96 2.76
CA LEU A 19 4.19 3.84 2.35
C LEU A 19 3.57 3.10 1.18
N LEU A 20 4.42 2.42 0.41
CA LEU A 20 3.95 1.66 -0.75
C LEU A 20 3.82 0.18 -0.42
N TYR A 21 2.91 -0.50 -1.10
CA TYR A 21 2.68 -1.92 -0.87
C TYR A 21 2.53 -2.66 -2.19
N ARG A 22 2.99 -3.91 -2.21
CA ARG A 22 2.91 -4.74 -3.41
C ARG A 22 2.69 -6.20 -3.05
N ILE A 23 1.93 -6.90 -3.89
CA ILE A 23 1.64 -8.31 -3.67
C ILE A 23 2.84 -9.18 -4.00
N LYS A 24 2.90 -10.36 -3.40
CA LYS A 24 4.00 -11.29 -3.64
C LYS A 24 3.56 -12.44 -4.55
N ASP A 25 4.22 -12.56 -5.69
CA ASP A 25 3.89 -13.62 -6.64
C ASP A 25 2.39 -13.61 -6.98
N SER A 26 1.95 -14.65 -7.68
CA SER A 26 0.54 -14.75 -8.06
C SER A 26 0.14 -16.22 -8.21
N GLN A 27 0.82 -17.09 -7.49
CA GLN A 27 0.53 -18.52 -7.54
C GLN A 27 0.85 -19.19 -6.21
N ASN A 28 0.41 -18.57 -5.12
CA ASN A 28 0.65 -19.12 -3.78
C ASN A 28 -0.37 -18.57 -2.79
N ALA A 29 -1.23 -19.46 -2.29
CA ALA A 29 -2.25 -19.06 -1.32
C ALA A 29 -3.00 -20.27 -0.79
N GLY A 30 -4.08 -20.03 -0.07
CA GLY A 30 -4.87 -21.12 0.49
C GLY A 30 -4.60 -21.32 1.97
N LYS A 31 -4.07 -20.29 2.62
CA LYS A 31 -3.77 -20.37 4.04
C LYS A 31 -4.16 -19.07 4.74
N MET A 32 -5.13 -18.37 4.17
CA MET A 32 -5.59 -17.10 4.75
C MET A 32 -6.36 -17.35 6.04
N LYS A 33 -5.92 -16.72 7.13
CA LYS A 33 -6.56 -16.87 8.42
C LYS A 33 -7.95 -16.22 8.41
N GLY A 34 -8.55 -16.10 9.59
CA GLY A 34 -9.86 -15.50 9.71
C GLY A 34 -9.91 -14.11 9.09
N SER A 35 -11.10 -13.52 9.04
CA SER A 35 -11.28 -12.20 8.46
C SER A 35 -10.74 -12.15 7.05
N ASP A 36 -10.81 -13.28 6.34
CA ASP A 36 -10.32 -13.36 4.97
C ASP A 36 -11.19 -12.52 4.04
N ASN A 37 -12.44 -12.33 4.42
CA ASN A 37 -13.38 -11.55 3.61
C ASN A 37 -13.00 -10.07 3.63
N GLN A 38 -12.35 -9.64 4.71
CA GLN A 38 -11.94 -8.25 4.86
C GLN A 38 -10.56 -8.03 4.25
N GLU A 39 -9.75 -9.08 4.22
CA GLU A 39 -8.40 -9.00 3.67
C GLU A 39 -8.42 -9.21 2.15
N LYS A 40 -9.25 -10.13 1.71
CA LYS A 40 -9.38 -10.43 0.28
C LYS A 40 -9.63 -9.16 -0.53
N LEU A 41 -10.35 -8.22 0.08
CA LEU A 41 -10.67 -6.96 -0.59
C LEU A 41 -9.41 -6.10 -0.74
N VAL A 42 -8.53 -6.15 0.24
CA VAL A 42 -7.29 -5.38 0.21
C VAL A 42 -6.29 -6.00 -0.77
N TYR A 43 -6.11 -7.31 -0.67
CA TYR A 43 -5.18 -8.02 -1.54
C TYR A 43 -5.52 -7.76 -3.01
N GLN A 44 -6.80 -7.71 -3.32
CA GLN A 44 -7.26 -7.49 -4.68
C GLN A 44 -6.76 -6.14 -5.19
N ILE A 45 -6.86 -5.11 -4.35
CA ILE A 45 -6.43 -3.77 -4.72
C ILE A 45 -4.90 -3.72 -4.88
N ILE A 46 -4.20 -4.26 -3.90
CA ILE A 46 -2.74 -4.27 -3.93
C ILE A 46 -2.22 -5.05 -5.14
N GLU A 47 -2.96 -6.07 -5.54
CA GLU A 47 -2.57 -6.90 -6.68
C GLU A 47 -2.75 -6.13 -7.98
N ASP A 48 -3.79 -5.30 -8.04
CA ASP A 48 -4.09 -4.51 -9.23
C ASP A 48 -2.95 -3.55 -9.53
N ALA A 49 -2.22 -3.17 -8.48
CA ALA A 49 -1.09 -2.24 -8.64
C ALA A 49 0.12 -2.95 -9.24
N GLY A 50 0.20 -4.26 -9.02
CA GLY A 50 1.31 -5.03 -9.53
C GLY A 50 2.65 -4.46 -9.13
N ASN A 51 3.48 -4.14 -10.12
CA ASN A 51 4.80 -3.59 -9.86
C ASN A 51 4.70 -2.14 -9.38
N LYS A 52 3.66 -1.45 -9.82
CA LYS A 52 3.44 -0.06 -9.44
C LYS A 52 3.19 0.06 -7.95
N GLY A 53 2.56 -0.97 -7.37
CA GLY A 53 2.28 -0.96 -5.94
C GLY A 53 1.23 0.06 -5.57
N ILE A 54 0.56 -0.16 -4.44
CA ILE A 54 -0.48 0.75 -3.97
C ILE A 54 -0.12 1.34 -2.62
N TRP A 55 -0.31 2.64 -2.46
CA TRP A 55 -0.01 3.32 -1.20
C TRP A 55 -1.09 3.03 -0.16
N SER A 56 -0.69 3.02 1.11
CA SER A 56 -1.62 2.76 2.20
C SER A 56 -2.82 3.70 2.13
N ARG A 57 -2.60 4.88 1.57
CA ARG A 57 -3.66 5.87 1.45
C ARG A 57 -4.62 5.52 0.31
N ASP A 58 -4.08 4.87 -0.72
CA ASP A 58 -4.88 4.47 -1.88
C ASP A 58 -5.72 3.25 -1.55
N VAL A 59 -5.06 2.15 -1.19
CA VAL A 59 -5.76 0.91 -0.84
C VAL A 59 -6.82 1.16 0.21
N ARG A 60 -6.60 2.16 1.05
CA ARG A 60 -7.56 2.50 2.11
C ARG A 60 -8.78 3.19 1.53
N TYR A 61 -8.56 4.08 0.57
CA TYR A 61 -9.64 4.81 -0.07
C TYR A 61 -10.52 3.89 -0.89
N LYS A 62 -9.89 3.09 -1.75
CA LYS A 62 -10.61 2.15 -2.60
C LYS A 62 -11.33 1.10 -1.77
N SER A 63 -10.75 0.76 -0.62
CA SER A 63 -11.34 -0.23 0.27
C SER A 63 -12.41 0.39 1.15
N ASN A 64 -12.31 1.70 1.34
CA ASN A 64 -13.28 2.43 2.17
C ASN A 64 -13.23 1.95 3.61
N LEU A 65 -12.05 1.51 4.05
CA LEU A 65 -11.88 1.02 5.41
C LEU A 65 -11.03 1.99 6.22
N PRO A 66 -11.36 2.12 7.51
CA PRO A 66 -10.64 3.02 8.43
C PRO A 66 -9.25 2.51 8.76
N LEU A 67 -8.36 3.44 9.11
CA LEU A 67 -6.98 3.08 9.44
C LEU A 67 -6.93 1.98 10.49
N THR A 68 -7.83 2.07 11.48
CA THR A 68 -7.91 1.09 12.55
C THR A 68 -8.05 -0.32 11.99
N GLU A 69 -8.63 -0.42 10.78
CA GLU A 69 -8.84 -1.71 10.15
C GLU A 69 -7.65 -2.05 9.24
N ILE A 70 -7.41 -1.21 8.24
CA ILE A 70 -6.32 -1.42 7.30
C ILE A 70 -5.01 -1.67 8.04
N ASN A 71 -4.87 -1.06 9.21
CA ASN A 71 -3.66 -1.21 10.01
C ASN A 71 -3.41 -2.67 10.33
N LYS A 72 -4.47 -3.39 10.71
CA LYS A 72 -4.36 -4.80 11.05
C LYS A 72 -4.31 -5.66 9.79
N ILE A 73 -5.03 -5.23 8.76
CA ILE A 73 -5.07 -5.96 7.51
C ILE A 73 -3.70 -5.96 6.82
N LEU A 74 -3.19 -4.78 6.54
CA LEU A 74 -1.88 -4.64 5.90
C LEU A 74 -0.82 -5.44 6.66
N LYS A 75 -0.98 -5.52 7.98
CA LYS A 75 -0.04 -6.25 8.81
C LYS A 75 -0.32 -7.75 8.77
N ASN A 76 -1.59 -8.11 8.60
CA ASN A 76 -1.99 -9.51 8.53
C ASN A 76 -1.34 -10.21 7.35
N LEU A 77 -1.63 -9.73 6.15
CA LEU A 77 -1.07 -10.31 4.92
C LEU A 77 0.44 -10.42 5.02
N GLU A 78 1.06 -9.42 5.65
CA GLU A 78 2.51 -9.40 5.80
C GLU A 78 2.99 -10.65 6.53
N SER A 79 2.48 -10.87 7.73
CA SER A 79 2.87 -12.03 8.52
C SER A 79 2.61 -13.32 7.76
N LYS A 80 1.53 -13.34 6.98
CA LYS A 80 1.16 -14.51 6.19
C LYS A 80 2.18 -14.75 5.08
N LYS A 81 3.03 -13.76 4.84
CA LYS A 81 4.05 -13.87 3.80
C LYS A 81 3.40 -13.99 2.42
N LEU A 82 2.27 -13.33 2.24
CA LEU A 82 1.55 -13.36 0.97
C LEU A 82 1.87 -12.13 0.13
N ILE A 83 2.23 -11.04 0.81
CA ILE A 83 2.55 -9.79 0.13
C ILE A 83 3.95 -9.31 0.52
N LYS A 84 4.39 -8.22 -0.11
CA LYS A 84 5.71 -7.65 0.17
C LYS A 84 5.63 -6.13 0.27
N ALA A 85 6.03 -5.59 1.42
CA ALA A 85 6.01 -4.15 1.64
C ALA A 85 7.22 -3.49 0.97
N VAL A 86 6.99 -2.30 0.41
CA VAL A 86 8.05 -1.55 -0.24
C VAL A 86 8.10 -0.11 0.24
N LYS A 87 9.21 0.25 0.89
CA LYS A 87 9.37 1.61 1.40
C LYS A 87 9.59 2.60 0.27
N SER A 88 9.04 3.81 0.42
CA SER A 88 9.17 4.85 -0.59
C SER A 88 10.23 5.86 -0.20
N VAL A 89 10.78 6.55 -1.19
CA VAL A 89 11.81 7.56 -0.95
C VAL A 89 11.60 8.78 -1.85
N SER A 90 11.86 9.96 -1.29
CA SER A 90 11.71 11.20 -2.04
C SER A 90 13.02 11.96 -2.10
N GLY A 91 13.69 11.91 -3.25
CA GLY A 91 14.96 12.60 -3.42
C GLY A 91 15.95 11.81 -4.25
N PRO A 92 16.34 10.62 -3.74
CA PRO A 92 17.30 9.75 -4.42
C PRO A 92 16.71 9.11 -5.67
N SER A 93 16.77 9.84 -6.79
CA SER A 93 16.24 9.35 -8.05
C SER A 93 16.61 10.28 -9.19
N SER A 94 16.07 11.49 -9.17
CA SER A 94 16.34 12.48 -10.21
C SER A 94 17.72 13.11 -10.00
N GLY A 95 18.46 13.25 -11.10
CA GLY A 95 19.78 13.84 -11.03
C GLY A 95 19.79 15.31 -11.38
N GLY A 1 17.79 4.73 -34.60
CA GLY A 1 16.75 5.42 -33.85
C GLY A 1 17.25 6.71 -33.21
N SER A 2 18.37 6.61 -32.49
CA SER A 2 18.94 7.77 -31.82
C SER A 2 17.94 8.39 -30.85
N SER A 3 18.36 9.46 -30.19
CA SER A 3 17.51 10.14 -29.23
C SER A 3 18.00 11.56 -28.96
N GLY A 4 17.29 12.28 -28.10
CA GLY A 4 17.68 13.64 -27.78
C GLY A 4 16.68 14.33 -26.87
N SER A 5 16.33 15.56 -27.21
CA SER A 5 15.38 16.33 -26.41
C SER A 5 15.88 16.50 -24.98
N SER A 6 16.69 17.53 -24.76
CA SER A 6 17.24 17.80 -23.44
C SER A 6 16.36 18.78 -22.67
N GLY A 7 16.61 18.90 -21.37
CA GLY A 7 15.83 19.81 -20.54
C GLY A 7 14.50 19.21 -20.11
N GLY A 8 13.94 19.74 -19.03
CA GLY A 8 12.68 19.23 -18.53
C GLY A 8 11.84 20.33 -17.89
N GLN A 9 11.25 20.01 -16.74
CA GLN A 9 10.40 20.97 -16.04
C GLN A 9 10.30 20.62 -14.55
N LEU A 10 10.88 21.47 -13.71
CA LEU A 10 10.86 21.24 -12.26
C LEU A 10 10.20 22.41 -11.54
N ASP A 11 8.94 22.25 -11.18
CA ASP A 11 8.19 23.29 -10.48
C ASP A 11 7.83 22.84 -9.07
N LEU A 12 7.40 23.79 -8.24
CA LEU A 12 7.02 23.50 -6.87
C LEU A 12 5.67 22.81 -6.81
N LEU A 13 5.65 21.59 -6.27
CA LEU A 13 4.41 20.83 -6.16
C LEU A 13 4.25 20.25 -4.75
N ARG A 14 3.01 19.99 -4.36
CA ARG A 14 2.72 19.44 -3.04
C ARG A 14 2.32 17.98 -3.14
N SER A 15 3.17 17.08 -2.66
CA SER A 15 2.90 15.65 -2.71
C SER A 15 3.01 15.03 -1.32
N ASN A 16 1.87 14.61 -0.78
CA ASN A 16 1.85 14.01 0.55
C ASN A 16 1.44 12.53 0.47
N THR A 17 2.43 11.65 0.56
CA THR A 17 2.19 10.21 0.50
C THR A 17 2.78 9.50 1.71
N GLY A 18 2.42 8.22 1.86
CA GLY A 18 2.94 7.45 2.98
C GLY A 18 3.88 6.34 2.54
N LEU A 19 3.45 5.10 2.74
CA LEU A 19 4.27 3.95 2.36
C LEU A 19 3.65 3.20 1.18
N LEU A 20 4.48 2.49 0.43
CA LEU A 20 4.01 1.73 -0.72
C LEU A 20 3.88 0.25 -0.37
N TYR A 21 2.96 -0.43 -1.06
CA TYR A 21 2.74 -1.86 -0.82
C TYR A 21 2.63 -2.62 -2.14
N ARG A 22 3.00 -3.89 -2.12
CA ARG A 22 2.94 -4.73 -3.31
C ARG A 22 2.63 -6.18 -2.94
N ILE A 23 2.15 -6.94 -3.91
CA ILE A 23 1.82 -8.34 -3.69
C ILE A 23 2.93 -9.26 -4.19
N LYS A 24 3.10 -10.39 -3.52
CA LYS A 24 4.13 -11.35 -3.91
C LYS A 24 3.51 -12.59 -4.55
N ASP A 25 4.00 -12.93 -5.74
CA ASP A 25 3.49 -14.09 -6.47
C ASP A 25 2.02 -13.90 -6.84
N SER A 26 1.77 -13.62 -8.12
CA SER A 26 0.42 -13.41 -8.60
C SER A 26 -0.49 -14.57 -8.20
N GLN A 27 0.10 -15.76 -8.08
CA GLN A 27 -0.66 -16.95 -7.70
C GLN A 27 -0.91 -16.97 -6.20
N ASN A 28 -2.15 -16.70 -5.81
CA ASN A 28 -2.53 -16.69 -4.40
C ASN A 28 -2.13 -17.99 -3.73
N ALA A 29 -1.41 -17.88 -2.60
CA ALA A 29 -0.97 -19.05 -1.86
C ALA A 29 -2.14 -19.75 -1.19
N GLY A 30 -3.13 -18.97 -0.77
CA GLY A 30 -4.30 -19.54 -0.12
C GLY A 30 -4.03 -19.92 1.32
N LYS A 31 -3.27 -19.09 2.03
CA LYS A 31 -2.93 -19.34 3.42
C LYS A 31 -3.51 -18.25 4.32
N MET A 32 -4.60 -17.64 3.88
CA MET A 32 -5.25 -16.59 4.66
C MET A 32 -5.94 -17.16 5.89
N LYS A 33 -6.34 -16.29 6.80
CA LYS A 33 -7.01 -16.71 8.03
C LYS A 33 -7.49 -15.50 8.82
N GLY A 34 -8.69 -15.61 9.39
CA GLY A 34 -9.24 -14.51 10.18
C GLY A 34 -9.59 -13.31 9.33
N SER A 35 -10.86 -12.93 9.32
CA SER A 35 -11.31 -11.79 8.54
C SER A 35 -10.87 -11.91 7.10
N ASP A 36 -10.88 -13.13 6.58
CA ASP A 36 -10.48 -13.38 5.19
C ASP A 36 -11.30 -12.54 4.22
N ASN A 37 -12.56 -12.27 4.60
CA ASN A 37 -13.45 -11.49 3.76
C ASN A 37 -13.02 -10.02 3.74
N GLN A 38 -12.36 -9.59 4.81
CA GLN A 38 -11.91 -8.20 4.91
C GLN A 38 -10.53 -8.04 4.29
N GLU A 39 -9.76 -9.13 4.26
CA GLU A 39 -8.41 -9.11 3.70
C GLU A 39 -8.46 -9.38 2.20
N LYS A 40 -9.31 -10.30 1.79
CA LYS A 40 -9.45 -10.65 0.38
C LYS A 40 -9.70 -9.41 -0.47
N LEU A 41 -10.40 -8.44 0.11
CA LEU A 41 -10.70 -7.19 -0.59
C LEU A 41 -9.45 -6.34 -0.76
N VAL A 42 -8.61 -6.31 0.28
CA VAL A 42 -7.38 -5.53 0.25
C VAL A 42 -6.36 -6.16 -0.70
N TYR A 43 -6.17 -7.47 -0.57
CA TYR A 43 -5.23 -8.18 -1.43
C TYR A 43 -5.54 -7.96 -2.90
N GLN A 44 -6.83 -7.83 -3.22
CA GLN A 44 -7.26 -7.60 -4.59
C GLN A 44 -6.80 -6.24 -5.09
N ILE A 45 -6.95 -5.23 -4.25
CA ILE A 45 -6.54 -3.87 -4.61
C ILE A 45 -5.03 -3.79 -4.83
N ILE A 46 -4.28 -4.31 -3.88
CA ILE A 46 -2.82 -4.30 -3.97
C ILE A 46 -2.34 -5.03 -5.22
N GLU A 47 -3.05 -6.09 -5.59
CA GLU A 47 -2.70 -6.87 -6.77
C GLU A 47 -2.82 -6.04 -8.03
N ASP A 48 -3.93 -5.32 -8.17
CA ASP A 48 -4.17 -4.47 -9.33
C ASP A 48 -3.02 -3.48 -9.52
N ALA A 49 -2.37 -3.11 -8.42
CA ALA A 49 -1.26 -2.17 -8.46
C ALA A 49 -0.06 -2.77 -9.18
N GLY A 50 0.10 -4.09 -9.05
CA GLY A 50 1.21 -4.77 -9.70
C GLY A 50 2.55 -4.19 -9.28
N ASN A 51 3.45 -4.01 -10.26
CA ASN A 51 4.78 -3.47 -9.98
C ASN A 51 4.68 -2.04 -9.47
N LYS A 52 3.65 -1.33 -9.91
CA LYS A 52 3.44 0.06 -9.50
C LYS A 52 3.25 0.16 -8.00
N GLY A 53 2.58 -0.83 -7.42
CA GLY A 53 2.34 -0.84 -5.99
C GLY A 53 1.26 0.15 -5.58
N ILE A 54 0.65 -0.10 -4.43
CA ILE A 54 -0.41 0.78 -3.93
C ILE A 54 -0.02 1.36 -2.57
N TRP A 55 -0.26 2.67 -2.42
CA TRP A 55 0.05 3.35 -1.17
C TRP A 55 -1.00 3.06 -0.10
N SER A 56 -0.59 3.08 1.16
CA SER A 56 -1.50 2.81 2.27
C SER A 56 -2.70 3.75 2.23
N ARG A 57 -2.51 4.92 1.63
CA ARG A 57 -3.57 5.90 1.52
C ARG A 57 -4.49 5.59 0.35
N ASP A 58 -3.95 4.89 -0.65
CA ASP A 58 -4.72 4.52 -1.83
C ASP A 58 -5.61 3.32 -1.54
N VAL A 59 -4.99 2.20 -1.18
CA VAL A 59 -5.73 0.97 -0.88
C VAL A 59 -6.82 1.24 0.15
N ARG A 60 -6.56 2.18 1.06
CA ARG A 60 -7.53 2.53 2.10
C ARG A 60 -8.74 3.23 1.50
N TYR A 61 -8.49 4.10 0.53
CA TYR A 61 -9.56 4.85 -0.12
C TYR A 61 -10.42 3.92 -0.99
N LYS A 62 -9.76 3.11 -1.80
CA LYS A 62 -10.45 2.17 -2.69
C LYS A 62 -11.18 1.11 -1.88
N SER A 63 -10.68 0.84 -0.68
CA SER A 63 -11.29 -0.17 0.19
C SER A 63 -12.38 0.46 1.06
N ASN A 64 -12.29 1.76 1.26
CA ASN A 64 -13.26 2.49 2.08
C ASN A 64 -13.22 1.99 3.53
N LEU A 65 -12.05 1.52 3.96
CA LEU A 65 -11.88 1.02 5.31
C LEU A 65 -11.05 2.00 6.14
N PRO A 66 -11.39 2.12 7.44
CA PRO A 66 -10.69 3.02 8.36
C PRO A 66 -9.29 2.51 8.69
N LEU A 67 -8.40 3.44 9.04
CA LEU A 67 -7.03 3.09 9.38
C LEU A 67 -6.99 2.00 10.44
N THR A 68 -7.88 2.10 11.42
CA THR A 68 -7.96 1.11 12.49
C THR A 68 -8.10 -0.29 11.95
N GLU A 69 -8.67 -0.41 10.75
CA GLU A 69 -8.87 -1.70 10.11
C GLU A 69 -7.68 -2.05 9.21
N ILE A 70 -7.44 -1.20 8.21
CA ILE A 70 -6.34 -1.42 7.28
C ILE A 70 -5.03 -1.66 8.02
N ASN A 71 -4.89 -1.04 9.18
CA ASN A 71 -3.69 -1.18 9.98
C ASN A 71 -3.43 -2.64 10.32
N LYS A 72 -4.50 -3.36 10.67
CA LYS A 72 -4.38 -4.77 11.02
C LYS A 72 -4.34 -5.63 9.76
N ILE A 73 -5.12 -5.25 8.76
CA ILE A 73 -5.16 -6.00 7.50
C ILE A 73 -3.80 -6.00 6.81
N LEU A 74 -3.30 -4.80 6.52
CA LEU A 74 -2.01 -4.65 5.86
C LEU A 74 -0.93 -5.44 6.60
N LYS A 75 -1.07 -5.54 7.92
CA LYS A 75 -0.11 -6.26 8.74
C LYS A 75 -0.37 -7.76 8.68
N ASN A 76 -1.64 -8.13 8.52
CA ASN A 76 -2.02 -9.54 8.45
C ASN A 76 -1.35 -10.22 7.26
N LEU A 77 -1.65 -9.73 6.06
CA LEU A 77 -1.08 -10.29 4.84
C LEU A 77 0.44 -10.38 4.94
N GLU A 78 1.04 -9.40 5.62
CA GLU A 78 2.49 -9.37 5.78
C GLU A 78 2.98 -10.63 6.49
N SER A 79 2.47 -10.87 7.69
CA SER A 79 2.85 -12.04 8.46
C SER A 79 2.60 -13.33 7.69
N LYS A 80 1.54 -13.34 6.89
CA LYS A 80 1.19 -14.50 6.09
C LYS A 80 2.21 -14.71 4.97
N LYS A 81 3.06 -13.72 4.75
CA LYS A 81 4.08 -13.81 3.72
C LYS A 81 3.46 -13.90 2.33
N LEU A 82 2.32 -13.25 2.16
CA LEU A 82 1.61 -13.27 0.88
C LEU A 82 1.93 -12.02 0.07
N ILE A 83 2.27 -10.93 0.77
CA ILE A 83 2.59 -9.67 0.11
C ILE A 83 4.00 -9.20 0.48
N LYS A 84 4.44 -8.13 -0.16
CA LYS A 84 5.76 -7.58 0.11
C LYS A 84 5.71 -6.05 0.23
N ALA A 85 6.11 -5.54 1.39
CA ALA A 85 6.10 -4.10 1.63
C ALA A 85 7.29 -3.43 0.96
N VAL A 86 7.06 -2.25 0.41
CA VAL A 86 8.12 -1.49 -0.26
C VAL A 86 8.17 -0.05 0.23
N LYS A 87 9.28 0.31 0.86
CA LYS A 87 9.46 1.67 1.38
C LYS A 87 9.85 2.63 0.26
N SER A 88 9.26 3.82 0.29
CA SER A 88 9.55 4.83 -0.72
C SER A 88 10.77 5.66 -0.33
N VAL A 89 11.57 6.01 -1.34
CA VAL A 89 12.78 6.80 -1.10
C VAL A 89 13.73 6.08 -0.15
N SER A 90 14.60 5.25 -0.71
CA SER A 90 15.56 4.50 0.09
C SER A 90 16.76 5.36 0.45
N GLY A 91 16.56 6.32 1.35
CA GLY A 91 17.64 7.20 1.75
C GLY A 91 18.19 6.85 3.12
N PRO A 92 19.36 7.43 3.46
CA PRO A 92 20.02 7.18 4.75
C PRO A 92 19.24 7.79 5.92
N SER A 93 18.27 7.05 6.43
CA SER A 93 17.46 7.52 7.56
C SER A 93 17.20 6.39 8.54
N SER A 94 18.20 5.55 8.74
CA SER A 94 18.07 4.42 9.67
C SER A 94 18.83 4.68 10.97
N GLY A 95 20.13 4.89 10.85
CA GLY A 95 20.95 5.15 12.01
C GLY A 95 22.38 4.66 11.85
N GLY A 1 23.72 1.93 -3.84
CA GLY A 1 23.46 1.32 -2.54
C GLY A 1 23.97 2.17 -1.40
N SER A 2 25.16 2.74 -1.56
CA SER A 2 25.75 3.58 -0.53
C SER A 2 25.51 5.05 -0.82
N SER A 3 25.71 5.45 -2.07
CA SER A 3 25.51 6.84 -2.47
C SER A 3 26.34 7.78 -1.61
N GLY A 4 26.13 9.09 -1.79
CA GLY A 4 26.86 10.08 -1.02
C GLY A 4 26.27 10.27 0.37
N SER A 5 27.05 10.86 1.27
CA SER A 5 26.60 11.10 2.63
C SER A 5 27.49 12.15 3.31
N SER A 6 27.53 13.34 2.74
CA SER A 6 28.34 14.42 3.29
C SER A 6 27.72 15.77 2.98
N GLY A 7 27.25 15.94 1.74
CA GLY A 7 26.64 17.19 1.34
C GLY A 7 25.29 17.42 1.99
N GLY A 8 25.19 18.51 2.75
CA GLY A 8 23.94 18.82 3.42
C GLY A 8 23.09 19.80 2.64
N GLN A 9 21.77 19.60 2.69
CA GLN A 9 20.86 20.49 1.98
C GLN A 9 21.16 20.50 0.48
N LEU A 10 20.43 19.67 -0.27
CA LEU A 10 20.63 19.59 -1.72
C LEU A 10 19.31 19.81 -2.45
N ASP A 11 18.25 19.18 -1.97
CA ASP A 11 16.93 19.31 -2.58
C ASP A 11 15.84 19.43 -1.52
N LEU A 12 14.60 19.53 -1.95
CA LEU A 12 13.47 19.66 -1.04
C LEU A 12 12.33 18.75 -1.46
N LEU A 13 12.29 17.54 -0.90
CA LEU A 13 11.24 16.58 -1.22
C LEU A 13 10.11 16.65 -0.20
N ARG A 14 9.01 17.29 -0.57
CA ARG A 14 7.86 17.43 0.32
C ARG A 14 6.61 16.85 -0.33
N SER A 15 6.24 15.64 0.09
CA SER A 15 5.06 14.97 -0.44
C SER A 15 4.43 14.05 0.60
N ASN A 16 3.12 14.20 0.79
CA ASN A 16 2.39 13.39 1.76
C ASN A 16 1.64 12.26 1.06
N THR A 17 2.19 11.05 1.13
CA THR A 17 1.56 9.89 0.51
C THR A 17 1.54 8.70 1.45
N GLY A 18 2.65 8.49 2.15
CA GLY A 18 2.74 7.38 3.09
C GLY A 18 3.69 6.29 2.62
N LEU A 19 3.33 5.05 2.87
CA LEU A 19 4.17 3.91 2.47
C LEU A 19 3.55 3.18 1.29
N LEU A 20 4.40 2.49 0.53
CA LEU A 20 3.95 1.74 -0.64
C LEU A 20 3.81 0.24 -0.30
N TYR A 21 2.90 -0.43 -0.99
CA TYR A 21 2.68 -1.85 -0.78
C TYR A 21 2.53 -2.59 -2.10
N ARG A 22 2.96 -3.84 -2.13
CA ARG A 22 2.88 -4.66 -3.34
C ARG A 22 2.64 -6.12 -2.99
N ILE A 23 2.04 -6.86 -3.91
CA ILE A 23 1.75 -8.27 -3.70
C ILE A 23 2.98 -9.13 -3.98
N LYS A 24 3.01 -10.32 -3.41
CA LYS A 24 4.13 -11.24 -3.59
C LYS A 24 3.77 -12.34 -4.59
N ASP A 25 4.51 -12.38 -5.70
CA ASP A 25 4.27 -13.38 -6.74
C ASP A 25 2.81 -13.35 -7.20
N SER A 26 2.45 -14.30 -8.05
CA SER A 26 1.10 -14.37 -8.58
C SER A 26 0.64 -15.83 -8.69
N GLN A 27 -0.67 -16.02 -8.84
CA GLN A 27 -1.22 -17.36 -8.97
C GLN A 27 -0.93 -18.20 -7.73
N ASN A 28 -0.82 -17.52 -6.59
CA ASN A 28 -0.53 -18.20 -5.33
C ASN A 28 -1.15 -17.44 -4.15
N ALA A 29 -2.42 -17.70 -3.88
CA ALA A 29 -3.11 -17.03 -2.78
C ALA A 29 -4.11 -17.98 -2.11
N GLY A 30 -4.17 -17.93 -0.79
CA GLY A 30 -5.08 -18.79 -0.05
C GLY A 30 -4.65 -19.01 1.38
N LYS A 31 -5.37 -19.86 2.10
CA LYS A 31 -5.07 -20.14 3.49
C LYS A 31 -4.97 -18.86 4.30
N MET A 32 -5.69 -17.83 3.88
CA MET A 32 -5.69 -16.55 4.57
C MET A 32 -6.25 -16.69 5.98
N LYS A 33 -7.53 -17.02 6.07
CA LYS A 33 -8.19 -17.18 7.36
C LYS A 33 -8.19 -15.88 8.15
N GLY A 34 -9.05 -15.80 9.17
CA GLY A 34 -9.13 -14.60 9.98
C GLY A 34 -9.57 -13.39 9.19
N SER A 35 -10.88 -13.13 9.18
CA SER A 35 -11.43 -12.00 8.44
C SER A 35 -10.95 -12.01 7.00
N ASP A 36 -10.88 -13.19 6.41
CA ASP A 36 -10.44 -13.34 5.03
C ASP A 36 -11.30 -12.49 4.09
N ASN A 37 -12.54 -12.25 4.49
CA ASN A 37 -13.45 -11.44 3.68
C ASN A 37 -13.06 -9.97 3.72
N GLN A 38 -12.38 -9.58 4.79
CA GLN A 38 -11.95 -8.19 4.94
C GLN A 38 -10.56 -7.99 4.32
N GLU A 39 -9.79 -9.06 4.26
CA GLU A 39 -8.44 -9.00 3.69
C GLU A 39 -8.48 -9.22 2.19
N LYS A 40 -9.34 -10.13 1.75
CA LYS A 40 -9.47 -10.44 0.33
C LYS A 40 -9.72 -9.18 -0.48
N LEU A 41 -10.43 -8.22 0.11
CA LEU A 41 -10.73 -6.96 -0.56
C LEU A 41 -9.48 -6.09 -0.67
N VAL A 42 -8.59 -6.22 0.32
CA VAL A 42 -7.35 -5.44 0.33
C VAL A 42 -6.31 -6.05 -0.59
N TYR A 43 -6.20 -7.38 -0.56
CA TYR A 43 -5.24 -8.09 -1.39
C TYR A 43 -5.53 -7.85 -2.87
N GLN A 44 -6.81 -7.68 -3.20
CA GLN A 44 -7.22 -7.45 -4.58
C GLN A 44 -6.72 -6.09 -5.08
N ILE A 45 -6.87 -5.07 -4.23
CA ILE A 45 -6.43 -3.72 -4.58
C ILE A 45 -4.93 -3.67 -4.78
N ILE A 46 -4.20 -4.31 -3.89
CA ILE A 46 -2.74 -4.34 -3.97
C ILE A 46 -2.27 -5.12 -5.19
N GLU A 47 -2.98 -6.18 -5.52
CA GLU A 47 -2.64 -7.02 -6.66
C GLU A 47 -2.90 -6.27 -7.97
N ASP A 48 -3.90 -5.39 -7.95
CA ASP A 48 -4.26 -4.62 -9.14
C ASP A 48 -3.14 -3.64 -9.50
N ALA A 49 -2.45 -3.15 -8.49
CA ALA A 49 -1.35 -2.20 -8.70
C ALA A 49 -0.24 -2.83 -9.54
N GLY A 50 -0.01 -4.13 -9.34
CA GLY A 50 1.01 -4.83 -10.09
C GLY A 50 2.40 -4.57 -9.54
N ASN A 51 3.20 -3.83 -10.28
CA ASN A 51 4.56 -3.51 -9.86
C ASN A 51 4.63 -2.12 -9.23
N LYS A 52 3.84 -1.19 -9.76
CA LYS A 52 3.80 0.17 -9.26
C LYS A 52 3.46 0.19 -7.77
N GLY A 53 2.70 -0.81 -7.33
CA GLY A 53 2.32 -0.89 -5.93
C GLY A 53 1.25 0.12 -5.57
N ILE A 54 0.64 -0.05 -4.39
CA ILE A 54 -0.40 0.85 -3.93
C ILE A 54 -0.07 1.42 -2.56
N TRP A 55 -0.23 2.74 -2.41
CA TRP A 55 0.05 3.40 -1.15
C TRP A 55 -1.02 3.08 -0.11
N SER A 56 -0.62 3.02 1.15
CA SER A 56 -1.54 2.72 2.24
C SER A 56 -2.76 3.62 2.19
N ARG A 57 -2.57 4.84 1.68
CA ARG A 57 -3.65 5.80 1.57
C ARG A 57 -4.57 5.46 0.40
N ASP A 58 -3.98 4.94 -0.67
CA ASP A 58 -4.75 4.58 -1.85
C ASP A 58 -5.61 3.35 -1.58
N VAL A 59 -4.94 2.24 -1.25
CA VAL A 59 -5.64 0.99 -0.96
C VAL A 59 -6.75 1.20 0.06
N ARG A 60 -6.52 2.13 0.99
CA ARG A 60 -7.50 2.43 2.03
C ARG A 60 -8.74 3.10 1.44
N TYR A 61 -8.52 4.01 0.50
CA TYR A 61 -9.62 4.73 -0.14
C TYR A 61 -10.46 3.78 -0.99
N LYS A 62 -9.79 2.97 -1.80
CA LYS A 62 -10.47 2.02 -2.66
C LYS A 62 -11.15 0.93 -1.85
N SER A 63 -10.56 0.60 -0.70
CA SER A 63 -11.12 -0.42 0.18
C SER A 63 -12.26 0.13 1.03
N ASN A 64 -12.27 1.45 1.20
CA ASN A 64 -13.30 2.11 1.99
C ASN A 64 -13.25 1.66 3.45
N LEU A 65 -12.06 1.29 3.90
CA LEU A 65 -11.87 0.83 5.27
C LEU A 65 -11.05 1.83 6.08
N PRO A 66 -11.40 1.99 7.36
CA PRO A 66 -10.71 2.92 8.27
C PRO A 66 -9.29 2.46 8.60
N LEU A 67 -8.43 3.40 8.96
CA LEU A 67 -7.05 3.09 9.30
C LEU A 67 -6.99 2.00 10.36
N THR A 68 -7.92 2.06 11.31
CA THR A 68 -7.96 1.06 12.39
C THR A 68 -8.06 -0.35 11.84
N GLU A 69 -8.67 -0.47 10.66
CA GLU A 69 -8.83 -1.78 10.02
C GLU A 69 -7.63 -2.10 9.14
N ILE A 70 -7.37 -1.25 8.15
CA ILE A 70 -6.24 -1.44 7.24
C ILE A 70 -4.95 -1.67 8.02
N ASN A 71 -4.85 -1.04 9.19
CA ASN A 71 -3.66 -1.16 10.02
C ASN A 71 -3.39 -2.62 10.38
N LYS A 72 -4.47 -3.35 10.66
CA LYS A 72 -4.35 -4.77 11.02
C LYS A 72 -4.29 -5.64 9.77
N ILE A 73 -5.06 -5.26 8.75
CA ILE A 73 -5.10 -6.01 7.50
C ILE A 73 -3.74 -5.99 6.81
N LEU A 74 -3.24 -4.80 6.54
CA LEU A 74 -1.94 -4.64 5.88
C LEU A 74 -0.86 -5.44 6.61
N LYS A 75 -0.99 -5.51 7.93
CA LYS A 75 -0.03 -6.25 8.74
C LYS A 75 -0.30 -7.75 8.70
N ASN A 76 -1.58 -8.10 8.54
CA ASN A 76 -1.97 -9.50 8.48
C ASN A 76 -1.33 -10.20 7.28
N LEU A 77 -1.62 -9.71 6.09
CA LEU A 77 -1.06 -10.28 4.86
C LEU A 77 0.46 -10.41 4.96
N GLU A 78 1.09 -9.42 5.58
CA GLU A 78 2.54 -9.41 5.75
C GLU A 78 3.01 -10.68 6.46
N SER A 79 2.49 -10.90 7.66
CA SER A 79 2.85 -12.08 8.44
C SER A 79 2.58 -13.36 7.66
N LYS A 80 1.52 -13.36 6.87
CA LYS A 80 1.15 -14.52 6.07
C LYS A 80 2.16 -14.76 4.96
N LYS A 81 3.03 -13.77 4.73
CA LYS A 81 4.04 -13.87 3.70
C LYS A 81 3.41 -13.98 2.32
N LEU A 82 2.28 -13.30 2.14
CA LEU A 82 1.57 -13.32 0.85
C LEU A 82 1.90 -12.06 0.04
N ILE A 83 2.25 -10.99 0.73
CA ILE A 83 2.58 -9.74 0.07
C ILE A 83 3.97 -9.25 0.48
N LYS A 84 4.40 -8.16 -0.13
CA LYS A 84 5.72 -7.59 0.16
C LYS A 84 5.65 -6.07 0.28
N ALA A 85 6.03 -5.56 1.45
CA ALA A 85 6.01 -4.12 1.68
C ALA A 85 7.21 -3.44 1.04
N VAL A 86 6.98 -2.25 0.49
CA VAL A 86 8.04 -1.49 -0.16
C VAL A 86 8.09 -0.06 0.35
N LYS A 87 9.18 0.30 1.00
CA LYS A 87 9.35 1.66 1.53
C LYS A 87 10.00 2.57 0.49
N SER A 88 9.39 3.74 0.29
CA SER A 88 9.90 4.71 -0.67
C SER A 88 11.20 5.33 -0.18
N VAL A 89 12.18 5.44 -1.06
CA VAL A 89 13.47 6.01 -0.72
C VAL A 89 13.72 7.30 -1.50
N SER A 90 14.78 8.01 -1.14
CA SER A 90 15.13 9.27 -1.80
C SER A 90 15.56 9.02 -3.24
N GLY A 91 16.60 8.21 -3.41
CA GLY A 91 17.10 7.90 -4.73
C GLY A 91 18.46 8.51 -5.00
N PRO A 92 19.11 8.07 -6.10
CA PRO A 92 20.44 8.56 -6.48
C PRO A 92 20.41 10.01 -6.95
N SER A 93 21.58 10.53 -7.30
CA SER A 93 21.69 11.91 -7.76
C SER A 93 21.60 11.98 -9.29
N SER A 94 21.79 13.18 -9.83
CA SER A 94 21.74 13.38 -11.27
C SER A 94 22.72 14.46 -11.71
N GLY A 95 22.49 15.69 -11.25
CA GLY A 95 23.36 16.79 -11.61
C GLY A 95 23.57 17.76 -10.45
N GLY A 1 29.95 17.39 -18.26
CA GLY A 1 30.32 16.29 -17.40
C GLY A 1 30.14 16.62 -15.93
N SER A 2 30.63 17.79 -15.51
CA SER A 2 30.52 18.21 -14.12
C SER A 2 31.20 17.21 -13.19
N SER A 3 31.00 17.42 -11.89
CA SER A 3 31.60 16.53 -10.90
C SER A 3 30.68 16.37 -9.69
N GLY A 4 30.02 15.23 -9.62
CA GLY A 4 29.11 14.96 -8.51
C GLY A 4 28.05 16.04 -8.36
N SER A 5 26.94 15.89 -9.08
CA SER A 5 25.86 16.87 -9.02
C SER A 5 24.67 16.31 -8.24
N SER A 6 24.37 16.94 -7.11
CA SER A 6 23.27 16.52 -6.26
C SER A 6 23.10 17.46 -5.07
N GLY A 7 21.88 17.52 -4.55
CA GLY A 7 21.60 18.39 -3.42
C GLY A 7 20.13 18.40 -3.04
N GLY A 8 19.84 18.74 -1.79
CA GLY A 8 18.47 18.79 -1.33
C GLY A 8 18.31 19.57 -0.04
N GLN A 9 17.21 19.33 0.67
CA GLN A 9 16.94 20.01 1.92
C GLN A 9 16.71 19.02 3.05
N LEU A 10 16.58 19.53 4.27
CA LEU A 10 16.36 18.69 5.44
C LEU A 10 14.86 18.46 5.66
N ASP A 11 14.05 19.45 5.28
CA ASP A 11 12.61 19.35 5.43
C ASP A 11 11.91 19.61 4.10
N LEU A 12 11.79 18.57 3.28
CA LEU A 12 11.14 18.68 1.99
C LEU A 12 9.66 18.32 2.09
N LEU A 13 8.80 19.33 2.06
CA LEU A 13 7.37 19.12 2.15
C LEU A 13 6.69 19.41 0.81
N ARG A 14 5.64 18.65 0.51
CA ARG A 14 4.91 18.83 -0.73
C ARG A 14 3.59 18.07 -0.70
N SER A 15 3.67 16.75 -0.54
CA SER A 15 2.49 15.91 -0.50
C SER A 15 2.78 14.59 0.21
N ASN A 16 2.04 14.31 1.28
CA ASN A 16 2.22 13.08 2.03
C ASN A 16 1.50 11.92 1.37
N THR A 17 2.27 10.96 0.85
CA THR A 17 1.71 9.80 0.18
C THR A 17 1.67 8.59 1.11
N GLY A 18 2.64 8.53 2.03
CA GLY A 18 2.71 7.42 2.96
C GLY A 18 3.68 6.35 2.53
N LEU A 19 3.28 5.09 2.70
CA LEU A 19 4.12 3.96 2.32
C LEU A 19 3.52 3.20 1.14
N LEU A 20 4.36 2.51 0.39
CA LEU A 20 3.91 1.73 -0.75
C LEU A 20 3.81 0.25 -0.40
N TYR A 21 2.90 -0.45 -1.08
CA TYR A 21 2.70 -1.88 -0.84
C TYR A 21 2.58 -2.64 -2.16
N ARG A 22 2.86 -3.94 -2.11
CA ARG A 22 2.78 -4.78 -3.29
C ARG A 22 2.58 -6.25 -2.92
N ILE A 23 2.02 -7.02 -3.84
CA ILE A 23 1.77 -8.43 -3.59
C ILE A 23 3.00 -9.28 -3.93
N LYS A 24 3.10 -10.44 -3.32
CA LYS A 24 4.22 -11.34 -3.56
C LYS A 24 3.82 -12.49 -4.48
N ASP A 25 4.53 -12.62 -5.60
CA ASP A 25 4.25 -13.68 -6.56
C ASP A 25 2.81 -13.57 -7.08
N SER A 26 2.41 -14.54 -7.89
CA SER A 26 1.06 -14.55 -8.46
C SER A 26 0.60 -15.98 -8.72
N GLN A 27 0.83 -16.87 -7.75
CA GLN A 27 0.44 -18.27 -7.88
C GLN A 27 0.04 -18.84 -6.53
N ASN A 28 0.96 -18.81 -5.58
CA ASN A 28 0.70 -19.33 -4.24
C ASN A 28 -0.29 -18.45 -3.49
N ALA A 29 -1.49 -18.98 -3.27
CA ALA A 29 -2.52 -18.23 -2.56
C ALA A 29 -3.66 -19.16 -2.12
N GLY A 30 -3.37 -20.01 -1.14
CA GLY A 30 -4.38 -20.94 -0.66
C GLY A 30 -4.22 -21.25 0.82
N LYS A 31 -3.58 -20.34 1.55
CA LYS A 31 -3.35 -20.52 2.98
C LYS A 31 -3.80 -19.29 3.76
N MET A 32 -4.85 -18.62 3.27
CA MET A 32 -5.37 -17.43 3.91
C MET A 32 -6.11 -17.81 5.20
N LYS A 33 -6.29 -16.82 6.08
CA LYS A 33 -6.98 -17.04 7.34
C LYS A 33 -8.37 -16.43 7.31
N GLY A 34 -9.03 -16.39 8.47
CA GLY A 34 -10.36 -15.84 8.56
C GLY A 34 -10.43 -14.41 8.05
N SER A 35 -11.62 -13.83 8.07
CA SER A 35 -11.82 -12.46 7.59
C SER A 35 -11.34 -12.32 6.14
N ASP A 36 -11.56 -13.36 5.35
CA ASP A 36 -11.16 -13.35 3.94
C ASP A 36 -11.95 -12.30 3.17
N ASN A 37 -13.16 -12.01 3.63
CA ASN A 37 -14.02 -11.03 2.97
C ASN A 37 -13.43 -9.63 3.09
N GLN A 38 -12.78 -9.35 4.21
CA GLN A 38 -12.18 -8.05 4.44
C GLN A 38 -10.72 -8.04 3.97
N GLU A 39 -10.08 -9.19 4.04
CA GLU A 39 -8.68 -9.32 3.62
C GLU A 39 -8.57 -9.30 2.11
N LYS A 40 -9.45 -10.04 1.44
CA LYS A 40 -9.44 -10.11 -0.02
C LYS A 40 -9.64 -8.73 -0.63
N LEU A 41 -10.50 -7.93 -0.01
CA LEU A 41 -10.78 -6.58 -0.49
C LEU A 41 -9.50 -5.74 -0.54
N VAL A 42 -8.53 -6.10 0.30
CA VAL A 42 -7.26 -5.38 0.34
C VAL A 42 -6.24 -6.00 -0.61
N TYR A 43 -6.09 -7.32 -0.51
CA TYR A 43 -5.14 -8.03 -1.36
C TYR A 43 -5.48 -7.85 -2.84
N GLN A 44 -6.76 -7.60 -3.12
CA GLN A 44 -7.22 -7.39 -4.49
C GLN A 44 -6.71 -6.06 -5.03
N ILE A 45 -6.80 -5.02 -4.22
CA ILE A 45 -6.34 -3.69 -4.62
C ILE A 45 -4.83 -3.65 -4.78
N ILE A 46 -4.13 -4.39 -3.92
CA ILE A 46 -2.68 -4.44 -3.96
C ILE A 46 -2.19 -5.30 -5.12
N GLU A 47 -2.95 -6.34 -5.45
CA GLU A 47 -2.60 -7.24 -6.53
C GLU A 47 -2.69 -6.53 -7.88
N ASP A 48 -3.74 -5.73 -8.06
CA ASP A 48 -3.94 -4.99 -9.30
C ASP A 48 -2.76 -4.07 -9.58
N ALA A 49 -2.15 -3.55 -8.52
CA ALA A 49 -1.01 -2.67 -8.66
C ALA A 49 0.16 -3.37 -9.36
N GLY A 50 0.31 -4.66 -9.08
CA GLY A 50 1.38 -5.43 -9.68
C GLY A 50 2.76 -4.95 -9.25
N ASN A 51 3.41 -4.19 -10.12
CA ASN A 51 4.75 -3.68 -9.84
C ASN A 51 4.67 -2.23 -9.35
N LYS A 52 3.66 -1.50 -9.82
CA LYS A 52 3.47 -0.11 -9.43
C LYS A 52 3.20 0.00 -7.93
N GLY A 53 2.49 -0.98 -7.38
CA GLY A 53 2.20 -0.97 -5.96
C GLY A 53 1.13 0.05 -5.61
N ILE A 54 0.51 -0.13 -4.45
CA ILE A 54 -0.54 0.78 -3.99
C ILE A 54 -0.21 1.35 -2.61
N TRP A 55 -0.38 2.65 -2.46
CA TRP A 55 -0.10 3.32 -1.20
C TRP A 55 -1.20 3.01 -0.17
N SER A 56 -0.81 2.97 1.11
CA SER A 56 -1.75 2.68 2.17
C SER A 56 -2.94 3.63 2.11
N ARG A 57 -2.70 4.86 1.67
CA ARG A 57 -3.75 5.86 1.56
C ARG A 57 -4.69 5.55 0.41
N ASP A 58 -4.16 4.89 -0.61
CA ASP A 58 -4.96 4.52 -1.78
C ASP A 58 -5.80 3.28 -1.50
N VAL A 59 -5.14 2.19 -1.13
CA VAL A 59 -5.83 0.94 -0.82
C VAL A 59 -6.88 1.14 0.25
N ARG A 60 -6.68 2.16 1.09
CA ARG A 60 -7.62 2.46 2.17
C ARG A 60 -8.88 3.13 1.62
N TYR A 61 -8.69 4.05 0.69
CA TYR A 61 -9.82 4.77 0.09
C TYR A 61 -10.70 3.82 -0.70
N LYS A 62 -10.09 3.05 -1.58
CA LYS A 62 -10.83 2.09 -2.41
C LYS A 62 -11.49 1.02 -1.54
N SER A 63 -10.85 0.69 -0.43
CA SER A 63 -11.38 -0.32 0.49
C SER A 63 -12.47 0.27 1.37
N ASN A 64 -12.45 1.59 1.53
CA ASN A 64 -13.44 2.27 2.34
C ASN A 64 -13.35 1.83 3.81
N LEU A 65 -12.16 1.41 4.21
CA LEU A 65 -11.94 0.95 5.58
C LEU A 65 -11.05 1.94 6.34
N PRO A 66 -11.34 2.12 7.64
CA PRO A 66 -10.59 3.04 8.51
C PRO A 66 -9.18 2.53 8.78
N LEU A 67 -8.28 3.45 9.10
CA LEU A 67 -6.89 3.10 9.39
C LEU A 67 -6.82 2.01 10.46
N THR A 68 -7.73 2.07 11.42
CA THR A 68 -7.78 1.08 12.50
C THR A 68 -7.89 -0.33 11.94
N GLU A 69 -8.55 -0.45 10.79
CA GLU A 69 -8.73 -1.76 10.16
C GLU A 69 -7.55 -2.09 9.25
N ILE A 70 -7.31 -1.23 8.27
CA ILE A 70 -6.22 -1.43 7.33
C ILE A 70 -4.90 -1.67 8.06
N ASN A 71 -4.76 -1.05 9.23
CA ASN A 71 -3.55 -1.20 10.03
C ASN A 71 -3.31 -2.67 10.39
N LYS A 72 -4.41 -3.39 10.63
CA LYS A 72 -4.32 -4.81 10.98
C LYS A 72 -4.25 -5.67 9.73
N ILE A 73 -4.99 -5.30 8.70
CA ILE A 73 -5.00 -6.04 7.45
C ILE A 73 -3.63 -6.02 6.77
N LEU A 74 -3.14 -4.81 6.49
CA LEU A 74 -1.84 -4.65 5.86
C LEU A 74 -0.76 -5.43 6.61
N LYS A 75 -0.91 -5.50 7.93
CA LYS A 75 0.04 -6.22 8.77
C LYS A 75 -0.22 -7.72 8.73
N ASN A 76 -1.48 -8.09 8.54
CA ASN A 76 -1.86 -9.50 8.48
C ASN A 76 -1.20 -10.19 7.31
N LEU A 77 -1.48 -9.71 6.10
CA LEU A 77 -0.90 -10.29 4.88
C LEU A 77 0.61 -10.39 5.00
N GLU A 78 1.21 -9.39 5.63
CA GLU A 78 2.66 -9.36 5.80
C GLU A 78 3.15 -10.61 6.53
N SER A 79 2.61 -10.84 7.72
CA SER A 79 2.98 -12.00 8.52
C SER A 79 2.76 -13.29 7.76
N LYS A 80 1.70 -13.32 6.96
CA LYS A 80 1.37 -14.51 6.16
C LYS A 80 2.41 -14.73 5.07
N LYS A 81 3.24 -13.71 4.84
CA LYS A 81 4.29 -13.80 3.81
C LYS A 81 3.68 -13.94 2.42
N LEU A 82 2.52 -13.30 2.23
CA LEU A 82 1.83 -13.35 0.94
C LEU A 82 2.12 -12.10 0.12
N ILE A 83 2.43 -11.00 0.81
CA ILE A 83 2.74 -9.74 0.14
C ILE A 83 4.12 -9.24 0.51
N LYS A 84 4.54 -8.14 -0.11
CA LYS A 84 5.84 -7.55 0.16
C LYS A 84 5.75 -6.03 0.26
N ALA A 85 6.13 -5.49 1.42
CA ALA A 85 6.09 -4.05 1.64
C ALA A 85 7.28 -3.37 0.98
N VAL A 86 7.02 -2.19 0.41
CA VAL A 86 8.07 -1.42 -0.25
C VAL A 86 8.09 0.03 0.23
N LYS A 87 9.19 0.41 0.87
CA LYS A 87 9.34 1.77 1.38
C LYS A 87 9.81 2.72 0.28
N SER A 88 9.60 4.02 0.50
CA SER A 88 10.00 5.03 -0.47
C SER A 88 11.50 5.29 -0.40
N VAL A 89 12.12 5.51 -1.56
CA VAL A 89 13.56 5.78 -1.62
C VAL A 89 13.83 7.26 -1.84
N SER A 90 15.10 7.62 -1.87
CA SER A 90 15.50 9.01 -2.07
C SER A 90 15.00 9.88 -0.93
N GLY A 91 15.47 11.13 -0.90
CA GLY A 91 15.06 12.05 0.15
C GLY A 91 16.05 12.09 1.31
N PRO A 92 15.64 12.72 2.41
CA PRO A 92 16.48 12.84 3.61
C PRO A 92 16.65 11.51 4.32
N SER A 93 17.69 11.42 5.15
CA SER A 93 17.97 10.20 5.90
C SER A 93 17.89 10.45 7.40
N SER A 94 18.15 9.40 8.18
CA SER A 94 18.09 9.51 9.64
C SER A 94 19.50 9.66 10.22
N GLY A 95 20.39 10.25 9.44
CA GLY A 95 21.76 10.45 9.90
C GLY A 95 22.58 9.18 9.83
#